data_5IS0
#
_entry.id   5IS0
#
_cell.length_a   1
_cell.length_b   1
_cell.length_c   1
_cell.angle_alpha   90.00
_cell.angle_beta   90.00
_cell.angle_gamma   90.00
#
_symmetry.space_group_name_H-M   'P 1'
#
loop_
_entity.id
_entity.type
_entity.pdbx_description
1 polymer 'Transient receptor potential cation channel subfamily V member 1'
2 non-polymer capsazepine
#
_entity_poly.entity_id   1
_entity_poly.type   'polypeptide(L)'
_entity_poly.pdbx_seq_one_letter_code
;AMGSRLYDRRSIFDAVAQSNCQELESLLPFLQRSKKRLTDSEFKDPETGKTCLLKAMLNLHNGQNDTIALLLDVARKTDS
LKQFVNASYTDSYYKGQTALHIAIERRNMTLVTLLVENGADVQAAANGDFFKKTKGRPGFYFGELPLSLAACTNQLAIVK
FLLQNSWQPADISARDSVGNTVLHALVEVADNTVDNTKFVTSMYNEILILGAKLHPTLKLEEITNRKGLTPLALAASSGK
IGVLAYILQREIHEPECRHLSRKFTEWAYGPVHSSLYDLSCIDTCEKNSVLEVIAYSSSETPNRHDMLLVEPLNRLLQDK
WDRFVKRIFYFNFFVYCLYMIIFTAAAYYRPVEGLPPYKLKNTVGDYFRVTGEILSVSGGVYFFFRGIQYFLQRRPSLKS
LFVDSYSEILFFVQSLFMLVSVVLYFSQRKEYVASMVFSLAMGWTNMLYYTRGFQQMGIYAVMIEKMILRDLCRFMFVYL
VFLFGFSTAVVTLIEDGKYNSLYSTCLELFKFTIGMGDLEFTENYDFKAVFIILLLAYVILTYILLLNMLIALMGETVNK
IAQESKNIWKLQRAITILDTEKSFLKCMRKAFRSGKLLQVGFTPDGKDDYRWCFRVDEVNWTTWNTNVGIINEDPG
;
_entity_poly.pdbx_strand_id   C,B,D,E
#
# COMPACT_ATOMS: atom_id res chain seq x y z
N THR A 230 -17.54 -31.49 -32.51
CA THR A 230 -18.93 -31.44 -32.09
C THR A 230 -19.29 -30.03 -31.70
N PRO A 231 -20.58 -29.69 -31.80
CA PRO A 231 -21.02 -28.39 -31.27
C PRO A 231 -20.87 -28.27 -29.77
N LEU A 232 -20.83 -29.38 -29.04
CA LEU A 232 -20.42 -29.34 -27.65
C LEU A 232 -18.99 -28.86 -27.52
N ALA A 233 -18.08 -29.51 -28.23
CA ALA A 233 -16.68 -29.12 -28.15
C ALA A 233 -16.45 -27.73 -28.74
N LEU A 234 -17.22 -27.38 -29.76
CA LEU A 234 -17.05 -26.06 -30.34
C LEU A 234 -17.57 -24.98 -29.41
N ALA A 235 -18.57 -25.30 -28.59
CA ALA A 235 -18.99 -24.35 -27.56
C ALA A 235 -17.93 -24.20 -26.50
N ALA A 236 -17.18 -25.27 -26.24
CA ALA A 236 -16.08 -25.18 -25.28
C ALA A 236 -14.88 -24.48 -25.88
N SER A 237 -14.45 -24.92 -27.07
CA SER A 237 -13.25 -24.40 -27.71
C SER A 237 -13.38 -22.94 -28.12
N SER A 238 -14.59 -22.44 -28.25
CA SER A 238 -14.80 -21.02 -28.40
C SER A 238 -14.87 -20.31 -27.06
N GLY A 239 -15.35 -20.98 -26.03
CA GLY A 239 -15.56 -20.33 -24.76
C GLY A 239 -16.94 -19.76 -24.57
N LYS A 240 -17.93 -20.25 -25.31
CA LYS A 240 -19.31 -19.84 -25.07
C LYS A 240 -19.82 -20.51 -23.82
N ILE A 241 -20.15 -19.72 -22.80
CA ILE A 241 -20.21 -20.24 -21.44
C ILE A 241 -21.58 -20.76 -21.04
N GLY A 242 -22.66 -20.15 -21.52
CA GLY A 242 -23.98 -20.55 -21.07
C GLY A 242 -24.49 -21.69 -21.91
N VAL A 243 -24.00 -21.73 -23.16
CA VAL A 243 -24.34 -22.80 -24.08
C VAL A 243 -23.88 -24.13 -23.51
N LEU A 244 -22.67 -24.15 -22.97
CA LEU A 244 -22.14 -25.33 -22.34
C LEU A 244 -22.91 -25.68 -21.07
N ALA A 245 -23.42 -24.67 -20.36
CA ALA A 245 -24.28 -24.95 -19.21
C ALA A 245 -25.61 -25.53 -19.65
N TYR A 246 -26.09 -25.15 -20.83
CA TYR A 246 -27.33 -25.71 -21.37
C TYR A 246 -27.13 -27.17 -21.77
N ILE A 247 -26.01 -27.49 -22.40
CA ILE A 247 -25.82 -28.82 -22.96
C ILE A 247 -25.60 -29.84 -21.86
N LEU A 248 -24.77 -29.49 -20.89
CA LEU A 248 -24.40 -30.45 -19.87
C LEU A 248 -25.47 -30.65 -18.81
N GLN A 249 -26.60 -29.96 -18.91
CA GLN A 249 -27.61 -30.04 -17.87
C GLN A 249 -29.02 -30.12 -18.43
N ARG A 250 -29.21 -30.61 -19.66
CA ARG A 250 -30.55 -30.60 -20.24
C ARG A 250 -31.38 -31.73 -19.65
N GLU A 251 -32.69 -31.52 -19.61
CA GLU A 251 -33.58 -32.42 -18.89
C GLU A 251 -34.79 -32.72 -19.75
N ILE A 252 -35.18 -33.99 -19.80
CA ILE A 252 -36.35 -34.41 -20.56
C ILE A 252 -36.97 -35.65 -19.95
N HIS A 253 -38.22 -35.53 -19.49
CA HIS A 253 -39.01 -36.68 -19.04
C HIS A 253 -40.12 -36.88 -20.06
N GLU A 254 -39.81 -37.62 -21.14
CA GLU A 254 -40.69 -37.75 -22.27
C GLU A 254 -40.28 -39.00 -23.03
N PRO A 255 -41.21 -39.74 -23.63
CA PRO A 255 -40.82 -40.88 -24.47
C PRO A 255 -40.08 -40.41 -25.71
N GLU A 256 -39.10 -41.23 -26.12
CA GLU A 256 -38.18 -40.98 -27.25
C GLU A 256 -37.33 -39.72 -27.05
N CYS A 257 -37.29 -39.19 -25.83
CA CYS A 257 -36.60 -37.94 -25.55
C CYS A 257 -35.82 -37.97 -24.24
N ARG A 258 -36.07 -38.93 -23.35
CA ARG A 258 -35.18 -39.14 -22.22
C ARG A 258 -33.83 -39.67 -22.66
N HIS A 259 -33.77 -40.31 -23.83
CA HIS A 259 -32.48 -40.61 -24.45
C HIS A 259 -31.84 -39.37 -25.05
N LEU A 260 -32.59 -38.28 -25.22
CA LEU A 260 -32.00 -37.02 -25.64
C LEU A 260 -31.57 -36.15 -24.46
N SER A 261 -32.02 -36.46 -23.25
CA SER A 261 -31.67 -35.66 -22.09
C SER A 261 -30.26 -35.99 -21.59
N ARG A 262 -29.68 -35.02 -20.87
CA ARG A 262 -28.38 -35.17 -20.24
C ARG A 262 -28.48 -35.39 -18.74
N LYS A 263 -29.03 -34.43 -18.02
CA LYS A 263 -29.11 -34.49 -16.56
C LYS A 263 -30.26 -35.39 -16.15
N PHE A 264 -29.94 -36.51 -15.53
CA PHE A 264 -30.93 -37.51 -15.15
C PHE A 264 -31.10 -37.41 -13.63
N THR A 265 -32.18 -36.77 -13.19
CA THR A 265 -32.41 -36.57 -11.76
C THR A 265 -33.09 -37.82 -11.21
N GLU A 266 -32.34 -38.92 -11.17
CA GLU A 266 -32.91 -40.23 -10.89
C GLU A 266 -33.30 -40.42 -9.43
N TRP A 267 -32.71 -39.66 -8.51
CA TRP A 267 -33.11 -39.72 -7.11
C TRP A 267 -33.49 -38.31 -6.68
N ALA A 268 -34.71 -37.92 -7.00
CA ALA A 268 -35.28 -36.66 -6.52
C ALA A 268 -35.98 -36.85 -5.18
N TYR A 269 -35.25 -37.31 -4.18
CA TYR A 269 -35.78 -37.63 -2.86
C TYR A 269 -35.97 -36.36 -2.04
N GLY A 270 -36.05 -36.49 -0.71
CA GLY A 270 -35.95 -35.37 0.19
C GLY A 270 -34.69 -34.56 -0.06
N PRO A 271 -34.65 -33.31 0.46
CA PRO A 271 -34.03 -32.15 -0.24
C PRO A 271 -32.78 -32.35 -1.07
N VAL A 272 -31.93 -33.32 -0.73
CA VAL A 272 -30.76 -33.68 -1.54
C VAL A 272 -31.25 -34.26 -2.85
N HIS A 273 -30.88 -33.62 -3.96
CA HIS A 273 -31.33 -34.02 -5.30
C HIS A 273 -30.17 -34.72 -6.02
N SER A 274 -30.05 -36.03 -5.81
CA SER A 274 -29.05 -36.79 -6.53
C SER A 274 -29.39 -36.86 -8.02
N SER A 275 -28.34 -36.75 -8.84
CA SER A 275 -28.52 -36.62 -10.28
C SER A 275 -27.40 -37.37 -10.97
N LEU A 276 -27.67 -37.78 -12.21
CA LEU A 276 -26.67 -38.53 -12.98
C LEU A 276 -26.49 -37.87 -14.35
N TYR A 277 -25.26 -37.92 -14.86
CA TYR A 277 -24.81 -37.11 -15.99
C TYR A 277 -24.19 -38.00 -17.06
N ASP A 278 -24.61 -37.80 -18.32
CA ASP A 278 -24.41 -38.79 -19.37
C ASP A 278 -22.93 -38.96 -19.76
N LEU A 279 -22.13 -37.90 -19.59
CA LEU A 279 -20.67 -37.98 -19.53
C LEU A 279 -20.04 -38.51 -20.83
N SER A 280 -20.20 -37.73 -21.90
CA SER A 280 -19.29 -37.84 -23.02
C SER A 280 -18.18 -36.80 -22.94
N CYS A 281 -18.00 -36.21 -21.75
CA CYS A 281 -17.13 -35.06 -21.61
C CYS A 281 -15.73 -35.44 -21.18
N ILE A 282 -15.59 -36.46 -20.31
CA ILE A 282 -14.27 -36.89 -19.87
C ILE A 282 -13.54 -37.59 -21.01
N ASP A 283 -12.21 -37.53 -20.95
CA ASP A 283 -11.36 -37.96 -22.05
C ASP A 283 -11.32 -39.48 -22.22
N THR A 284 -11.73 -40.24 -21.21
CA THR A 284 -11.82 -41.68 -21.38
C THR A 284 -12.98 -42.06 -22.28
N CYS A 285 -13.97 -41.17 -22.40
CA CYS A 285 -15.11 -41.44 -23.27
C CYS A 285 -14.76 -41.15 -24.72
N GLU A 286 -14.44 -39.90 -25.04
CA GLU A 286 -14.29 -39.50 -26.43
C GLU A 286 -12.82 -39.23 -26.77
N LYS A 287 -12.53 -39.27 -28.05
CA LYS A 287 -11.30 -38.73 -28.59
C LYS A 287 -11.53 -37.27 -28.95
N ASN A 288 -10.53 -36.43 -28.66
CA ASN A 288 -10.64 -34.97 -28.65
C ASN A 288 -11.82 -34.53 -27.79
N SER A 289 -11.78 -34.96 -26.53
CA SER A 289 -12.87 -34.77 -25.60
C SER A 289 -12.76 -33.44 -24.88
N VAL A 290 -13.73 -33.19 -23.99
CA VAL A 290 -14.11 -31.83 -23.64
C VAL A 290 -13.10 -31.19 -22.70
N LEU A 291 -12.64 -31.92 -21.70
CA LEU A 291 -11.76 -31.31 -20.71
C LEU A 291 -10.41 -31.00 -21.30
N GLU A 292 -9.93 -31.85 -22.20
CA GLU A 292 -8.72 -31.55 -22.94
C GLU A 292 -8.89 -30.35 -23.84
N VAL A 293 -10.12 -30.11 -24.30
CA VAL A 293 -10.38 -28.91 -25.09
C VAL A 293 -10.32 -27.67 -24.21
N ILE A 294 -10.97 -27.72 -23.04
CA ILE A 294 -11.03 -26.56 -22.17
C ILE A 294 -9.65 -26.26 -21.57
N ALA A 295 -8.89 -27.31 -21.27
CA ALA A 295 -7.61 -27.11 -20.62
C ALA A 295 -6.56 -26.59 -21.59
N TYR A 296 -6.56 -27.06 -22.83
CA TYR A 296 -5.41 -26.83 -23.70
C TYR A 296 -5.65 -25.65 -24.61
N SER A 297 -6.51 -24.72 -24.20
CA SER A 297 -6.92 -23.63 -25.07
C SER A 297 -5.81 -22.59 -25.18
N SER A 298 -5.99 -21.68 -26.13
CA SER A 298 -4.97 -20.69 -26.45
C SER A 298 -5.00 -19.47 -25.53
N SER A 299 -5.92 -19.45 -24.55
CA SER A 299 -6.11 -18.37 -23.57
C SER A 299 -6.48 -17.04 -24.20
N GLU A 300 -6.90 -17.06 -25.46
CA GLU A 300 -7.58 -15.94 -26.10
C GLU A 300 -9.07 -16.20 -26.15
N THR A 301 -9.54 -17.22 -25.45
CA THR A 301 -10.95 -17.54 -25.42
C THR A 301 -11.67 -16.61 -24.47
N PRO A 302 -13.01 -16.64 -24.47
CA PRO A 302 -13.79 -15.69 -23.68
C PRO A 302 -13.61 -15.84 -22.18
N ASN A 303 -13.96 -17.00 -21.66
CA ASN A 303 -13.69 -17.27 -20.25
C ASN A 303 -13.33 -18.75 -20.15
N ARG A 304 -12.05 -19.06 -20.32
CA ARG A 304 -11.61 -20.43 -20.12
C ARG A 304 -11.56 -20.75 -18.65
N HIS A 305 -11.43 -19.73 -17.82
CA HIS A 305 -11.31 -19.92 -16.39
C HIS A 305 -12.65 -20.01 -15.71
N ASP A 306 -13.73 -20.05 -16.48
CA ASP A 306 -15.07 -20.14 -15.95
C ASP A 306 -15.82 -21.37 -16.46
N MET A 307 -15.36 -21.95 -17.56
CA MET A 307 -16.02 -23.15 -18.07
C MET A 307 -15.70 -24.39 -17.25
N LEU A 308 -14.76 -24.32 -16.33
CA LEU A 308 -14.57 -25.42 -15.40
C LEU A 308 -15.48 -25.31 -14.20
N LEU A 309 -16.22 -24.22 -14.07
CA LEU A 309 -17.10 -24.04 -12.93
C LEU A 309 -18.46 -24.69 -13.14
N VAL A 310 -18.68 -25.30 -14.30
CA VAL A 310 -19.99 -25.86 -14.59
C VAL A 310 -20.16 -27.19 -13.89
N GLU A 311 -21.27 -27.31 -13.16
CA GLU A 311 -21.62 -28.31 -12.15
C GLU A 311 -21.24 -29.77 -12.42
N PRO A 312 -21.35 -30.32 -13.64
CA PRO A 312 -20.84 -31.70 -13.80
C PRO A 312 -19.33 -31.79 -13.74
N LEU A 313 -18.64 -30.86 -14.38
CA LEU A 313 -17.18 -30.91 -14.38
C LEU A 313 -16.61 -30.54 -13.03
N ASN A 314 -17.21 -29.53 -12.40
CA ASN A 314 -16.57 -28.83 -11.29
C ASN A 314 -16.50 -29.69 -10.04
N ARG A 315 -17.24 -30.79 -9.99
CA ARG A 315 -17.02 -31.80 -8.99
C ARG A 315 -16.40 -33.06 -9.54
N LEU A 316 -16.35 -33.22 -10.86
CA LEU A 316 -15.73 -34.41 -11.42
C LEU A 316 -14.22 -34.36 -11.23
N LEU A 317 -13.63 -33.19 -11.43
CA LEU A 317 -12.21 -33.03 -11.13
C LEU A 317 -11.97 -33.11 -9.64
N GLN A 318 -12.86 -32.51 -8.86
CA GLN A 318 -12.79 -32.58 -7.41
C GLN A 318 -12.90 -33.99 -6.92
N ASP A 319 -13.69 -34.82 -7.60
CA ASP A 319 -13.66 -36.24 -7.29
C ASP A 319 -12.33 -36.86 -7.68
N LYS A 320 -11.89 -36.63 -8.92
CA LYS A 320 -10.67 -37.26 -9.42
C LYS A 320 -9.45 -36.85 -8.63
N TRP A 321 -9.44 -35.64 -8.09
CA TRP A 321 -8.32 -35.22 -7.29
C TRP A 321 -8.33 -35.96 -5.97
N ASP A 322 -9.37 -35.76 -5.17
CA ASP A 322 -9.49 -36.31 -3.83
C ASP A 322 -9.59 -37.83 -3.80
N ARG A 323 -9.86 -38.48 -4.93
CA ARG A 323 -9.83 -39.93 -5.01
C ARG A 323 -8.53 -40.46 -5.58
N PHE A 324 -8.05 -39.88 -6.67
CA PHE A 324 -7.02 -40.54 -7.44
C PHE A 324 -5.70 -39.78 -7.49
N VAL A 325 -5.70 -38.53 -7.96
CA VAL A 325 -4.44 -37.93 -8.40
C VAL A 325 -3.76 -37.15 -7.29
N LYS A 326 -4.47 -36.80 -6.22
CA LYS A 326 -3.85 -36.20 -5.05
C LYS A 326 -2.83 -37.12 -4.41
N ARG A 327 -3.02 -38.43 -4.54
CA ARG A 327 -2.00 -39.36 -4.06
C ARG A 327 -0.74 -39.29 -4.93
N ILE A 328 -0.90 -39.34 -6.25
CA ILE A 328 0.29 -39.39 -7.09
C ILE A 328 0.92 -38.01 -7.22
N PHE A 329 0.17 -36.95 -6.99
CA PHE A 329 0.77 -35.62 -7.07
C PHE A 329 1.69 -35.35 -5.89
N TYR A 330 1.28 -35.77 -4.69
CA TYR A 330 2.17 -35.69 -3.55
C TYR A 330 3.39 -36.57 -3.72
N PHE A 331 3.29 -37.61 -4.52
CA PHE A 331 4.43 -38.49 -4.73
C PHE A 331 5.52 -37.79 -5.52
N ASN A 332 5.15 -37.14 -6.63
CA ASN A 332 6.15 -36.50 -7.46
C ASN A 332 6.82 -35.35 -6.74
N PHE A 333 6.04 -34.59 -5.98
CA PHE A 333 6.62 -33.54 -5.16
C PHE A 333 7.48 -34.11 -4.04
N PHE A 334 7.21 -35.33 -3.60
CA PHE A 334 8.16 -35.95 -2.71
C PHE A 334 9.41 -36.40 -3.48
N VAL A 335 9.26 -36.82 -4.72
CA VAL A 335 10.43 -37.19 -5.49
C VAL A 335 11.25 -35.97 -5.83
N TYR A 336 10.59 -34.92 -6.28
CA TYR A 336 11.30 -33.74 -6.77
C TYR A 336 12.01 -33.02 -5.65
N CYS A 337 11.46 -33.07 -4.45
CA CYS A 337 12.18 -32.54 -3.31
C CYS A 337 13.42 -33.37 -3.01
N LEU A 338 13.36 -34.68 -3.22
CA LEU A 338 14.57 -35.47 -3.09
C LEU A 338 15.46 -35.37 -4.31
N TYR A 339 14.92 -34.96 -5.44
CA TYR A 339 15.80 -34.73 -6.56
C TYR A 339 16.67 -33.52 -6.35
N MET A 340 16.12 -32.47 -5.77
CA MET A 340 16.91 -31.27 -5.63
C MET A 340 17.92 -31.38 -4.53
N ILE A 341 17.60 -32.11 -3.45
CA ILE A 341 18.53 -32.27 -2.35
C ILE A 341 19.75 -33.05 -2.79
N ILE A 342 19.56 -34.04 -3.64
CA ILE A 342 20.71 -34.74 -4.19
C ILE A 342 21.48 -33.84 -5.12
N PHE A 343 20.78 -33.10 -5.97
CA PHE A 343 21.46 -32.20 -6.90
C PHE A 343 22.10 -31.03 -6.19
N THR A 344 21.56 -30.67 -5.03
CA THR A 344 22.24 -29.70 -4.18
C THR A 344 23.55 -30.23 -3.66
N ALA A 345 23.50 -31.38 -3.00
CA ALA A 345 24.69 -31.89 -2.33
C ALA A 345 25.73 -32.37 -3.32
N ALA A 346 25.31 -32.80 -4.49
CA ALA A 346 26.27 -33.12 -5.53
C ALA A 346 27.00 -31.90 -6.03
N ALA A 347 26.35 -30.75 -5.99
CA ALA A 347 27.05 -29.55 -6.38
C ALA A 347 27.81 -28.93 -5.25
N TYR A 348 27.30 -29.05 -4.02
CA TYR A 348 27.94 -28.44 -2.88
C TYR A 348 29.29 -29.07 -2.60
N TYR A 349 29.46 -30.33 -2.92
CA TYR A 349 30.72 -31.03 -2.72
C TYR A 349 31.41 -31.31 -4.03
N ARG A 350 31.38 -30.37 -4.95
CA ARG A 350 32.15 -30.54 -6.16
C ARG A 350 33.64 -30.37 -5.82
N PRO A 351 34.53 -30.98 -6.58
CA PRO A 351 35.95 -30.83 -6.30
C PRO A 351 36.49 -29.51 -6.80
N VAL A 352 37.49 -29.01 -6.07
CA VAL A 352 38.03 -27.70 -6.34
C VAL A 352 39.19 -27.73 -7.33
N GLU A 353 39.83 -28.88 -7.52
CA GLU A 353 41.01 -28.98 -8.36
C GLU A 353 40.63 -28.76 -9.82
N GLY A 354 41.59 -28.29 -10.60
CA GLY A 354 41.33 -27.87 -11.96
C GLY A 354 41.09 -29.04 -12.89
N LEU A 355 40.83 -28.68 -14.16
CA LEU A 355 40.70 -29.60 -15.29
C LEU A 355 39.66 -30.69 -15.11
N PRO A 356 38.38 -30.40 -15.32
CA PRO A 356 37.36 -31.46 -15.40
C PRO A 356 37.64 -32.40 -16.56
N PRO A 357 37.10 -33.62 -16.55
CA PRO A 357 36.40 -34.35 -15.49
C PRO A 357 37.39 -34.85 -14.47
N TYR A 358 36.91 -35.63 -13.50
CA TYR A 358 37.74 -35.96 -12.36
C TYR A 358 37.69 -37.44 -12.09
N LYS A 359 38.85 -38.02 -11.81
CA LYS A 359 38.91 -39.42 -11.43
C LYS A 359 38.33 -39.59 -10.03
N LEU A 360 37.39 -40.50 -9.90
CA LEU A 360 36.77 -40.74 -8.60
C LEU A 360 37.76 -41.44 -7.68
N LYS A 361 37.94 -40.89 -6.49
CA LYS A 361 38.85 -41.50 -5.52
C LYS A 361 38.24 -42.77 -4.97
N ASN A 362 39.10 -43.66 -4.49
CA ASN A 362 38.67 -44.94 -3.95
C ASN A 362 38.06 -44.82 -2.56
N THR A 363 38.09 -43.64 -1.96
CA THR A 363 37.44 -43.44 -0.67
C THR A 363 35.94 -43.55 -0.85
N VAL A 364 35.26 -44.03 0.20
CA VAL A 364 33.83 -44.29 0.10
C VAL A 364 32.99 -43.03 0.11
N GLY A 365 33.59 -41.87 0.33
CA GLY A 365 32.82 -40.65 0.34
C GLY A 365 32.34 -40.25 -1.03
N ASP A 366 33.26 -40.12 -1.98
CA ASP A 366 32.88 -39.56 -3.27
C ASP A 366 32.16 -40.53 -4.18
N TYR A 367 31.95 -41.78 -3.77
CA TYR A 367 31.01 -42.60 -4.51
C TYR A 367 29.61 -42.05 -4.39
N PHE A 368 29.28 -41.52 -3.20
CA PHE A 368 28.03 -40.79 -3.03
C PHE A 368 27.98 -39.55 -3.92
N ARG A 369 29.13 -38.91 -4.12
CA ARG A 369 29.20 -37.79 -5.05
C ARG A 369 28.90 -38.24 -6.48
N VAL A 370 29.53 -39.34 -6.91
CA VAL A 370 29.38 -39.77 -8.29
C VAL A 370 27.98 -40.30 -8.54
N THR A 371 27.42 -41.02 -7.56
CA THR A 371 26.02 -41.40 -7.68
C THR A 371 25.13 -40.18 -7.62
N GLY A 372 25.48 -39.22 -6.76
CA GLY A 372 24.73 -37.98 -6.73
C GLY A 372 24.86 -37.19 -8.02
N GLU A 373 26.00 -37.29 -8.69
CA GLU A 373 26.16 -36.62 -9.96
C GLU A 373 25.29 -37.27 -11.03
N ILE A 374 25.28 -38.60 -11.08
CA ILE A 374 24.61 -39.27 -12.18
C ILE A 374 23.10 -39.32 -11.95
N LEU A 375 22.66 -39.33 -10.69
CA LEU A 375 21.23 -39.17 -10.42
C LEU A 375 20.73 -37.83 -10.88
N SER A 376 21.52 -36.78 -10.67
CA SER A 376 21.08 -35.44 -10.98
C SER A 376 21.06 -35.20 -12.47
N VAL A 377 21.93 -35.86 -13.22
CA VAL A 377 21.89 -35.74 -14.66
C VAL A 377 20.65 -36.45 -15.19
N SER A 378 20.24 -37.52 -14.52
CA SER A 378 19.08 -38.29 -14.96
C SER A 378 17.82 -37.46 -14.89
N GLY A 379 17.73 -36.58 -13.89
CA GLY A 379 16.64 -35.64 -13.87
C GLY A 379 16.72 -34.65 -15.00
N GLY A 380 17.93 -34.26 -15.39
CA GLY A 380 18.08 -33.40 -16.54
C GLY A 380 17.73 -34.11 -17.82
N VAL A 381 17.87 -35.42 -17.85
CA VAL A 381 17.43 -36.17 -19.01
C VAL A 381 15.91 -36.27 -19.02
N TYR A 382 15.33 -36.57 -17.87
CA TYR A 382 13.90 -36.80 -17.78
C TYR A 382 13.10 -35.55 -18.07
N PHE A 383 13.53 -34.42 -17.54
CA PHE A 383 12.84 -33.17 -17.82
C PHE A 383 13.12 -32.67 -19.22
N PHE A 384 14.12 -33.24 -19.89
CA PHE A 384 14.38 -32.84 -21.25
C PHE A 384 13.38 -33.45 -22.19
N PHE A 385 13.17 -34.77 -22.10
CA PHE A 385 12.20 -35.41 -22.97
C PHE A 385 10.78 -35.03 -22.61
N ARG A 386 10.50 -34.95 -21.32
CA ARG A 386 9.15 -34.60 -20.89
C ARG A 386 8.84 -33.16 -21.22
N GLY A 387 9.86 -32.32 -21.32
CA GLY A 387 9.65 -31.00 -21.88
C GLY A 387 9.41 -31.04 -23.37
N ILE A 388 10.06 -31.96 -24.07
CA ILE A 388 9.86 -32.07 -25.50
C ILE A 388 8.53 -32.72 -25.82
N GLN A 389 8.27 -33.89 -25.22
CA GLN A 389 7.04 -34.61 -25.55
C GLN A 389 5.81 -33.91 -25.03
N TYR A 390 5.96 -32.95 -24.13
CA TYR A 390 4.97 -31.89 -24.00
C TYR A 390 4.81 -31.16 -25.31
N PHE A 391 5.86 -30.47 -25.74
CA PHE A 391 5.76 -29.56 -26.86
C PHE A 391 5.56 -30.28 -28.19
N LEU A 392 6.03 -31.51 -28.30
CA LEU A 392 5.78 -32.29 -29.50
C LEU A 392 4.31 -32.65 -29.67
N GLN A 393 3.50 -32.54 -28.62
CA GLN A 393 2.06 -32.65 -28.75
C GLN A 393 1.42 -31.32 -29.16
N ARG A 394 1.50 -30.32 -28.32
CA ARG A 394 0.55 -29.23 -28.42
C ARG A 394 0.98 -28.15 -29.40
N ARG A 395 2.28 -27.86 -29.44
CA ARG A 395 2.91 -26.84 -30.27
C ARG A 395 2.24 -25.49 -30.01
N PRO A 396 2.54 -24.83 -28.90
CA PRO A 396 1.91 -23.53 -28.62
C PRO A 396 2.42 -22.36 -29.46
N SER A 397 3.36 -22.61 -30.39
CA SER A 397 3.70 -21.71 -31.50
C SER A 397 4.28 -20.38 -31.02
N LEU A 398 5.04 -20.43 -29.92
CA LEU A 398 5.95 -19.39 -29.45
C LEU A 398 5.28 -18.10 -28.98
N LYS A 399 3.96 -18.00 -29.10
CA LYS A 399 3.22 -16.88 -28.57
C LYS A 399 2.34 -17.28 -27.40
N SER A 400 1.71 -18.43 -27.49
CA SER A 400 1.02 -19.03 -26.35
C SER A 400 1.98 -19.72 -25.40
N LEU A 401 3.25 -19.87 -25.79
CA LEU A 401 4.26 -20.58 -25.02
C LEU A 401 4.52 -19.91 -23.68
N PHE A 402 5.05 -18.69 -23.71
CA PHE A 402 5.30 -17.98 -22.46
C PHE A 402 4.01 -17.43 -21.87
N VAL A 403 2.95 -17.36 -22.67
CA VAL A 403 1.72 -16.73 -22.22
C VAL A 403 1.00 -17.59 -21.19
N ASP A 404 0.75 -18.84 -21.53
CA ASP A 404 0.00 -19.73 -20.66
C ASP A 404 0.80 -20.90 -20.14
N SER A 405 1.72 -21.44 -20.94
CA SER A 405 2.51 -22.60 -20.57
C SER A 405 3.80 -22.22 -19.89
N TYR A 406 3.83 -21.04 -19.29
CA TYR A 406 4.89 -20.67 -18.37
C TYR A 406 4.87 -21.61 -17.18
N SER A 407 6.05 -21.78 -16.58
CA SER A 407 6.35 -22.82 -15.59
C SER A 407 6.10 -24.20 -16.13
N GLU A 408 6.36 -24.38 -17.42
CA GLU A 408 6.59 -25.67 -18.01
C GLU A 408 7.80 -25.47 -18.88
N ILE A 409 8.00 -24.21 -19.26
CA ILE A 409 9.25 -23.82 -19.89
C ILE A 409 10.38 -23.94 -18.91
N LEU A 410 10.13 -23.54 -17.66
CA LEU A 410 11.19 -23.44 -16.67
C LEU A 410 11.77 -24.79 -16.32
N PHE A 411 10.95 -25.84 -16.30
CA PHE A 411 11.51 -27.17 -16.15
C PHE A 411 12.31 -27.59 -17.36
N PHE A 412 11.96 -27.07 -18.53
CA PHE A 412 12.78 -27.42 -19.68
C PHE A 412 14.09 -26.65 -19.66
N VAL A 413 14.03 -25.39 -19.27
CA VAL A 413 15.22 -24.56 -19.23
C VAL A 413 16.16 -25.04 -18.15
N GLN A 414 15.63 -25.51 -17.03
CA GLN A 414 16.45 -26.12 -15.98
C GLN A 414 17.21 -27.31 -16.50
N SER A 415 16.51 -28.22 -17.16
CA SER A 415 17.17 -29.39 -17.72
C SER A 415 18.13 -29.02 -18.83
N LEU A 416 17.85 -27.92 -19.53
CA LEU A 416 18.70 -27.52 -20.62
C LEU A 416 20.05 -27.03 -20.08
N PHE A 417 20.03 -26.27 -18.99
CA PHE A 417 21.30 -25.89 -18.36
C PHE A 417 22.00 -27.08 -17.75
N MET A 418 21.25 -28.12 -17.38
CA MET A 418 21.90 -29.27 -16.80
C MET A 418 22.69 -30.04 -17.83
N LEU A 419 22.22 -30.08 -19.07
CA LEU A 419 22.91 -30.85 -20.08
C LEU A 419 24.13 -30.13 -20.61
N VAL A 420 24.04 -28.81 -20.76
CA VAL A 420 25.19 -28.01 -21.16
C VAL A 420 26.28 -28.12 -20.12
N SER A 421 25.90 -28.23 -18.85
CA SER A 421 26.84 -28.54 -17.79
C SER A 421 27.48 -29.91 -17.96
N VAL A 422 26.78 -30.88 -18.54
CA VAL A 422 27.38 -32.18 -18.77
C VAL A 422 28.35 -32.13 -19.93
N VAL A 423 27.98 -31.38 -20.96
CA VAL A 423 28.81 -31.20 -22.14
C VAL A 423 30.15 -30.60 -21.77
N LEU A 424 30.14 -29.52 -21.01
CA LEU A 424 31.40 -28.87 -20.69
C LEU A 424 32.18 -29.64 -19.64
N TYR A 425 31.51 -30.47 -18.86
CA TYR A 425 32.22 -31.29 -17.89
C TYR A 425 33.04 -32.37 -18.56
N PHE A 426 32.61 -32.83 -19.72
CA PHE A 426 33.45 -33.76 -20.45
C PHE A 426 34.22 -33.11 -21.58
N SER A 427 33.96 -31.86 -21.90
CA SER A 427 34.85 -31.15 -22.81
C SER A 427 35.90 -30.37 -22.05
N GLN A 428 36.11 -30.71 -20.78
CA GLN A 428 37.25 -30.37 -19.97
C GLN A 428 37.38 -28.90 -19.62
N ARG A 429 36.36 -28.09 -19.86
CA ARG A 429 36.45 -26.68 -19.57
C ARG A 429 35.70 -26.38 -18.27
N LYS A 430 36.29 -25.52 -17.44
CA LYS A 430 35.77 -25.29 -16.09
C LYS A 430 34.47 -24.50 -16.11
N GLU A 431 34.09 -23.91 -17.21
CA GLU A 431 32.87 -23.12 -17.29
C GLU A 431 31.61 -23.94 -17.21
N TYR A 432 31.66 -25.24 -16.93
CA TYR A 432 30.45 -26.01 -16.73
C TYR A 432 29.73 -25.56 -15.48
N VAL A 433 30.47 -25.05 -14.49
CA VAL A 433 29.86 -24.80 -13.20
C VAL A 433 29.01 -23.56 -13.27
N ALA A 434 29.20 -22.72 -14.29
CA ALA A 434 28.21 -21.70 -14.59
C ALA A 434 26.88 -22.34 -14.94
N SER A 435 26.90 -23.33 -15.81
CA SER A 435 25.67 -23.97 -16.24
C SER A 435 25.08 -24.82 -15.14
N MET A 436 25.91 -25.38 -14.27
CA MET A 436 25.38 -26.12 -13.14
C MET A 436 24.63 -25.21 -12.20
N VAL A 437 25.15 -24.00 -11.99
CA VAL A 437 24.59 -23.08 -11.01
C VAL A 437 23.23 -22.57 -11.47
N PHE A 438 23.13 -22.11 -12.72
CA PHE A 438 21.84 -21.67 -13.21
C PHE A 438 20.85 -22.82 -13.30
N SER A 439 21.35 -24.04 -13.49
CA SER A 439 20.45 -25.18 -13.41
C SER A 439 19.98 -25.44 -12.00
N LEU A 440 20.65 -24.91 -11.00
CA LEU A 440 20.30 -25.20 -9.63
C LEU A 440 19.42 -24.13 -9.03
N ALA A 441 19.70 -22.88 -9.33
CA ALA A 441 18.84 -21.81 -8.86
C ALA A 441 17.50 -21.87 -9.55
N MET A 442 17.50 -22.20 -10.83
CA MET A 442 16.25 -22.45 -11.55
C MET A 442 15.53 -23.64 -10.97
N GLY A 443 16.26 -24.62 -10.45
CA GLY A 443 15.63 -25.83 -10.00
C GLY A 443 14.88 -25.65 -8.69
N TRP A 444 15.49 -24.94 -7.75
CA TRP A 444 14.80 -24.70 -6.50
C TRP A 444 13.60 -23.79 -6.67
N THR A 445 13.68 -22.81 -7.54
CA THR A 445 12.52 -21.99 -7.77
C THR A 445 11.43 -22.69 -8.55
N ASN A 446 11.71 -23.83 -9.14
CA ASN A 446 10.65 -24.64 -9.71
C ASN A 446 9.99 -25.51 -8.70
N MET A 447 10.40 -25.45 -7.46
CA MET A 447 9.65 -26.11 -6.41
C MET A 447 8.44 -25.28 -6.00
N LEU A 448 8.27 -24.10 -6.58
CA LEU A 448 7.01 -23.40 -6.47
C LEU A 448 5.94 -23.99 -7.35
N TYR A 449 6.31 -24.84 -8.32
CA TYR A 449 5.33 -25.46 -9.18
C TYR A 449 4.35 -26.31 -8.40
N TYR A 450 4.82 -26.97 -7.37
CA TYR A 450 3.94 -27.84 -6.63
C TYR A 450 3.13 -27.13 -5.58
N THR A 451 3.09 -25.81 -5.59
CA THR A 451 2.17 -25.13 -4.72
C THR A 451 0.75 -25.22 -5.20
N ARG A 452 0.53 -25.51 -6.47
CA ARG A 452 -0.77 -26.00 -6.88
C ARG A 452 -1.01 -27.34 -6.23
N GLY A 453 -2.26 -27.62 -5.92
CA GLY A 453 -2.50 -28.69 -4.99
C GLY A 453 -2.46 -28.26 -3.55
N PHE A 454 -2.30 -26.96 -3.29
CA PHE A 454 -2.53 -26.39 -1.97
C PHE A 454 -3.14 -25.03 -2.24
N GLN A 455 -4.46 -24.93 -2.06
CA GLN A 455 -5.19 -23.78 -2.54
C GLN A 455 -4.87 -22.51 -1.76
N GLN A 456 -4.39 -22.65 -0.53
CA GLN A 456 -3.78 -21.52 0.16
C GLN A 456 -2.56 -21.04 -0.61
N MET A 457 -1.56 -21.89 -0.74
CA MET A 457 -0.30 -21.53 -1.36
C MET A 457 -0.45 -21.32 -2.86
N GLY A 458 -1.38 -22.03 -3.48
CA GLY A 458 -1.40 -22.09 -4.94
C GLY A 458 -1.88 -20.80 -5.57
N ILE A 459 -2.98 -20.24 -5.05
CA ILE A 459 -3.49 -18.98 -5.57
C ILE A 459 -2.48 -17.88 -5.32
N TYR A 460 -1.76 -17.98 -4.20
CA TYR A 460 -0.71 -17.05 -3.87
C TYR A 460 0.40 -17.09 -4.91
N ALA A 461 0.80 -18.29 -5.33
CA ALA A 461 1.90 -18.39 -6.28
C ALA A 461 1.49 -18.00 -7.68
N VAL A 462 0.19 -17.96 -7.97
CA VAL A 462 -0.25 -17.47 -9.27
C VAL A 462 -0.04 -15.98 -9.35
N MET A 463 -0.32 -15.27 -8.26
CA MET A 463 -0.10 -13.83 -8.21
C MET A 463 1.36 -13.48 -8.41
N ILE A 464 2.26 -14.34 -7.94
CA ILE A 464 3.67 -14.12 -8.15
C ILE A 464 4.02 -14.28 -9.62
N GLU A 465 3.32 -15.16 -10.32
CA GLU A 465 3.55 -15.24 -11.76
C GLU A 465 3.00 -14.03 -12.49
N LYS A 466 1.79 -13.61 -12.17
CA LYS A 466 1.17 -12.58 -12.97
C LYS A 466 1.69 -11.20 -12.65
N MET A 467 2.40 -11.04 -11.55
CA MET A 467 3.04 -9.76 -11.31
C MET A 467 4.38 -9.69 -12.02
N ILE A 468 5.02 -10.81 -12.23
CA ILE A 468 6.24 -10.79 -13.02
C ILE A 468 5.95 -10.50 -14.47
N LEU A 469 4.98 -11.20 -15.05
CA LEU A 469 4.70 -11.00 -16.46
C LEU A 469 4.00 -9.68 -16.76
N ARG A 470 3.59 -8.94 -15.75
CA ARG A 470 3.01 -7.62 -15.96
C ARG A 470 3.86 -6.50 -15.39
N ASP A 471 4.27 -6.59 -14.13
CA ASP A 471 5.02 -5.51 -13.49
C ASP A 471 6.51 -5.78 -13.47
N LEU A 472 7.04 -6.40 -14.51
CA LEU A 472 8.47 -6.39 -14.68
C LEU A 472 8.80 -5.99 -16.09
N CYS A 473 7.95 -6.32 -17.05
CA CYS A 473 8.20 -5.83 -18.40
C CYS A 473 7.94 -4.35 -18.50
N ARG A 474 7.09 -3.83 -17.64
CA ARG A 474 6.74 -2.42 -17.64
C ARG A 474 7.47 -1.63 -16.58
N PHE A 475 7.76 -2.23 -15.43
CA PHE A 475 8.53 -1.52 -14.42
C PHE A 475 9.99 -1.43 -14.81
N MET A 476 10.60 -2.56 -15.14
CA MET A 476 12.03 -2.57 -15.35
C MET A 476 12.44 -1.87 -16.62
N PHE A 477 11.54 -1.57 -17.53
CA PHE A 477 11.90 -0.65 -18.58
C PHE A 477 12.10 0.75 -18.04
N VAL A 478 11.19 1.21 -17.18
CA VAL A 478 11.26 2.56 -16.67
C VAL A 478 12.45 2.71 -15.75
N TYR A 479 12.72 1.70 -14.94
CA TYR A 479 13.85 1.77 -14.04
C TYR A 479 15.17 1.76 -14.78
N LEU A 480 15.28 0.94 -15.81
CA LEU A 480 16.54 0.90 -16.54
C LEU A 480 16.77 2.14 -17.37
N VAL A 481 15.74 2.92 -17.65
CA VAL A 481 15.99 4.21 -18.29
C VAL A 481 16.68 5.14 -17.31
N PHE A 482 16.12 5.30 -16.13
CA PHE A 482 16.71 6.17 -15.13
C PHE A 482 18.05 5.66 -14.65
N LEU A 483 18.19 4.34 -14.55
CA LEU A 483 19.48 3.79 -14.17
C LEU A 483 20.51 4.12 -15.22
N PHE A 484 20.32 3.61 -16.42
CA PHE A 484 21.30 3.76 -17.48
C PHE A 484 21.37 5.19 -17.99
N GLY A 485 20.40 6.02 -17.65
CA GLY A 485 20.54 7.43 -17.92
C GLY A 485 21.53 8.07 -16.99
N PHE A 486 21.21 8.08 -15.70
CA PHE A 486 22.07 8.72 -14.73
C PHE A 486 23.38 7.99 -14.52
N SER A 487 23.45 6.71 -14.85
CA SER A 487 24.73 6.02 -14.77
C SER A 487 25.66 6.52 -15.84
N THR A 488 25.12 6.95 -16.96
CA THR A 488 25.98 7.46 -18.00
C THR A 488 26.38 8.88 -17.70
N ALA A 489 25.45 9.67 -17.18
CA ALA A 489 25.74 11.05 -16.85
C ALA A 489 26.73 11.18 -15.71
N VAL A 490 26.89 10.14 -14.90
CA VAL A 490 27.84 10.22 -13.82
C VAL A 490 29.16 9.58 -14.20
N VAL A 491 29.22 8.83 -15.30
CA VAL A 491 30.52 8.37 -15.79
C VAL A 491 31.30 9.55 -16.32
N THR A 492 30.70 10.29 -17.23
CA THR A 492 31.42 11.32 -17.96
C THR A 492 31.81 12.46 -17.05
N LEU A 493 31.11 12.61 -15.94
CA LEU A 493 31.56 13.54 -14.94
C LEU A 493 32.80 13.04 -14.23
N ILE A 494 32.89 11.74 -14.01
CA ILE A 494 34.08 11.17 -13.37
C ILE A 494 35.24 11.23 -14.35
N GLU A 495 36.33 11.87 -13.93
CA GLU A 495 37.46 12.07 -14.81
C GLU A 495 38.26 10.80 -14.97
N ASP A 496 38.87 10.32 -13.89
CA ASP A 496 39.60 9.07 -13.94
C ASP A 496 39.56 8.44 -12.56
N GLY A 497 39.98 7.20 -12.48
CA GLY A 497 39.96 6.47 -11.25
C GLY A 497 39.23 5.15 -11.38
N LYS A 498 38.75 4.66 -10.25
CA LYS A 498 38.17 3.32 -10.20
C LYS A 498 36.85 3.26 -10.93
N TYR A 499 35.98 4.22 -10.66
CA TYR A 499 34.62 4.19 -11.15
C TYR A 499 34.48 4.83 -12.50
N ASN A 500 35.56 4.99 -13.23
CA ASN A 500 35.43 5.64 -14.52
C ASN A 500 34.96 4.68 -15.60
N SER A 501 34.64 3.44 -15.26
CA SER A 501 33.98 2.57 -16.20
C SER A 501 32.48 2.69 -16.04
N LEU A 502 31.77 2.25 -17.08
CA LEU A 502 30.32 2.32 -17.04
C LEU A 502 29.75 1.32 -16.06
N TYR A 503 30.29 0.11 -16.06
CA TYR A 503 29.76 -0.94 -15.22
C TYR A 503 29.97 -0.67 -13.75
N SER A 504 31.14 -0.16 -13.38
CA SER A 504 31.43 -0.02 -11.97
C SER A 504 30.64 1.07 -11.31
N THR A 505 30.13 2.02 -12.09
CA THR A 505 29.23 2.98 -11.52
C THR A 505 27.78 2.59 -11.72
N CYS A 506 27.52 1.62 -12.57
CA CYS A 506 26.14 1.19 -12.73
C CYS A 506 25.76 0.28 -11.58
N LEU A 507 26.74 -0.32 -10.92
CA LEU A 507 26.46 -0.94 -9.64
C LEU A 507 26.23 0.11 -8.57
N GLU A 508 27.05 1.15 -8.54
CA GLU A 508 26.99 2.11 -7.46
C GLU A 508 25.70 2.88 -7.47
N LEU A 509 25.08 3.05 -8.61
CA LEU A 509 23.75 3.59 -8.59
C LEU A 509 22.71 2.52 -8.38
N PHE A 510 23.06 1.27 -8.60
CA PHE A 510 22.09 0.23 -8.29
C PHE A 510 21.99 0.02 -6.80
N LYS A 511 23.06 0.30 -6.07
CA LYS A 511 23.07 0.11 -4.63
C LYS A 511 22.12 1.05 -3.92
N PHE A 512 21.71 2.14 -4.54
CA PHE A 512 20.73 3.01 -3.92
C PHE A 512 19.39 2.33 -3.83
N THR A 513 19.07 1.50 -4.81
CA THR A 513 17.79 0.81 -4.82
C THR A 513 17.70 -0.20 -3.70
N ILE A 514 18.79 -0.90 -3.42
CA ILE A 514 18.83 -1.81 -2.29
C ILE A 514 18.70 -1.06 -0.99
N GLY A 515 19.57 -0.10 -0.77
CA GLY A 515 19.58 0.56 0.50
C GLY A 515 21.01 0.65 0.96
N MET A 516 21.94 0.41 0.06
CA MET A 516 23.35 0.56 0.37
C MET A 516 24.01 1.64 -0.45
N GLY A 517 23.24 2.59 -0.96
CA GLY A 517 23.80 3.60 -1.83
C GLY A 517 24.66 4.57 -1.04
N ASP A 518 25.82 4.89 -1.59
CA ASP A 518 26.74 5.82 -0.96
C ASP A 518 26.70 7.12 -1.73
N LEU A 519 26.50 8.22 -1.03
CA LEU A 519 26.43 9.49 -1.71
C LEU A 519 27.82 10.03 -2.02
N GLU A 520 28.74 9.87 -1.09
CA GLU A 520 30.12 10.23 -1.35
C GLU A 520 30.88 8.95 -1.63
N PHE A 521 30.67 8.40 -2.82
CA PHE A 521 31.36 7.17 -3.17
C PHE A 521 32.55 7.42 -4.06
N THR A 522 32.79 8.66 -4.45
CA THR A 522 34.00 9.03 -5.16
C THR A 522 34.25 10.51 -4.94
N GLU A 523 35.47 10.91 -5.25
CA GLU A 523 35.84 12.32 -5.18
C GLU A 523 36.57 12.81 -6.41
N ASN A 524 37.03 11.92 -7.29
CA ASN A 524 37.88 12.29 -8.40
C ASN A 524 37.05 12.80 -9.58
N TYR A 525 36.61 14.03 -9.43
CA TYR A 525 35.92 14.76 -10.48
C TYR A 525 36.17 16.25 -10.27
N ASP A 526 35.67 17.03 -11.21
CA ASP A 526 35.39 18.42 -10.93
C ASP A 526 33.89 18.59 -10.73
N PHE A 527 33.49 19.75 -10.19
CA PHE A 527 32.10 20.18 -10.07
C PHE A 527 31.27 19.24 -9.18
N LYS A 528 31.61 19.28 -7.89
CA LYS A 528 30.93 18.48 -6.89
C LYS A 528 29.43 18.74 -6.85
N ALA A 529 29.03 19.98 -7.05
CA ALA A 529 27.62 20.32 -7.05
C ALA A 529 26.88 19.62 -8.17
N VAL A 530 27.54 19.42 -9.30
CA VAL A 530 26.92 18.69 -10.40
C VAL A 530 26.75 17.23 -10.02
N PHE A 531 27.75 16.69 -9.34
CA PHE A 531 27.73 15.29 -8.97
C PHE A 531 26.65 14.98 -7.97
N ILE A 532 26.40 15.88 -7.04
CA ILE A 532 25.44 15.51 -6.02
C ILE A 532 24.05 16.02 -6.34
N ILE A 533 23.91 16.88 -7.35
CA ILE A 533 22.58 17.08 -7.90
C ILE A 533 22.13 15.83 -8.61
N LEU A 534 23.03 15.19 -9.35
CA LEU A 534 22.65 14.00 -10.09
C LEU A 534 22.29 12.83 -9.21
N LEU A 535 23.01 12.63 -8.11
CA LEU A 535 22.61 11.57 -7.22
C LEU A 535 21.29 11.89 -6.58
N LEU A 536 21.13 13.11 -6.09
CA LEU A 536 19.86 13.51 -5.53
C LEU A 536 18.75 13.56 -6.55
N ALA A 537 19.05 13.86 -7.81
CA ALA A 537 17.99 13.75 -8.82
C ALA A 537 17.70 12.31 -9.11
N TYR A 538 18.68 11.44 -8.92
CA TYR A 538 18.44 10.03 -9.12
C TYR A 538 17.65 9.45 -7.97
N VAL A 539 18.07 9.73 -6.73
CA VAL A 539 17.48 9.09 -5.57
C VAL A 539 16.05 9.55 -5.35
N ILE A 540 15.76 10.82 -5.61
CA ILE A 540 14.40 11.30 -5.55
C ILE A 540 13.54 10.61 -6.58
N LEU A 541 14.07 10.43 -7.78
CA LEU A 541 13.23 9.92 -8.85
C LEU A 541 13.09 8.43 -8.79
N THR A 542 14.07 7.72 -8.28
CA THR A 542 13.93 6.28 -8.41
C THR A 542 13.82 5.57 -7.08
N TYR A 543 14.24 6.19 -5.99
CA TYR A 543 14.22 5.44 -4.76
C TYR A 543 13.00 5.76 -3.95
N ILE A 544 12.61 7.03 -3.89
CA ILE A 544 11.43 7.37 -3.14
C ILE A 544 10.24 7.57 -4.02
N LEU A 545 10.38 7.45 -5.33
CA LEU A 545 9.24 7.76 -6.17
C LEU A 545 8.84 6.58 -7.05
N LEU A 546 9.77 5.95 -7.76
CA LEU A 546 9.38 4.77 -8.51
C LEU A 546 9.14 3.59 -7.60
N LEU A 547 10.04 3.35 -6.65
CA LEU A 547 9.85 2.21 -5.78
C LEU A 547 8.69 2.34 -4.84
N ASN A 548 8.15 3.53 -4.67
CA ASN A 548 6.88 3.60 -3.98
C ASN A 548 5.72 3.51 -4.95
N MET A 549 5.95 3.91 -6.21
CA MET A 549 4.92 3.76 -7.21
C MET A 549 4.72 2.30 -7.57
N LEU A 550 5.73 1.49 -7.36
CA LEU A 550 5.58 0.07 -7.63
C LEU A 550 4.65 -0.56 -6.63
N ILE A 551 4.79 -0.17 -5.36
CA ILE A 551 3.97 -0.75 -4.31
C ILE A 551 2.52 -0.34 -4.48
N ALA A 552 2.29 0.87 -4.99
CA ALA A 552 0.94 1.29 -5.31
C ALA A 552 0.36 0.44 -6.43
N LEU A 553 1.03 0.42 -7.57
CA LEU A 553 0.47 -0.23 -8.74
C LEU A 553 0.45 -1.73 -8.63
N MET A 554 1.23 -2.32 -7.73
CA MET A 554 0.94 -3.70 -7.38
C MET A 554 -0.39 -3.79 -6.68
N GLY A 555 -0.58 -2.97 -5.63
CA GLY A 555 -1.78 -3.07 -4.82
C GLY A 555 -3.05 -2.69 -5.55
N GLU A 556 -2.96 -1.78 -6.51
CA GLU A 556 -4.13 -1.49 -7.33
C GLU A 556 -4.43 -2.62 -8.29
N THR A 557 -3.40 -3.36 -8.70
CA THR A 557 -3.60 -4.51 -9.56
C THR A 557 -3.77 -5.79 -8.79
N VAL A 558 -3.65 -5.77 -7.47
CA VAL A 558 -3.93 -6.96 -6.70
C VAL A 558 -5.42 -7.24 -6.68
N ASN A 559 -6.21 -6.19 -6.43
CA ASN A 559 -7.65 -6.34 -6.24
C ASN A 559 -8.32 -6.83 -7.52
N LYS A 560 -7.80 -6.41 -8.66
CA LYS A 560 -8.30 -6.93 -9.93
C LYS A 560 -7.95 -8.40 -10.09
N ILE A 561 -6.73 -8.79 -9.73
CA ILE A 561 -6.31 -10.18 -9.87
C ILE A 561 -6.91 -11.05 -8.78
N ALA A 562 -7.42 -10.42 -7.70
CA ALA A 562 -7.75 -11.11 -6.45
C ALA A 562 -8.77 -12.22 -6.63
N GLN A 563 -9.66 -12.07 -7.59
CA GLN A 563 -10.59 -13.16 -7.89
C GLN A 563 -10.18 -13.93 -9.13
N GLU A 564 -9.57 -13.24 -10.11
CA GLU A 564 -9.21 -13.89 -11.36
C GLU A 564 -8.09 -14.91 -11.16
N SER A 565 -7.20 -14.67 -10.21
CA SER A 565 -6.11 -15.61 -9.96
C SER A 565 -6.61 -16.90 -9.33
N LYS A 566 -7.68 -16.81 -8.55
CA LYS A 566 -8.32 -18.00 -8.01
C LYS A 566 -8.85 -18.89 -9.11
N ASN A 567 -9.35 -18.29 -10.18
CA ASN A 567 -9.76 -19.06 -11.34
C ASN A 567 -8.59 -19.68 -12.06
N ILE A 568 -7.46 -18.98 -12.12
CA ILE A 568 -6.30 -19.52 -12.81
C ILE A 568 -5.69 -20.66 -12.02
N TRP A 569 -5.85 -20.62 -10.70
CA TRP A 569 -5.44 -21.77 -9.90
C TRP A 569 -6.28 -22.97 -10.21
N LYS A 570 -7.60 -22.79 -10.28
CA LYS A 570 -8.53 -23.88 -10.56
C LYS A 570 -8.19 -24.57 -11.86
N LEU A 571 -7.81 -23.80 -12.87
CA LEU A 571 -7.52 -24.39 -14.15
C LEU A 571 -6.17 -25.07 -14.16
N GLN A 572 -5.22 -24.59 -13.35
CA GLN A 572 -3.92 -25.25 -13.34
C GLN A 572 -3.97 -26.58 -12.65
N ARG A 573 -4.85 -26.76 -11.68
CA ARG A 573 -5.04 -28.09 -11.11
C ARG A 573 -5.63 -29.03 -12.14
N ALA A 574 -6.54 -28.51 -12.96
CA ALA A 574 -7.21 -29.32 -13.96
C ALA A 574 -6.24 -29.87 -14.99
N ILE A 575 -5.20 -29.10 -15.32
CA ILE A 575 -4.22 -29.58 -16.29
C ILE A 575 -3.41 -30.70 -15.69
N THR A 576 -3.07 -30.57 -14.41
CA THR A 576 -2.33 -31.63 -13.73
C THR A 576 -3.16 -32.90 -13.62
N ILE A 577 -4.47 -32.75 -13.49
CA ILE A 577 -5.33 -33.91 -13.44
C ILE A 577 -5.37 -34.62 -14.78
N LEU A 578 -5.48 -33.85 -15.86
CA LEU A 578 -5.50 -34.47 -17.18
C LEU A 578 -4.15 -35.01 -17.57
N ASP A 579 -3.07 -34.40 -17.10
CA ASP A 579 -1.74 -34.81 -17.53
C ASP A 579 -1.37 -36.17 -16.96
N THR A 580 -1.97 -36.55 -15.85
CA THR A 580 -1.61 -37.83 -15.25
C THR A 580 -2.35 -38.99 -15.88
N GLU A 581 -3.57 -38.77 -16.39
CA GLU A 581 -4.23 -39.85 -17.10
C GLU A 581 -3.55 -40.12 -18.43
N LYS A 582 -2.95 -39.10 -19.03
CA LYS A 582 -2.07 -39.36 -20.17
C LYS A 582 -0.80 -40.07 -19.73
N SER A 583 -0.38 -39.87 -18.49
CA SER A 583 0.75 -40.61 -17.97
C SER A 583 0.32 -41.98 -17.47
N PHE A 584 -0.53 -42.03 -16.46
CA PHE A 584 -0.93 -43.30 -15.84
C PHE A 584 -2.07 -43.91 -16.64
N LEU A 585 -1.73 -44.35 -17.85
CA LEU A 585 -2.67 -44.99 -18.75
C LEU A 585 -2.55 -46.50 -18.71
N LYS A 586 -1.37 -47.02 -18.38
CA LYS A 586 -1.17 -48.47 -18.31
C LYS A 586 -1.95 -49.08 -17.15
N CYS A 587 -2.24 -48.30 -16.12
CA CYS A 587 -3.17 -48.68 -15.06
C CYS A 587 -4.35 -47.71 -15.14
N MET A 588 -5.32 -48.04 -15.99
CA MET A 588 -6.46 -47.17 -16.26
C MET A 588 -7.76 -47.73 -15.70
N ARG A 589 -7.69 -48.45 -14.59
CA ARG A 589 -8.91 -48.95 -13.97
C ARG A 589 -9.68 -47.83 -13.28
N LYS A 590 -8.97 -46.82 -12.78
CA LYS A 590 -9.59 -45.64 -12.20
C LYS A 590 -9.78 -44.53 -13.22
N ALA A 591 -9.60 -44.82 -14.51
CA ALA A 591 -9.70 -43.78 -15.52
C ALA A 591 -11.15 -43.36 -15.75
N PHE A 592 -12.10 -44.25 -15.48
CA PHE A 592 -13.49 -43.84 -15.45
C PHE A 592 -13.78 -43.10 -14.17
N ARG A 593 -14.90 -42.37 -14.16
CA ARG A 593 -15.25 -41.53 -13.02
C ARG A 593 -16.72 -41.74 -12.66
N SER A 594 -16.96 -42.37 -11.50
CA SER A 594 -18.23 -42.33 -10.79
C SER A 594 -19.38 -42.99 -11.55
N GLY A 595 -19.09 -44.10 -12.19
CA GLY A 595 -20.15 -44.89 -12.78
C GLY A 595 -19.95 -45.08 -14.28
N LYS A 596 -20.26 -46.30 -14.71
CA LYS A 596 -20.23 -46.66 -16.11
C LYS A 596 -21.45 -47.45 -16.54
N LEU A 597 -22.39 -47.72 -15.64
CA LEU A 597 -23.41 -48.70 -15.97
C LEU A 597 -24.54 -48.11 -16.78
N LEU A 598 -25.37 -47.25 -16.18
CA LEU A 598 -26.61 -46.82 -16.81
C LEU A 598 -27.28 -45.76 -15.93
N GLN A 599 -28.04 -44.88 -16.59
CA GLN A 599 -29.07 -44.11 -15.89
C GLN A 599 -30.30 -43.87 -16.76
N VAL A 600 -30.38 -44.44 -17.95
CA VAL A 600 -31.40 -44.03 -18.91
C VAL A 600 -32.55 -45.02 -18.94
N GLY A 601 -32.26 -46.25 -19.36
CA GLY A 601 -33.27 -47.30 -19.44
C GLY A 601 -34.39 -47.07 -20.43
N PHE A 602 -34.22 -46.14 -21.35
CA PHE A 602 -35.24 -45.79 -22.33
C PHE A 602 -34.59 -45.09 -23.51
N THR A 603 -34.93 -45.53 -24.71
CA THR A 603 -34.42 -44.94 -25.94
C THR A 603 -35.46 -45.15 -27.02
N PRO A 604 -35.54 -44.26 -28.02
CA PRO A 604 -36.43 -44.52 -29.15
C PRO A 604 -35.98 -45.69 -30.01
N ASP A 605 -34.67 -45.95 -30.10
CA ASP A 605 -34.18 -47.07 -30.89
C ASP A 605 -34.24 -48.39 -30.14
N GLY A 606 -34.48 -48.37 -28.84
CA GLY A 606 -34.59 -49.61 -28.10
C GLY A 606 -34.24 -49.44 -26.63
N LYS A 607 -33.50 -50.42 -26.12
CA LYS A 607 -33.09 -50.43 -24.72
C LYS A 607 -31.97 -49.42 -24.50
N ASP A 608 -31.95 -48.86 -23.28
CA ASP A 608 -30.90 -47.93 -22.89
C ASP A 608 -30.48 -48.12 -21.43
N ASP A 609 -30.63 -49.33 -20.91
CA ASP A 609 -30.33 -49.63 -19.52
C ASP A 609 -28.92 -50.18 -19.32
N TYR A 610 -28.02 -49.96 -20.28
CA TYR A 610 -26.65 -50.42 -20.16
C TYR A 610 -25.62 -49.44 -20.71
N ARG A 611 -26.01 -48.21 -21.05
CA ARG A 611 -25.07 -47.28 -21.64
C ARG A 611 -25.09 -45.93 -20.94
N TRP A 612 -24.44 -44.94 -21.55
CA TRP A 612 -24.41 -43.53 -21.15
C TRP A 612 -23.74 -43.29 -19.80
N CYS A 613 -22.98 -44.28 -19.31
CA CYS A 613 -21.78 -44.17 -18.44
C CYS A 613 -21.85 -43.05 -17.41
N PHE A 614 -22.92 -43.04 -16.65
CA PHE A 614 -23.35 -41.85 -15.93
C PHE A 614 -22.44 -41.55 -14.74
N ARG A 615 -22.48 -40.30 -14.29
CA ARG A 615 -21.75 -39.85 -13.11
C ARG A 615 -22.76 -39.56 -12.03
N VAL A 616 -22.66 -40.27 -10.91
CA VAL A 616 -23.53 -40.03 -9.77
C VAL A 616 -23.11 -38.74 -9.08
N ASP A 617 -24.06 -37.83 -8.91
CA ASP A 617 -23.79 -36.58 -8.20
C ASP A 617 -24.67 -36.47 -6.98
N GLU A 618 -24.69 -35.30 -6.35
CA GLU A 618 -25.58 -35.02 -5.23
C GLU A 618 -25.85 -33.53 -5.20
N VAL A 619 -26.77 -33.12 -4.32
CA VAL A 619 -27.15 -31.71 -4.27
C VAL A 619 -27.49 -31.26 -2.86
N ASN A 620 -27.89 -30.00 -2.75
CA ASN A 620 -28.25 -29.33 -1.50
C ASN A 620 -29.77 -29.15 -1.44
N TRP A 621 -30.22 -28.42 -0.42
CA TRP A 621 -31.65 -28.33 -0.14
C TRP A 621 -32.34 -27.27 -1.01
N THR A 622 -31.94 -26.01 -0.85
CA THR A 622 -32.55 -24.84 -1.50
C THR A 622 -34.06 -24.75 -1.26
N THR A 623 -34.47 -25.09 -0.03
CA THR A 623 -35.87 -25.29 0.36
C THR A 623 -36.62 -26.25 -0.55
N THR B 230 -29.66 -28.40 25.88
CA THR B 230 -30.90 -27.70 25.58
C THR B 230 -30.88 -27.26 24.14
N PRO B 231 -32.06 -27.10 23.54
CA PRO B 231 -32.11 -26.50 22.20
C PRO B 231 -31.65 -25.06 22.17
N LEU B 232 -31.71 -24.35 23.31
CA LEU B 232 -31.04 -23.07 23.40
C LEU B 232 -29.55 -23.22 23.22
N ALA B 233 -28.93 -24.09 24.02
CA ALA B 233 -27.49 -24.30 23.93
C ALA B 233 -27.11 -24.92 22.60
N LEU B 234 -27.97 -25.77 22.05
CA LEU B 234 -27.64 -26.37 20.77
C LEU B 234 -27.74 -25.35 19.64
N ALA B 235 -28.60 -24.34 19.79
CA ALA B 235 -28.61 -23.26 18.82
C ALA B 235 -27.35 -22.43 18.93
N ALA B 236 -26.81 -22.31 20.14
CA ALA B 236 -25.55 -21.59 20.32
C ALA B 236 -24.37 -22.42 19.85
N SER B 237 -24.28 -23.68 20.32
CA SER B 237 -23.15 -24.54 20.03
C SER B 237 -23.04 -24.91 18.57
N SER B 238 -24.14 -24.80 17.81
CA SER B 238 -24.06 -24.90 16.37
C SER B 238 -23.72 -23.57 15.72
N GLY B 239 -24.12 -22.48 16.32
CA GLY B 239 -23.94 -21.19 15.70
C GLY B 239 -25.11 -20.72 14.87
N LYS B 240 -26.30 -21.25 15.12
CA LYS B 240 -27.49 -20.75 14.44
C LYS B 240 -27.88 -19.42 15.06
N ILE B 241 -27.84 -18.36 14.26
CA ILE B 241 -27.74 -17.01 14.79
C ILE B 241 -29.09 -16.35 15.06
N GLY B 242 -30.09 -16.60 14.22
CA GLY B 242 -31.34 -15.91 14.36
C GLY B 242 -32.24 -16.63 15.33
N VAL B 243 -32.01 -17.94 15.42
CA VAL B 243 -32.74 -18.78 16.36
C VAL B 243 -32.47 -18.32 17.78
N LEU B 244 -31.21 -18.03 18.05
CA LEU B 244 -30.83 -17.51 19.36
C LEU B 244 -31.39 -16.11 19.58
N ALA B 245 -31.54 -15.32 18.52
CA ALA B 245 -32.19 -14.03 18.67
C ALA B 245 -33.68 -14.19 18.96
N TYR B 246 -34.29 -15.25 18.44
CA TYR B 246 -35.68 -15.54 18.72
C TYR B 246 -35.89 -15.97 20.16
N ILE B 247 -34.99 -16.81 20.67
CA ILE B 247 -35.20 -17.40 21.99
C ILE B 247 -34.99 -16.36 23.07
N LEU B 248 -33.94 -15.57 22.95
CA LEU B 248 -33.58 -14.65 24.01
C LEU B 248 -34.44 -13.41 24.03
N GLN B 249 -35.39 -13.28 23.12
CA GLN B 249 -36.18 -12.06 23.03
C GLN B 249 -37.66 -12.32 22.80
N ARG B 250 -38.18 -13.49 23.19
CA ARG B 250 -39.57 -13.79 22.89
C ARG B 250 -40.49 -13.06 23.85
N GLU B 251 -41.70 -12.76 23.37
CA GLU B 251 -42.60 -11.87 24.10
C GLU B 251 -43.99 -12.48 24.11
N ILE B 252 -44.64 -12.46 25.27
CA ILE B 252 -45.99 -12.97 25.41
C ILE B 252 -46.73 -12.24 26.53
N HIS B 253 -47.81 -11.56 26.18
CA HIS B 253 -48.72 -10.95 27.16
C HIS B 253 -50.03 -11.73 27.09
N GLU B 254 -50.09 -12.85 27.82
CA GLU B 254 -51.19 -13.78 27.73
C GLU B 254 -51.19 -14.61 29.00
N PRO B 255 -52.36 -15.02 29.51
CA PRO B 255 -52.38 -15.93 30.66
C PRO B 255 -51.81 -17.29 30.31
N GLU B 256 -51.12 -17.89 31.29
CA GLU B 256 -50.40 -19.16 31.19
C GLU B 256 -49.29 -19.15 30.13
N CYS B 257 -48.91 -17.95 29.67
CA CYS B 257 -47.93 -17.81 28.61
C CYS B 257 -46.94 -16.69 28.85
N ARG B 258 -47.20 -15.76 29.77
CA ARG B 258 -46.17 -14.83 30.20
C ARG B 258 -45.07 -15.53 30.99
N HIS B 259 -45.38 -16.69 31.57
CA HIS B 259 -44.33 -17.55 32.10
C HIS B 259 -43.57 -18.27 31.00
N LEU B 260 -44.10 -18.29 29.77
CA LEU B 260 -43.35 -18.81 28.64
C LEU B 260 -42.52 -17.74 27.93
N SER B 261 -42.79 -16.47 28.18
CA SER B 261 -42.07 -15.40 27.52
C SER B 261 -40.69 -15.19 28.15
N ARG B 262 -39.80 -14.60 27.35
CA ARG B 262 -38.45 -14.24 27.79
C ARG B 262 -38.30 -12.74 28.06
N LYS B 263 -38.49 -11.93 27.03
CA LYS B 263 -38.29 -10.49 27.12
C LYS B 263 -39.51 -9.85 27.79
N PHE B 264 -39.31 -9.31 28.99
CA PHE B 264 -40.40 -8.73 29.78
C PHE B 264 -40.24 -7.22 29.70
N THR B 265 -41.06 -6.57 28.88
CA THR B 265 -40.97 -5.13 28.70
C THR B 265 -41.78 -4.46 29.81
N GLU B 266 -41.27 -4.55 31.03
CA GLU B 266 -42.03 -4.18 32.22
C GLU B 266 -42.17 -2.67 32.38
N TRP B 267 -41.27 -1.88 31.80
CA TRP B 267 -41.39 -0.43 31.83
C TRP B 267 -41.38 0.06 30.39
N ALA B 268 -42.54 0.00 29.75
CA ALA B 268 -42.72 0.59 28.43
C ALA B 268 -43.18 2.02 28.53
N TYR B 269 -42.37 2.87 29.17
CA TYR B 269 -42.69 4.26 29.42
C TYR B 269 -42.46 5.11 28.17
N GLY B 270 -42.30 6.43 28.35
CA GLY B 270 -41.81 7.29 27.30
C GLY B 270 -40.47 6.80 26.76
N PRO B 271 -40.07 7.30 25.56
CA PRO B 271 -39.38 6.49 24.53
C PRO B 271 -38.37 5.43 24.95
N VAL B 272 -37.70 5.60 26.08
CA VAL B 272 -36.81 4.57 26.63
C VAL B 272 -37.66 3.37 27.05
N HIS B 273 -37.38 2.22 26.45
CA HIS B 273 -38.15 1.00 26.70
C HIS B 273 -37.33 0.06 27.58
N SER B 274 -37.45 0.23 28.90
CA SER B 274 -36.78 -0.67 29.82
C SER B 274 -37.40 -2.06 29.76
N SER B 275 -36.54 -3.07 29.82
CA SER B 275 -36.96 -4.44 29.60
C SER B 275 -36.18 -5.35 30.53
N LEU B 276 -36.76 -6.50 30.83
CA LEU B 276 -36.11 -7.45 31.73
C LEU B 276 -36.06 -8.82 31.07
N TYR B 277 -34.98 -9.57 31.35
CA TYR B 277 -34.61 -10.77 30.60
C TYR B 277 -34.40 -11.94 31.54
N ASP B 278 -35.01 -13.09 31.21
CA ASP B 278 -35.22 -14.17 32.19
C ASP B 278 -33.93 -14.84 32.63
N LEU B 279 -32.90 -14.83 31.77
CA LEU B 279 -31.51 -15.06 32.14
C LEU B 279 -31.26 -16.46 32.74
N SER B 280 -31.46 -17.47 31.90
CA SER B 280 -30.83 -18.76 32.14
C SER B 280 -29.53 -18.89 31.36
N CYS B 281 -29.01 -17.78 30.86
CA CYS B 281 -27.90 -17.79 29.92
C CYS B 281 -26.56 -17.66 30.61
N ILE B 282 -26.47 -16.83 31.66
CA ILE B 282 -25.21 -16.67 32.37
C ILE B 282 -24.87 -17.92 33.16
N ASP B 283 -23.57 -18.13 33.36
CA ASP B 283 -23.07 -19.37 33.92
C ASP B 283 -23.37 -19.56 35.39
N THR B 284 -23.72 -18.48 36.11
CA THR B 284 -24.14 -18.63 37.50
C THR B 284 -25.51 -19.29 37.58
N CYS B 285 -26.29 -19.20 36.52
CA CYS B 285 -27.61 -19.83 36.49
C CYS B 285 -27.51 -21.33 36.22
N GLU B 286 -27.00 -21.70 35.05
CA GLU B 286 -27.04 -23.09 34.64
C GLU B 286 -25.64 -23.70 34.67
N LYS B 287 -25.62 -25.03 34.70
CA LYS B 287 -24.43 -25.80 34.41
C LYS B 287 -24.41 -26.11 32.92
N ASN B 288 -23.23 -26.02 32.31
CA ASN B 288 -23.03 -25.98 30.87
C ASN B 288 -23.89 -24.90 30.23
N SER B 289 -23.70 -23.68 30.71
CA SER B 289 -24.54 -22.56 30.33
C SER B 289 -24.01 -21.86 29.09
N VAL B 290 -24.71 -20.80 28.69
CA VAL B 290 -24.73 -20.38 27.30
C VAL B 290 -23.45 -19.67 26.91
N LEU B 291 -22.96 -18.77 27.76
CA LEU B 291 -21.80 -17.98 27.38
C LEU B 291 -20.55 -18.82 27.33
N GLU B 292 -20.44 -19.80 28.23
CA GLU B 292 -19.36 -20.76 28.15
C GLU B 292 -19.45 -21.61 26.90
N VAL B 293 -20.66 -21.82 26.39
CA VAL B 293 -20.82 -22.54 25.13
C VAL B 293 -20.34 -21.68 23.97
N ILE B 294 -20.75 -20.42 23.94
CA ILE B 294 -20.38 -19.55 22.81
C ILE B 294 -18.90 -19.24 22.84
N ALA B 295 -18.33 -19.09 24.03
CA ALA B 295 -16.93 -18.71 24.12
C ALA B 295 -16.00 -19.86 23.79
N TYR B 296 -16.33 -21.08 24.20
CA TYR B 296 -15.36 -22.15 24.17
C TYR B 296 -15.52 -23.01 22.92
N SER B 297 -16.06 -22.44 21.86
CA SER B 297 -16.40 -23.19 20.67
C SER B 297 -15.15 -23.52 19.88
N SER B 298 -15.31 -24.43 18.91
CA SER B 298 -14.19 -24.94 18.13
C SER B 298 -13.79 -24.02 16.98
N SER B 299 -14.47 -22.88 16.81
CA SER B 299 -14.24 -21.88 15.77
C SER B 299 -14.45 -22.43 14.36
N GLU B 300 -15.09 -23.58 14.24
CA GLU B 300 -15.63 -24.07 12.98
C GLU B 300 -17.13 -23.83 12.92
N THR B 301 -17.66 -23.05 13.86
CA THR B 301 -19.07 -22.73 13.89
C THR B 301 -19.38 -21.67 12.87
N PRO B 302 -20.68 -21.40 12.63
CA PRO B 302 -21.07 -20.47 11.56
C PRO B 302 -20.64 -19.04 11.81
N ASN B 303 -21.11 -18.46 12.90
CA ASN B 303 -20.63 -17.13 13.28
C ASN B 303 -20.59 -17.10 14.80
N ARG B 304 -19.45 -17.53 15.36
CA ARG B 304 -19.28 -17.42 16.80
C ARG B 304 -19.01 -15.98 17.18
N HIS B 305 -18.52 -15.20 16.24
CA HIS B 305 -18.16 -13.82 16.52
C HIS B 305 -19.34 -12.89 16.36
N ASP B 306 -20.53 -13.43 16.14
CA ASP B 306 -21.73 -12.64 15.99
C ASP B 306 -22.80 -13.00 17.01
N MET B 307 -22.70 -14.17 17.63
CA MET B 307 -23.66 -14.54 18.65
C MET B 307 -23.47 -13.80 19.96
N LEU B 308 -22.36 -13.08 20.12
CA LEU B 308 -22.24 -12.21 21.26
C LEU B 308 -22.86 -10.85 21.03
N LEU B 309 -23.32 -10.57 19.81
CA LEU B 309 -23.91 -9.29 19.52
C LEU B 309 -25.38 -9.23 19.86
N VAL B 310 -25.95 -10.31 20.37
CA VAL B 310 -27.38 -10.35 20.63
C VAL B 310 -27.68 -9.62 21.93
N GLU B 311 -28.63 -8.69 21.85
CA GLU B 311 -28.97 -7.63 22.81
C GLU B 311 -28.98 -7.97 24.30
N PRO B 312 -29.42 -9.15 24.77
CA PRO B 312 -29.26 -9.41 26.21
C PRO B 312 -27.82 -9.64 26.60
N LEU B 313 -27.07 -10.40 25.81
CA LEU B 313 -25.69 -10.70 26.15
C LEU B 313 -24.80 -9.49 25.96
N ASN B 314 -25.04 -8.75 24.88
CA ASN B 314 -24.08 -7.79 24.37
C ASN B 314 -23.94 -6.58 25.28
N ARG B 315 -24.87 -6.39 26.21
CA ARG B 315 -24.68 -5.44 27.28
C ARG B 315 -24.45 -6.10 28.62
N LEU B 316 -24.69 -7.41 28.73
CA LEU B 316 -24.45 -8.08 29.99
C LEU B 316 -22.97 -8.19 30.26
N LEU B 317 -22.19 -8.51 29.23
CA LEU B 317 -20.74 -8.49 29.38
C LEU B 317 -20.23 -7.08 29.57
N GLN B 318 -20.82 -6.15 28.83
CA GLN B 318 -20.48 -4.74 28.97
C GLN B 318 -20.79 -4.23 30.36
N ASP B 319 -21.85 -4.75 30.98
CA ASP B 319 -22.06 -4.46 32.38
C ASP B 319 -20.99 -5.10 33.24
N LYS B 320 -20.76 -6.40 33.05
CA LYS B 320 -19.82 -7.12 33.90
C LYS B 320 -18.40 -6.59 33.78
N TRP B 321 -18.04 -6.07 32.62
CA TRP B 321 -16.72 -5.50 32.48
C TRP B 321 -16.62 -4.20 33.25
N ASP B 322 -17.44 -3.22 32.88
CA ASP B 322 -17.40 -1.88 33.45
C ASP B 322 -17.81 -1.84 34.91
N ARG B 323 -18.41 -2.88 35.45
CA ARG B 323 -18.71 -2.97 36.87
C ARG B 323 -17.68 -3.78 37.63
N PHE B 324 -17.31 -4.94 37.11
CA PHE B 324 -16.60 -5.91 37.93
C PHE B 324 -15.20 -6.23 37.46
N VAL B 325 -15.03 -6.69 36.21
CA VAL B 325 -13.79 -7.36 35.87
C VAL B 325 -12.74 -6.40 35.29
N LYS B 326 -13.16 -5.21 34.85
CA LYS B 326 -12.20 -4.19 34.43
C LYS B 326 -11.30 -3.77 35.58
N ARG B 327 -11.77 -3.85 36.81
CA ARG B 327 -10.90 -3.60 37.95
C ARG B 327 -9.85 -4.69 38.09
N ILE B 328 -10.27 -5.96 38.07
CA ILE B 328 -9.30 -7.01 38.31
C ILE B 328 -8.43 -7.26 37.09
N PHE B 329 -8.88 -6.88 35.90
CA PHE B 329 -8.04 -7.08 34.73
C PHE B 329 -6.88 -6.11 34.70
N TYR B 330 -7.13 -4.86 35.07
CA TYR B 330 -6.03 -3.92 35.22
C TYR B 330 -5.09 -4.31 36.33
N PHE B 331 -5.55 -5.09 37.31
CA PHE B 331 -4.68 -5.52 38.38
C PHE B 331 -3.65 -6.51 37.87
N ASN B 332 -4.08 -7.53 37.13
CA ASN B 332 -3.14 -8.54 36.67
C ASN B 332 -2.13 -7.96 35.70
N PHE B 333 -2.56 -7.05 34.84
CA PHE B 333 -1.63 -6.37 33.97
C PHE B 333 -0.72 -5.43 34.74
N PHE B 334 -1.14 -4.96 35.89
CA PHE B 334 -0.19 -4.28 36.74
C PHE B 334 0.77 -5.26 37.39
N VAL B 335 0.30 -6.46 37.72
CA VAL B 335 1.19 -7.46 38.30
C VAL B 335 2.17 -7.94 37.25
N TYR B 336 1.67 -8.26 36.07
CA TYR B 336 2.50 -8.88 35.05
C TYR B 336 3.55 -7.92 34.53
N CYS B 337 3.24 -6.62 34.52
CA CYS B 337 4.26 -5.66 34.20
C CYS B 337 5.33 -5.60 35.27
N LEU B 338 4.96 -5.80 36.53
CA LEU B 338 5.99 -5.91 37.55
C LEU B 338 6.62 -7.28 37.59
N TYR B 339 5.97 -8.28 37.03
CA TYR B 339 6.65 -9.57 36.93
C TYR B 339 7.78 -9.51 35.94
N MET B 340 7.58 -8.84 34.83
CA MET B 340 8.61 -8.86 33.81
C MET B 340 9.77 -7.97 34.19
N ILE B 341 9.52 -6.87 34.87
CA ILE B 341 10.60 -5.97 35.26
C ILE B 341 11.51 -6.64 36.26
N ILE B 342 10.96 -7.45 37.15
CA ILE B 342 11.81 -8.20 38.05
C ILE B 342 12.56 -9.27 37.28
N PHE B 343 11.88 -9.97 36.38
CA PHE B 343 12.53 -11.01 35.61
C PHE B 343 13.53 -10.43 34.62
N THR B 344 13.32 -9.20 34.20
CA THR B 344 14.32 -8.49 33.42
C THR B 344 15.57 -8.24 34.24
N ALA B 345 15.42 -7.58 35.38
CA ALA B 345 16.58 -7.16 36.16
C ALA B 345 17.29 -8.34 36.79
N ALA B 346 16.57 -9.42 37.07
CA ALA B 346 17.22 -10.62 37.54
C ALA B 346 18.08 -11.25 36.46
N ALA B 347 17.70 -11.08 35.22
CA ALA B 347 18.55 -11.60 34.17
C ALA B 347 19.63 -10.64 33.76
N TYR B 348 19.34 -9.34 33.84
CA TYR B 348 20.31 -8.34 33.41
C TYR B 348 21.52 -8.33 34.30
N TYR B 349 21.37 -8.69 35.57
CA TYR B 349 22.47 -8.74 36.51
C TYR B 349 22.81 -10.16 36.88
N ARG B 350 22.81 -11.06 35.91
CA ARG B 350 23.28 -12.39 36.19
C ARG B 350 24.80 -12.35 36.34
N PRO B 351 25.39 -13.28 37.08
CA PRO B 351 26.84 -13.28 37.24
C PRO B 351 27.53 -13.87 36.03
N VAL B 352 28.72 -13.37 35.78
CA VAL B 352 29.46 -13.73 34.59
C VAL B 352 30.38 -14.93 34.81
N GLU B 353 30.72 -15.24 36.07
CA GLU B 353 31.66 -16.30 36.38
C GLU B 353 31.07 -17.66 36.03
N GLY B 354 31.94 -18.61 35.72
CA GLY B 354 31.50 -19.89 35.21
C GLY B 354 30.85 -20.76 36.26
N LEU B 355 30.43 -21.95 35.80
CA LEU B 355 29.90 -23.04 36.62
C LEU B 355 28.72 -22.65 37.49
N PRO B 356 27.51 -22.61 36.94
CA PRO B 356 26.30 -22.48 37.76
C PRO B 356 26.15 -23.67 38.69
N PRO B 357 25.38 -23.56 39.77
CA PRO B 357 24.75 -22.39 40.39
C PRO B 357 25.79 -21.58 41.12
N TYR B 358 25.36 -20.54 41.83
CA TYR B 358 26.31 -19.58 42.36
C TYR B 358 26.01 -19.30 43.82
N LYS B 359 27.05 -19.26 44.63
CA LYS B 359 26.88 -18.91 46.03
C LYS B 359 26.58 -17.43 46.13
N LEU B 360 25.50 -17.10 46.84
CA LEU B 360 25.11 -15.70 47.00
C LEU B 360 26.09 -15.00 47.93
N LYS B 361 26.61 -13.87 47.48
CA LYS B 361 27.54 -13.11 48.30
C LYS B 361 26.79 -12.43 49.44
N ASN B 362 27.54 -12.15 50.50
CA ASN B 362 26.96 -11.53 51.69
C ASN B 362 26.67 -10.05 51.51
N THR B 363 27.06 -9.46 50.39
CA THR B 363 26.73 -8.07 50.11
C THR B 363 25.23 -7.95 49.91
N VAL B 364 24.69 -6.79 50.28
CA VAL B 364 23.23 -6.60 50.25
C VAL B 364 22.68 -6.42 48.84
N GLY B 365 23.55 -6.32 47.84
CA GLY B 365 23.07 -6.16 46.47
C GLY B 365 22.42 -7.42 45.94
N ASP B 366 23.15 -8.52 45.96
CA ASP B 366 22.66 -9.71 45.27
C ASP B 366 21.58 -10.46 46.05
N TYR B 367 21.21 -10.02 47.24
CA TYR B 367 19.99 -10.56 47.82
C TYR B 367 18.79 -10.16 46.99
N PHE B 368 18.81 -8.94 46.46
CA PHE B 368 17.80 -8.52 45.50
C PHE B 368 17.84 -9.38 44.25
N ARG B 369 19.03 -9.81 43.85
CA ARG B 369 19.15 -10.73 42.73
C ARG B 369 18.50 -12.06 43.05
N VAL B 370 18.79 -12.62 44.23
CA VAL B 370 18.29 -13.94 44.56
C VAL B 370 16.79 -13.91 44.79
N THR B 371 16.29 -12.84 45.41
CA THR B 371 14.84 -12.68 45.50
C THR B 371 14.25 -12.45 44.13
N GLY B 372 14.95 -11.68 43.29
CA GLY B 372 14.51 -11.50 41.93
C GLY B 372 14.54 -12.78 41.13
N GLU B 373 15.48 -13.66 41.43
CA GLU B 373 15.53 -14.95 40.75
C GLU B 373 14.35 -15.81 41.17
N ILE B 374 14.06 -15.87 42.47
CA ILE B 374 13.06 -16.81 42.93
C ILE B 374 11.65 -16.29 42.69
N LEU B 375 11.46 -14.97 42.66
CA LEU B 375 10.19 -14.41 42.23
C LEU B 375 9.90 -14.77 40.79
N SER B 376 10.91 -14.71 39.94
CA SER B 376 10.71 -14.93 38.52
C SER B 376 10.46 -16.39 38.21
N VAL B 377 11.02 -17.29 39.02
CA VAL B 377 10.71 -18.71 38.82
C VAL B 377 9.27 -18.98 39.24
N SER B 378 8.79 -18.25 40.24
CA SER B 378 7.43 -18.44 40.73
C SER B 378 6.40 -18.12 39.67
N GLY B 379 6.69 -17.12 38.84
CA GLY B 379 5.85 -16.89 37.69
C GLY B 379 5.92 -18.01 36.69
N GLY B 380 7.09 -18.63 36.55
CA GLY B 380 7.19 -19.78 35.69
C GLY B 380 6.45 -20.98 36.25
N VAL B 381 6.31 -21.03 37.57
CA VAL B 381 5.50 -22.09 38.16
C VAL B 381 4.03 -21.80 37.94
N TYR B 382 3.64 -20.55 38.16
CA TYR B 382 2.23 -20.18 38.11
C TYR B 382 1.67 -20.31 36.70
N PHE B 383 2.42 -19.87 35.71
CA PHE B 383 1.97 -20.01 34.34
C PHE B 383 2.06 -21.44 33.85
N PHE B 384 2.78 -22.29 34.58
CA PHE B 384 2.85 -23.67 34.18
C PHE B 384 1.56 -24.40 34.54
N PHE B 385 1.12 -24.27 35.79
CA PHE B 385 -0.12 -24.93 36.18
C PHE B 385 -1.32 -24.30 35.54
N ARG B 386 -1.33 -22.98 35.45
CA ARG B 386 -2.47 -22.30 34.86
C ARG B 386 -2.54 -22.55 33.37
N GLY B 387 -1.40 -22.84 32.75
CA GLY B 387 -1.43 -23.35 31.39
C GLY B 387 -1.97 -24.76 31.33
N ILE B 388 -1.67 -25.58 32.33
CA ILE B 388 -2.16 -26.95 32.33
C ILE B 388 -3.63 -26.99 32.69
N GLN B 389 -4.01 -26.36 33.80
CA GLN B 389 -5.40 -26.44 34.23
C GLN B 389 -6.34 -25.68 33.32
N TYR B 390 -5.81 -24.82 32.45
CA TYR B 390 -6.51 -24.50 31.23
C TYR B 390 -6.78 -25.76 30.42
N PHE B 391 -5.71 -26.38 29.94
CA PHE B 391 -5.82 -27.47 28.98
C PHE B 391 -6.42 -28.73 29.59
N LEU B 392 -6.25 -28.94 30.89
CA LEU B 392 -6.89 -30.07 31.55
C LEU B 392 -8.41 -29.94 31.59
N GLN B 393 -8.95 -28.74 31.36
CA GLN B 393 -10.38 -28.58 31.17
C GLN B 393 -10.80 -28.86 29.74
N ARG B 394 -10.34 -28.05 28.80
CA ARG B 394 -11.06 -27.96 27.53
C ARG B 394 -10.61 -29.01 26.53
N ARG B 395 -9.31 -29.31 26.51
CA ARG B 395 -8.65 -30.24 25.60
C ARG B 395 -8.97 -29.86 24.15
N PRO B 396 -8.32 -28.82 23.61
CA PRO B 396 -8.60 -28.42 22.22
C PRO B 396 -8.03 -29.35 21.15
N SER B 397 -7.37 -30.45 21.55
CA SER B 397 -7.06 -31.60 20.69
C SER B 397 -6.13 -31.25 19.53
N LEU B 398 -5.21 -30.32 19.78
CA LEU B 398 -4.02 -30.04 18.96
C LEU B 398 -4.31 -29.45 17.59
N LYS B 399 -5.57 -29.30 17.22
CA LYS B 399 -5.95 -28.62 15.99
C LYS B 399 -6.65 -27.31 16.25
N SER B 400 -7.51 -27.27 17.25
CA SER B 400 -8.08 -26.03 17.75
C SER B 400 -7.12 -25.27 18.65
N LEU B 401 -6.02 -25.91 19.03
CA LEU B 401 -5.04 -25.36 19.97
C LEU B 401 -4.39 -24.10 19.43
N PHE B 402 -3.63 -24.22 18.35
CA PHE B 402 -3.01 -23.06 17.75
C PHE B 402 -4.01 -22.22 16.97
N VAL B 403 -5.18 -22.79 16.65
CA VAL B 403 -6.14 -22.11 15.80
C VAL B 403 -6.80 -20.97 16.55
N ASP B 404 -7.37 -21.25 17.71
CA ASP B 404 -8.11 -20.24 18.46
C ASP B 404 -7.48 -19.90 19.78
N SER B 405 -6.87 -20.87 20.47
CA SER B 405 -6.28 -20.65 21.78
C SER B 405 -4.83 -20.23 21.70
N TYR B 406 -4.43 -19.66 20.57
CA TYR B 406 -3.17 -18.96 20.46
C TYR B 406 -3.15 -17.80 21.44
N SER B 407 -1.95 -17.44 21.86
CA SER B 407 -1.68 -16.53 22.97
C SER B 407 -2.31 -17.01 24.26
N GLU B 408 -2.35 -18.32 24.42
CA GLU B 408 -2.51 -18.95 25.72
C GLU B 408 -1.48 -20.04 25.73
N ILE B 409 -1.10 -20.46 24.53
CA ILE B 409 0.06 -21.32 24.37
C ILE B 409 1.31 -20.58 24.76
N LEU B 410 1.39 -19.31 24.38
CA LEU B 410 2.62 -18.54 24.53
C LEU B 410 2.96 -18.33 25.99
N PHE B 411 1.97 -18.15 26.84
CA PHE B 411 2.26 -18.10 28.27
C PHE B 411 2.70 -19.45 28.78
N PHE B 412 2.25 -20.52 28.17
CA PHE B 412 2.74 -21.80 28.63
C PHE B 412 4.15 -22.05 28.14
N VAL B 413 4.43 -21.66 26.91
CA VAL B 413 5.76 -21.85 26.34
C VAL B 413 6.77 -20.98 27.04
N GLN B 414 6.38 -19.78 27.45
CA GLN B 414 7.24 -18.92 28.25
C GLN B 414 7.62 -19.58 29.55
N SER B 415 6.64 -20.09 30.27
CA SER B 415 6.91 -20.76 31.53
C SER B 415 7.70 -22.04 31.31
N LEU B 416 7.51 -22.66 30.16
CA LEU B 416 8.22 -23.89 29.88
C LEU B 416 9.71 -23.65 29.71
N PHE B 417 10.07 -22.57 29.00
CA PHE B 417 11.48 -22.19 28.92
C PHE B 417 12.01 -21.75 30.26
N MET B 418 11.17 -21.24 31.13
CA MET B 418 11.65 -20.80 32.42
C MET B 418 12.05 -21.97 33.28
N LEU B 419 11.35 -23.08 33.17
CA LEU B 419 11.66 -24.21 34.02
C LEU B 419 12.88 -24.97 33.55
N VAL B 420 13.04 -25.09 32.23
CA VAL B 420 14.23 -25.72 31.67
C VAL B 420 15.46 -24.91 32.05
N SER B 421 15.31 -23.59 32.13
CA SER B 421 16.36 -22.75 32.67
C SER B 421 16.64 -23.04 34.12
N VAL B 422 15.66 -23.47 34.89
CA VAL B 422 15.92 -23.81 36.29
C VAL B 422 16.64 -25.14 36.39
N VAL B 423 16.25 -26.08 35.53
CA VAL B 423 16.86 -27.40 35.48
C VAL B 423 18.34 -27.31 35.18
N LEU B 424 18.69 -26.56 34.15
CA LEU B 424 20.09 -26.48 33.80
C LEU B 424 20.88 -25.61 34.74
N TYR B 425 20.21 -24.71 35.46
CA TYR B 425 20.93 -23.91 36.44
C TYR B 425 21.35 -24.73 37.64
N PHE B 426 20.62 -25.78 37.96
CA PHE B 426 21.09 -26.67 39.01
C PHE B 426 21.75 -27.91 38.48
N SER B 427 21.69 -28.19 37.18
CA SER B 427 22.51 -29.24 36.63
C SER B 427 23.83 -28.71 36.12
N GLN B 428 24.20 -27.52 36.55
CA GLN B 428 25.54 -26.93 36.49
C GLN B 428 26.02 -26.63 35.08
N ARG B 429 25.17 -26.65 34.07
CA ARG B 429 25.61 -26.38 32.73
C ARG B 429 25.22 -24.97 32.34
N LYS B 430 26.11 -24.26 31.65
CA LYS B 430 25.91 -22.84 31.37
C LYS B 430 24.83 -22.59 30.33
N GLU B 431 24.38 -23.60 29.63
CA GLU B 431 23.35 -23.44 28.61
C GLU B 431 21.99 -23.11 29.15
N TYR B 432 21.83 -22.86 30.45
CA TYR B 432 20.55 -22.42 30.97
C TYR B 432 20.18 -21.05 30.44
N VAL B 433 21.19 -20.22 30.12
CA VAL B 433 20.91 -18.84 29.81
C VAL B 433 20.34 -18.74 28.42
N ALA B 434 20.50 -19.76 27.60
CA ALA B 434 19.71 -19.86 26.39
C ALA B 434 18.23 -19.96 26.73
N SER B 435 17.88 -20.82 27.66
CA SER B 435 16.48 -20.98 28.02
C SER B 435 15.94 -19.80 28.78
N MET B 436 16.80 -19.11 29.52
CA MET B 436 16.36 -17.90 30.19
C MET B 436 16.01 -16.81 29.19
N VAL B 437 16.80 -16.72 28.13
CA VAL B 437 16.64 -15.66 27.15
C VAL B 437 15.35 -15.83 26.36
N PHE B 438 15.11 -17.03 25.84
CA PHE B 438 13.87 -17.26 25.12
C PHE B 438 12.67 -17.16 26.04
N SER B 439 12.85 -17.43 27.32
CA SER B 439 11.77 -17.18 28.25
C SER B 439 11.53 -15.72 28.47
N LEU B 440 12.49 -14.86 28.13
CA LEU B 440 12.35 -13.45 28.40
C LEU B 440 11.85 -12.69 27.20
N ALA B 441 12.32 -13.03 26.02
CA ALA B 441 11.81 -12.40 24.83
C ALA B 441 10.37 -12.82 24.57
N MET B 442 10.06 -14.08 24.84
CA MET B 442 8.68 -14.52 24.81
C MET B 442 7.85 -13.82 25.86
N GLY B 443 8.45 -13.45 26.98
CA GLY B 443 7.67 -12.88 28.06
C GLY B 443 7.25 -11.46 27.79
N TRP B 444 8.15 -10.65 27.24
CA TRP B 444 7.78 -9.28 26.92
C TRP B 444 6.80 -9.22 25.79
N THR B 445 6.91 -10.09 24.81
CA THR B 445 5.92 -10.08 23.75
C THR B 445 4.58 -10.63 24.19
N ASN B 446 4.50 -11.27 25.34
CA ASN B 446 3.20 -11.62 25.89
C ASN B 446 2.58 -10.49 26.65
N MET B 447 3.23 -9.36 26.72
CA MET B 447 2.58 -8.19 27.26
C MET B 447 1.68 -7.55 26.22
N LEU B 448 1.65 -8.08 25.01
CA LEU B 448 0.59 -7.72 24.07
C LEU B 448 -0.73 -8.37 24.40
N TYR B 449 -0.73 -9.39 25.26
CA TYR B 449 -1.97 -10.05 25.64
C TYR B 449 -2.93 -9.09 26.30
N TYR B 450 -2.43 -8.17 27.07
CA TYR B 450 -3.31 -7.27 27.79
C TYR B 450 -3.73 -6.08 26.95
N THR B 451 -3.49 -6.09 25.67
CA THR B 451 -4.06 -5.05 24.84
C THR B 451 -5.54 -5.23 24.63
N ARG B 452 -6.06 -6.44 24.81
CA ARG B 452 -7.49 -6.59 25.00
C ARG B 452 -7.87 -5.90 26.30
N GLY B 453 -9.06 -5.35 26.33
CA GLY B 453 -9.33 -4.39 27.37
C GLY B 453 -8.93 -2.99 27.01
N PHE B 454 -8.46 -2.77 25.79
CA PHE B 454 -8.31 -1.43 25.24
C PHE B 454 -8.67 -1.57 23.78
N GLN B 455 -9.86 -1.12 23.42
CA GLN B 455 -10.43 -1.45 22.12
C GLN B 455 -9.71 -0.75 20.98
N GLN B 456 -9.03 0.36 21.26
CA GLN B 456 -8.08 0.91 20.31
C GLN B 456 -6.96 -0.08 20.05
N MET B 457 -6.21 -0.41 21.09
CA MET B 457 -5.04 -1.27 20.98
C MET B 457 -5.43 -2.70 20.66
N GLY B 458 -6.59 -3.14 21.15
CA GLY B 458 -6.91 -4.56 21.13
C GLY B 458 -7.22 -5.08 19.75
N ILE B 459 -8.05 -4.36 19.00
CA ILE B 459 -8.38 -4.76 17.64
C ILE B 459 -7.14 -4.72 16.78
N TYR B 460 -6.25 -3.76 17.07
CA TYR B 460 -4.98 -3.64 16.40
C TYR B 460 -4.13 -4.88 16.62
N ALA B 461 -4.08 -5.37 17.85
CA ALA B 461 -3.23 -6.52 18.13
C ALA B 461 -3.82 -7.81 17.60
N VAL B 462 -5.10 -7.84 17.30
CA VAL B 462 -5.67 -9.02 16.68
C VAL B 462 -5.19 -9.15 15.25
N MET B 463 -5.09 -8.02 14.55
CA MET B 463 -4.56 -8.01 13.18
C MET B 463 -3.13 -8.50 13.13
N ILE B 464 -2.37 -8.22 14.17
CA ILE B 464 -1.00 -8.70 14.24
C ILE B 464 -0.99 -10.21 14.41
N GLU B 465 -1.98 -10.76 15.10
CA GLU B 465 -2.06 -12.22 15.16
C GLU B 465 -2.46 -12.82 13.84
N LYS B 466 -3.48 -12.27 13.19
CA LYS B 466 -4.02 -12.92 12.02
C LYS B 466 -3.16 -12.72 10.79
N MET B 467 -2.23 -11.78 10.83
CA MET B 467 -1.31 -11.67 9.72
C MET B 467 -0.15 -12.62 9.89
N ILE B 468 0.19 -12.97 11.11
CA ILE B 468 1.22 -13.98 11.31
C ILE B 468 0.71 -15.34 10.90
N LEU B 469 -0.47 -15.72 11.36
CA LEU B 469 -0.96 -17.05 11.05
C LEU B 469 -1.43 -17.21 9.61
N ARG B 470 -1.47 -16.13 8.83
CA ARG B 470 -1.79 -16.21 7.42
C ARG B 470 -0.63 -15.83 6.53
N ASP B 471 -0.01 -14.68 6.74
CA ASP B 471 1.05 -14.20 5.87
C ASP B 471 2.43 -14.47 6.44
N LEU B 472 2.60 -15.59 7.11
CA LEU B 472 3.95 -16.04 7.40
C LEU B 472 4.08 -17.49 7.00
N CYS B 473 3.00 -18.27 7.11
CA CYS B 473 3.09 -19.64 6.63
C CYS B 473 3.12 -19.69 5.12
N ARG B 474 2.58 -18.66 4.47
CA ARG B 474 2.54 -18.60 3.02
C ARG B 474 3.62 -17.70 2.44
N PHE B 475 3.98 -16.64 3.14
CA PHE B 475 5.06 -15.79 2.65
C PHE B 475 6.41 -16.46 2.84
N MET B 476 6.70 -16.91 4.05
CA MET B 476 8.03 -17.40 4.35
C MET B 476 8.33 -18.72 3.69
N PHE B 477 7.34 -19.43 3.17
CA PHE B 477 7.68 -20.54 2.30
C PHE B 477 8.26 -20.04 1.01
N VAL B 478 7.65 -19.03 0.40
CA VAL B 478 8.10 -18.54 -0.88
C VAL B 478 9.45 -17.88 -0.76
N TYR B 479 9.65 -17.14 0.32
CA TYR B 479 10.92 -16.47 0.53
C TYR B 479 12.04 -17.46 0.78
N LEU B 480 11.79 -18.49 1.56
CA LEU B 480 12.83 -19.47 1.82
C LEU B 480 13.16 -20.31 0.62
N VAL B 481 12.28 -20.38 -0.37
CA VAL B 481 12.66 -21.06 -1.59
C VAL B 481 13.71 -20.25 -2.33
N PHE B 482 13.43 -18.96 -2.56
CA PHE B 482 14.38 -18.12 -3.25
C PHE B 482 15.64 -17.89 -2.45
N LEU B 483 15.52 -17.82 -1.13
CA LEU B 483 16.72 -17.71 -0.31
C LEU B 483 17.58 -18.94 -0.47
N PHE B 484 17.05 -20.09 -0.06
CA PHE B 484 17.82 -21.32 -0.06
C PHE B 484 18.09 -21.82 -1.46
N GLY B 485 17.39 -21.30 -2.45
CA GLY B 485 17.76 -21.59 -3.81
C GLY B 485 19.02 -20.88 -4.20
N PHE B 486 18.98 -19.55 -4.21
CA PHE B 486 20.12 -18.77 -4.63
C PHE B 486 21.26 -18.83 -3.64
N SER B 487 21.00 -19.16 -2.38
CA SER B 487 22.09 -19.33 -1.46
C SER B 487 22.88 -20.56 -1.78
N THR B 488 22.24 -21.56 -2.36
CA THR B 488 22.97 -22.75 -2.74
C THR B 488 23.72 -22.53 -4.03
N ALA B 489 23.09 -21.84 -4.98
CA ALA B 489 23.71 -21.57 -6.25
C ALA B 489 24.91 -20.65 -6.12
N VAL B 490 25.00 -19.89 -5.05
CA VAL B 490 26.14 -19.02 -4.87
C VAL B 490 27.21 -19.66 -4.00
N VAL B 491 26.89 -20.74 -3.30
CA VAL B 491 27.94 -21.47 -2.61
C VAL B 491 28.84 -22.15 -3.62
N THR B 492 28.23 -22.93 -4.51
CA THR B 492 28.99 -23.78 -5.40
C THR B 492 29.79 -22.96 -6.39
N LEU B 493 29.37 -21.74 -6.64
CA LEU B 493 30.18 -20.85 -7.43
C LEU B 493 31.41 -20.39 -6.65
N ILE B 494 31.27 -20.20 -5.34
CA ILE B 494 32.40 -19.82 -4.52
C ILE B 494 33.34 -21.00 -4.37
N GLU B 495 34.60 -20.80 -4.78
CA GLU B 495 35.55 -21.89 -4.78
C GLU B 495 36.03 -22.21 -3.36
N ASP B 496 36.72 -21.27 -2.73
CA ASP B 496 37.16 -21.45 -1.36
C ASP B 496 37.25 -20.10 -0.69
N GLY B 497 37.42 -20.11 0.61
CA GLY B 497 37.47 -18.89 1.37
C GLY B 497 36.48 -18.89 2.50
N LYS B 498 36.13 -17.68 2.93
CA LYS B 498 35.31 -17.52 4.12
C LYS B 498 33.89 -17.97 3.88
N TYR B 499 33.31 -17.54 2.78
CA TYR B 499 31.90 -17.75 2.51
C TYR B 499 31.64 -19.04 1.80
N ASN B 500 32.57 -19.98 1.84
CA ASN B 500 32.33 -21.22 1.12
C ASN B 500 31.47 -22.17 1.92
N SER B 501 30.97 -21.78 3.08
CA SER B 501 29.98 -22.58 3.75
C SER B 501 28.59 -22.12 3.34
N LEU B 502 27.62 -22.99 3.58
CA LEU B 502 26.25 -22.67 3.21
C LEU B 502 25.69 -21.60 4.12
N TYR B 503 25.95 -21.71 5.41
CA TYR B 503 25.38 -20.78 6.37
C TYR B 503 25.92 -19.38 6.22
N SER B 504 27.22 -19.24 5.96
CA SER B 504 27.82 -17.92 5.94
C SER B 504 27.40 -17.12 4.74
N THR B 505 26.96 -17.78 3.67
CA THR B 505 26.41 -17.04 2.57
C THR B 505 24.90 -16.94 2.65
N CYS B 506 24.28 -17.74 3.51
CA CYS B 506 22.84 -17.62 3.64
C CYS B 506 22.50 -16.42 4.51
N LEU B 507 23.45 -15.97 5.32
CA LEU B 507 23.30 -14.65 5.92
C LEU B 507 23.51 -13.55 4.91
N GLU B 508 24.52 -13.70 4.06
CA GLU B 508 24.87 -12.63 3.15
C GLU B 508 23.79 -12.37 2.13
N LEU B 509 23.01 -13.37 1.79
CA LEU B 509 21.85 -13.09 0.99
C LEU B 509 20.67 -12.68 1.83
N PHE B 510 20.70 -12.95 3.11
CA PHE B 510 19.62 -12.47 3.94
C PHE B 510 19.77 -11.00 4.21
N LYS B 511 20.99 -10.49 4.18
CA LYS B 511 21.23 -9.08 4.43
C LYS B 511 20.65 -8.18 3.35
N PHE B 512 20.37 -8.73 2.17
CA PHE B 512 19.73 -7.91 1.14
C PHE B 512 18.32 -7.57 1.53
N THR B 513 17.66 -8.45 2.24
CA THR B 513 16.29 -8.21 2.65
C THR B 513 16.20 -7.09 3.67
N ILE B 514 17.15 -7.04 4.59
CA ILE B 514 17.22 -5.94 5.54
C ILE B 514 17.51 -4.64 4.82
N GLY B 515 18.59 -4.59 4.08
CA GLY B 515 18.98 -3.35 3.48
C GLY B 515 20.45 -3.18 3.70
N MET B 516 21.12 -4.25 4.09
CA MET B 516 22.56 -4.22 4.24
C MET B 516 23.26 -5.17 3.29
N GLY B 517 22.62 -5.51 2.19
CA GLY B 517 23.21 -6.48 1.27
C GLY B 517 24.38 -5.87 0.53
N ASP B 518 25.46 -6.63 0.43
CA ASP B 518 26.65 -6.20 -0.26
C ASP B 518 26.74 -6.95 -1.57
N LEU B 519 26.91 -6.21 -2.66
CA LEU B 519 26.98 -6.87 -3.95
C LEU B 519 28.36 -7.44 -4.20
N GLU B 520 29.39 -6.71 -3.82
CA GLU B 520 30.73 -7.25 -3.91
C GLU B 520 31.15 -7.68 -2.51
N PHE B 521 30.59 -8.79 -2.06
CA PHE B 521 30.95 -9.27 -0.74
C PHE B 521 31.96 -10.39 -0.78
N THR B 522 32.36 -10.82 -1.97
CA THR B 522 33.47 -11.74 -2.10
C THR B 522 34.07 -11.58 -3.48
N GLU B 523 35.26 -12.13 -3.65
CA GLU B 523 35.91 -12.13 -4.95
C GLU B 523 36.48 -13.48 -5.33
N ASN B 524 36.56 -14.43 -4.39
CA ASN B 524 37.25 -15.70 -4.63
C ASN B 524 36.34 -16.68 -5.35
N TYR B 525 36.19 -16.45 -6.65
CA TYR B 525 35.48 -17.33 -7.54
C TYR B 525 36.06 -17.18 -8.93
N ASP B 526 35.57 -18.00 -9.84
CA ASP B 526 35.64 -17.67 -11.25
C ASP B 526 34.28 -17.17 -11.70
N PHE B 527 34.23 -16.57 -12.89
CA PHE B 527 33.02 -16.17 -13.60
C PHE B 527 32.21 -15.15 -12.81
N LYS B 528 32.79 -13.95 -12.73
CA LYS B 528 32.16 -12.82 -12.04
C LYS B 528 30.79 -12.48 -12.60
N ALA B 529 30.62 -12.60 -13.91
CA ALA B 529 29.34 -12.32 -14.51
C ALA B 529 28.27 -13.29 -14.03
N VAL B 530 28.63 -14.53 -13.76
CA VAL B 530 27.69 -15.47 -13.21
C VAL B 530 27.29 -15.08 -11.81
N PHE B 531 28.26 -14.60 -11.04
CA PHE B 531 28.02 -14.24 -9.65
C PHE B 531 27.11 -13.05 -9.53
N ILE B 532 27.24 -12.08 -10.42
CA ILE B 532 26.45 -10.88 -10.22
C ILE B 532 25.16 -10.94 -11.01
N ILE B 533 25.01 -11.89 -11.92
CA ILE B 533 23.67 -12.17 -12.42
C ILE B 533 22.83 -12.77 -11.31
N LEU B 534 23.42 -13.67 -10.53
CA LEU B 534 22.67 -14.34 -9.48
C LEU B 534 22.26 -13.40 -8.37
N LEU B 535 23.11 -12.47 -7.99
CA LEU B 535 22.69 -11.50 -6.99
C LEU B 535 21.60 -10.61 -7.54
N LEU B 536 21.80 -10.12 -8.75
CA LEU B 536 20.77 -9.30 -9.38
C LEU B 536 19.52 -10.10 -9.69
N ALA B 537 19.63 -11.38 -9.98
CA ALA B 537 18.41 -12.16 -10.13
C ALA B 537 17.76 -12.39 -8.78
N TYR B 538 18.56 -12.40 -7.74
CA TYR B 538 17.98 -12.54 -6.41
C TYR B 538 17.34 -11.27 -5.96
N VAL B 539 18.04 -10.14 -6.09
CA VAL B 539 17.56 -8.88 -5.54
C VAL B 539 16.34 -8.38 -6.27
N ILE B 540 16.27 -8.59 -7.58
CA ILE B 540 15.07 -8.24 -8.34
C ILE B 540 13.91 -9.09 -7.87
N LEU B 541 14.15 -10.38 -7.64
CA LEU B 541 13.04 -11.26 -7.36
C LEU B 541 12.59 -11.18 -5.92
N THR B 542 13.49 -10.87 -5.00
CA THR B 542 13.03 -10.97 -3.63
C THR B 542 13.03 -9.65 -2.91
N TYR B 543 13.77 -8.66 -3.39
CA TYR B 543 13.84 -7.45 -2.61
C TYR B 543 12.89 -6.41 -3.13
N ILE B 544 12.79 -6.28 -4.45
CA ILE B 544 11.88 -5.30 -4.98
C ILE B 544 10.61 -5.93 -5.46
N LEU B 545 10.47 -7.24 -5.38
CA LEU B 545 9.27 -7.83 -5.93
C LEU B 545 8.48 -8.63 -4.91
N LEU B 546 9.10 -9.51 -4.13
CA LEU B 546 8.33 -10.17 -3.08
C LEU B 546 8.03 -9.23 -1.95
N LEU B 547 9.03 -8.47 -1.49
CA LEU B 547 8.78 -7.58 -0.37
C LEU B 547 7.87 -6.43 -0.70
N ASN B 548 7.63 -6.15 -1.97
CA ASN B 548 6.56 -5.23 -2.26
C ASN B 548 5.26 -5.96 -2.45
N MET B 549 5.32 -7.23 -2.84
CA MET B 549 4.10 -8.02 -2.95
C MET B 549 3.53 -8.33 -1.59
N LEU B 550 4.38 -8.32 -0.57
CA LEU B 550 3.89 -8.56 0.78
C LEU B 550 3.06 -7.39 1.24
N ILE B 551 3.51 -6.18 0.95
CA ILE B 551 2.81 -4.98 1.38
C ILE B 551 1.48 -4.87 0.68
N ALA B 552 1.40 -5.32 -0.56
CA ALA B 552 0.13 -5.36 -1.26
C ALA B 552 -0.81 -6.35 -0.61
N LEU B 553 -0.40 -7.60 -0.50
CA LEU B 553 -1.30 -8.63 -0.03
C LEU B 553 -1.60 -8.52 1.45
N MET B 554 -0.81 -7.80 2.22
CA MET B 554 -1.30 -7.40 3.52
C MET B 554 -2.46 -6.44 3.36
N GLY B 555 -2.27 -5.38 2.58
CA GLY B 555 -3.29 -4.35 2.46
C GLY B 555 -4.57 -4.82 1.80
N GLU B 556 -4.48 -5.77 0.88
CA GLU B 556 -5.70 -6.33 0.33
C GLU B 556 -6.40 -7.23 1.34
N THR B 557 -5.64 -7.83 2.24
CA THR B 557 -6.25 -8.63 3.29
C THR B 557 -6.53 -7.84 4.55
N VAL B 558 -6.15 -6.58 4.61
CA VAL B 558 -6.53 -5.77 5.75
C VAL B 558 -8.00 -5.45 5.72
N ASN B 559 -8.50 -5.06 4.55
CA ASN B 559 -9.87 -4.58 4.40
C ASN B 559 -10.86 -5.70 4.69
N LYS B 560 -10.50 -6.93 4.34
CA LYS B 560 -11.33 -8.07 4.70
C LYS B 560 -11.33 -8.30 6.20
N ILE B 561 -10.17 -8.18 6.84
CA ILE B 561 -10.09 -8.41 8.28
C ILE B 561 -10.63 -7.22 9.05
N ALA B 562 -10.78 -6.07 8.39
CA ALA B 562 -11.00 -4.78 9.04
C ALA B 562 -12.24 -4.75 9.92
N GLN B 563 -13.26 -5.51 9.54
CA GLN B 563 -14.43 -5.62 10.40
C GLN B 563 -14.43 -6.92 11.19
N GLU B 564 -13.90 -7.99 10.61
CA GLU B 564 -13.92 -9.29 11.27
C GLU B 564 -13.03 -9.33 12.49
N SER B 565 -11.94 -8.57 12.48
CA SER B 565 -11.04 -8.54 13.63
C SER B 565 -11.67 -7.83 14.81
N LYS B 566 -12.53 -6.85 14.54
CA LYS B 566 -13.27 -6.20 15.60
C LYS B 566 -14.18 -7.17 16.32
N ASN B 567 -14.74 -8.12 15.58
CA ASN B 567 -15.53 -9.18 16.20
C ASN B 567 -14.67 -10.11 17.01
N ILE B 568 -13.45 -10.40 16.56
CA ILE B 568 -12.59 -11.31 17.29
C ILE B 568 -12.09 -10.64 18.56
N TRP B 569 -11.97 -9.33 18.55
CA TRP B 569 -11.67 -8.61 19.79
C TRP B 569 -12.79 -8.76 20.80
N LYS B 570 -14.03 -8.57 20.33
CA LYS B 570 -15.20 -8.66 21.20
C LYS B 570 -15.27 -10.01 21.89
N LEU B 571 -14.93 -11.06 21.17
CA LEU B 571 -15.03 -12.39 21.76
C LEU B 571 -13.87 -12.65 22.69
N GLN B 572 -12.71 -12.04 22.46
CA GLN B 572 -11.60 -12.30 23.36
C GLN B 572 -11.79 -11.61 24.69
N ARG B 573 -12.49 -10.48 24.72
CA ARG B 573 -12.83 -9.89 26.00
C ARG B 573 -13.79 -10.79 26.76
N ALA B 574 -14.72 -11.41 26.03
CA ALA B 574 -15.72 -12.26 26.65
C ALA B 574 -15.11 -13.46 27.34
N ILE B 575 -14.02 -13.99 26.78
CA ILE B 575 -13.36 -15.13 27.40
C ILE B 575 -12.70 -14.71 28.70
N THR B 576 -12.09 -13.52 28.70
CA THR B 576 -11.49 -13.00 29.91
C THR B 576 -12.51 -12.73 30.98
N ILE B 577 -13.71 -12.34 30.58
CA ILE B 577 -14.77 -12.12 31.55
C ILE B 577 -15.21 -13.44 32.17
N LEU B 578 -15.37 -14.46 31.35
CA LEU B 578 -15.77 -15.75 31.90
C LEU B 578 -14.67 -16.41 32.69
N ASP B 579 -13.41 -16.16 32.32
CA ASP B 579 -12.31 -16.83 32.98
C ASP B 579 -12.12 -16.36 34.41
N THR B 580 -12.55 -15.15 34.71
CA THR B 580 -12.37 -14.63 36.06
C THR B 580 -13.45 -15.11 37.02
N GLU B 581 -14.65 -15.37 36.53
CA GLU B 581 -15.65 -15.93 37.42
C GLU B 581 -15.33 -17.37 37.77
N LYS B 582 -14.65 -18.08 36.88
CA LYS B 582 -14.09 -19.36 37.25
C LYS B 582 -12.93 -19.18 38.22
N SER B 583 -12.24 -18.05 38.16
CA SER B 583 -11.20 -17.78 39.15
C SER B 583 -11.81 -17.21 40.43
N PHE B 584 -12.44 -16.04 40.34
CA PHE B 584 -12.96 -15.35 41.52
C PHE B 584 -14.35 -15.91 41.86
N LEU B 585 -14.34 -17.16 42.30
CA LEU B 585 -15.55 -17.86 42.70
C LEU B 585 -15.75 -17.85 44.21
N LYS B 586 -14.66 -17.77 44.97
CA LYS B 586 -14.75 -17.73 46.42
C LYS B 586 -15.40 -16.44 46.92
N CYS B 587 -15.32 -15.37 46.13
CA CYS B 587 -16.08 -14.15 46.37
C CYS B 587 -17.03 -13.99 45.17
N MET B 588 -18.20 -14.64 45.26
CA MET B 588 -19.15 -14.67 44.16
C MET B 588 -20.42 -13.88 44.47
N ARG B 589 -20.29 -12.79 45.24
CA ARG B 589 -21.44 -11.94 45.50
C ARG B 589 -21.80 -11.11 44.28
N LYS B 590 -20.82 -10.77 43.46
CA LYS B 590 -21.06 -10.07 42.20
C LYS B 590 -21.20 -11.03 41.03
N ALA B 591 -21.34 -12.33 41.30
CA ALA B 591 -21.43 -13.31 40.22
C ALA B 591 -22.76 -13.24 39.50
N PHE B 592 -23.80 -12.79 40.19
CA PHE B 592 -25.04 -12.50 39.51
C PHE B 592 -24.93 -11.16 38.78
N ARG B 593 -25.84 -10.94 37.84
CA ARG B 593 -25.79 -9.75 37.00
C ARG B 593 -27.17 -9.12 36.91
N SER B 594 -27.30 -7.94 37.52
CA SER B 594 -28.38 -6.97 37.26
C SER B 594 -29.76 -7.51 37.63
N GLY B 595 -29.84 -8.19 38.76
CA GLY B 595 -31.14 -8.56 39.28
C GLY B 595 -31.29 -10.05 39.46
N LYS B 596 -31.91 -10.42 40.56
CA LYS B 596 -32.22 -11.80 40.86
C LYS B 596 -33.64 -11.99 41.36
N LEU B 597 -34.43 -10.92 41.49
CA LEU B 597 -35.67 -11.03 42.22
C LEU B 597 -36.79 -11.61 41.38
N LEU B 598 -37.29 -10.85 40.40
CA LEU B 598 -38.51 -11.23 39.69
C LEU B 598 -38.77 -10.23 38.57
N GLN B 599 -39.44 -10.73 37.51
CA GLN B 599 -40.13 -9.84 36.58
C GLN B 599 -41.42 -10.44 36.05
N VAL B 600 -41.86 -11.60 36.55
CA VAL B 600 -42.92 -12.35 35.90
C VAL B 600 -44.24 -12.14 36.64
N GLY B 601 -44.30 -12.61 37.89
CA GLY B 601 -45.50 -12.48 38.70
C GLY B 601 -46.73 -13.24 38.21
N PHE B 602 -46.54 -14.17 37.29
CA PHE B 602 -47.64 -14.92 36.69
C PHE B 602 -47.10 -16.21 36.09
N THR B 603 -47.75 -17.33 36.40
CA THR B 603 -47.37 -18.63 35.88
C THR B 603 -48.62 -19.48 35.83
N PRO B 604 -48.70 -20.44 34.90
CA PRO B 604 -49.84 -21.38 34.93
C PRO B 604 -49.81 -22.31 36.12
N ASP B 605 -48.63 -22.66 36.63
CA ASP B 605 -48.55 -23.53 37.79
C ASP B 605 -48.73 -22.79 39.11
N GLY B 606 -48.70 -21.46 39.10
CA GLY B 606 -48.93 -20.71 40.32
C GLY B 606 -48.27 -19.36 40.29
N LYS B 607 -47.67 -19.00 41.42
CA LYS B 607 -47.01 -17.71 41.57
C LYS B 607 -45.68 -17.70 40.82
N ASP B 608 -45.31 -16.52 40.33
CA ASP B 608 -44.02 -16.35 39.65
C ASP B 608 -43.39 -15.00 39.98
N ASP B 609 -43.68 -14.45 41.15
CA ASP B 609 -43.19 -13.15 41.57
C ASP B 609 -41.91 -13.24 42.40
N TYR B 610 -41.18 -14.36 42.34
CA TYR B 610 -39.95 -14.50 43.07
C TYR B 610 -38.86 -15.24 42.30
N ARG B 611 -39.05 -15.50 41.01
CA ARG B 611 -38.06 -16.27 40.25
C ARG B 611 -37.68 -15.57 38.95
N TRP B 612 -36.96 -16.30 38.10
CA TRP B 612 -36.55 -15.92 36.75
C TRP B 612 -35.60 -14.72 36.71
N CYS B 613 -34.98 -14.40 37.85
CA CYS B 613 -33.64 -13.78 38.03
C CYS B 613 -33.27 -12.76 36.94
N PHE B 614 -34.16 -11.79 36.75
CA PHE B 614 -34.18 -11.00 35.53
C PHE B 614 -33.02 -10.02 35.47
N ARG B 615 -32.71 -9.57 34.26
CA ARG B 615 -31.68 -8.56 34.03
C ARG B 615 -32.38 -7.29 33.58
N VAL B 616 -32.23 -6.23 34.34
CA VAL B 616 -32.79 -4.93 33.98
C VAL B 616 -31.99 -4.34 32.83
N ASP B 617 -32.67 -3.98 31.75
CA ASP B 617 -32.02 -3.34 30.61
C ASP B 617 -32.59 -1.96 30.37
N GLU B 618 -32.25 -1.34 29.25
CA GLU B 618 -32.82 -0.07 28.86
C GLU B 618 -32.76 0.02 27.33
N VAL B 619 -33.40 1.05 26.78
CA VAL B 619 -33.47 1.17 25.34
C VAL B 619 -33.42 2.63 24.88
N ASN B 620 -33.52 2.83 23.56
CA ASN B 620 -33.49 4.12 22.90
C ASN B 620 -34.89 4.48 22.41
N TRP B 621 -34.99 5.58 21.65
CA TRP B 621 -36.28 6.13 21.28
C TRP B 621 -36.89 5.41 20.07
N THR B 622 -36.21 5.48 18.92
CA THR B 622 -36.68 4.98 17.62
C THR B 622 -38.06 5.51 17.25
N THR B 623 -38.29 6.78 17.53
CA THR B 623 -39.60 7.46 17.46
C THR B 623 -40.68 6.70 18.22
N THR C 230 -17.23 28.13 -35.61
CA THR C 230 -18.49 27.41 -35.83
C THR C 230 -19.04 26.97 -34.49
N PRO C 231 -20.36 26.79 -34.41
CA PRO C 231 -20.93 26.18 -33.20
C PRO C 231 -20.50 24.76 -33.00
N LEU C 232 -20.10 24.05 -34.06
CA LEU C 232 -19.43 22.78 -33.88
C LEU C 232 -18.13 22.94 -33.11
N ALA C 233 -17.26 23.83 -33.60
CA ALA C 233 -15.98 24.04 -32.95
C ALA C 233 -16.16 24.66 -31.58
N LEU C 234 -17.18 25.50 -31.41
CA LEU C 234 -17.40 26.11 -30.11
C LEU C 234 -17.91 25.09 -29.12
N ALA C 235 -18.64 24.07 -29.59
CA ALA C 235 -19.02 22.99 -28.71
C ALA C 235 -17.81 22.17 -28.30
N ALA C 236 -16.83 22.07 -29.19
CA ALA C 236 -15.61 21.35 -28.86
C ALA C 236 -14.72 22.20 -27.96
N SER C 237 -14.46 23.45 -28.36
CA SER C 237 -13.54 24.33 -27.64
C SER C 237 -14.04 24.70 -26.26
N SER C 238 -15.33 24.57 -26.01
CA SER C 238 -15.84 24.68 -24.65
C SER C 238 -15.77 23.35 -23.92
N GLY C 239 -15.89 22.24 -24.63
CA GLY C 239 -15.97 20.96 -23.98
C GLY C 239 -17.36 20.48 -23.68
N LYS C 240 -18.36 21.00 -24.39
CA LYS C 240 -19.72 20.48 -24.23
C LYS C 240 -19.82 19.15 -24.95
N ILE C 241 -20.08 18.09 -24.20
CA ILE C 241 -19.75 16.75 -24.65
C ILE C 241 -20.89 16.07 -25.42
N GLY C 242 -22.14 16.31 -25.05
CA GLY C 242 -23.23 15.59 -25.67
C GLY C 242 -23.67 16.31 -26.92
N VAL C 243 -23.44 17.63 -26.91
CA VAL C 243 -23.74 18.47 -28.08
C VAL C 243 -22.93 18.00 -29.26
N LEU C 244 -21.66 17.73 -29.02
CA LEU C 244 -20.79 17.22 -30.07
C LEU C 244 -21.18 15.82 -30.49
N ALA C 245 -21.74 15.02 -29.58
CA ALA C 245 -22.27 13.72 -29.97
C ALA C 245 -23.52 13.87 -30.82
N TYR C 246 -24.30 14.92 -30.58
CA TYR C 246 -25.47 15.20 -31.39
C TYR C 246 -25.09 15.63 -32.81
N ILE C 247 -24.07 16.48 -32.92
CA ILE C 247 -23.75 17.06 -34.21
C ILE C 247 -23.11 16.03 -35.13
N LEU C 248 -22.19 15.25 -34.59
CA LEU C 248 -21.43 14.33 -35.42
C LEU C 248 -22.20 13.08 -35.78
N GLN C 249 -23.43 12.94 -35.32
CA GLN C 249 -24.17 11.71 -35.54
C GLN C 249 -25.63 11.96 -35.92
N ARG C 250 -25.97 13.12 -36.49
CA ARG C 250 -27.36 13.41 -36.76
C ARG C 250 -27.82 12.66 -38.01
N GLU C 251 -29.11 12.35 -38.05
CA GLU C 251 -29.65 11.46 -39.08
C GLU C 251 -30.92 12.05 -39.64
N ILE C 252 -31.05 12.03 -40.97
CA ILE C 252 -32.25 12.52 -41.63
C ILE C 252 -32.46 11.79 -42.95
N HIS C 253 -33.59 11.08 -43.06
CA HIS C 253 -34.03 10.48 -44.31
C HIS C 253 -35.27 11.24 -44.78
N GLU C 254 -35.04 12.36 -45.47
CA GLU C 254 -36.10 13.28 -45.83
C GLU C 254 -35.61 14.11 -47.00
N PRO C 255 -36.48 14.51 -47.93
CA PRO C 255 -36.05 15.41 -49.00
C PRO C 255 -35.68 16.78 -48.45
N GLU C 256 -34.67 17.38 -49.08
CA GLU C 256 -34.06 18.68 -48.70
C GLU C 256 -33.46 18.66 -47.30
N CYS C 257 -33.28 17.48 -46.72
CA CYS C 257 -32.80 17.34 -45.35
C CYS C 257 -31.78 16.22 -45.17
N ARG C 258 -31.65 15.30 -46.12
CA ARG C 258 -30.53 14.38 -46.11
C ARG C 258 -29.21 15.09 -46.39
N HIS C 259 -29.27 16.25 -47.05
CA HIS C 259 -28.11 17.13 -47.12
C HIS C 259 -27.86 17.85 -45.81
N LEU C 260 -28.83 17.86 -44.89
CA LEU C 260 -28.60 18.39 -43.56
C LEU C 260 -28.12 17.34 -42.57
N SER C 261 -28.24 16.05 -42.92
CA SER C 261 -27.82 14.99 -42.01
C SER C 261 -26.32 14.79 -42.05
N ARG C 262 -25.80 14.21 -40.95
CA ARG C 262 -24.39 13.87 -40.81
C ARG C 262 -24.14 12.38 -41.00
N LYS C 263 -24.71 11.55 -40.13
CA LYS C 263 -24.48 10.12 -40.14
C LYS C 263 -25.32 9.47 -41.24
N PHE C 264 -24.66 8.94 -42.25
CA PHE C 264 -25.32 8.35 -43.40
C PHE C 264 -25.20 6.84 -43.27
N THR C 265 -26.28 6.18 -42.83
CA THR C 265 -26.25 4.73 -42.63
C THR C 265 -26.53 4.05 -43.96
N GLU C 266 -25.59 4.17 -44.89
CA GLU C 266 -25.81 3.77 -46.27
C GLU C 266 -25.86 2.27 -46.47
N TRP C 267 -25.26 1.49 -45.58
CA TRP C 267 -25.34 0.04 -45.66
C TRP C 267 -25.90 -0.46 -44.33
N ALA C 268 -27.21 -0.41 -44.20
CA ALA C 268 -27.89 -0.99 -43.06
C ALA C 268 -28.27 -2.45 -43.32
N TYR C 269 -27.26 -3.27 -43.59
CA TYR C 269 -27.44 -4.68 -43.95
C TYR C 269 -27.71 -5.52 -42.70
N GLY C 270 -27.48 -6.83 -42.81
CA GLY C 270 -27.43 -7.69 -41.64
C GLY C 270 -26.43 -7.19 -40.61
N PRO C 271 -26.54 -7.69 -39.36
CA PRO C 271 -26.32 -6.87 -38.13
C PRO C 271 -25.24 -5.80 -38.12
N VAL C 272 -24.17 -5.96 -38.90
CA VAL C 272 -23.15 -4.92 -39.05
C VAL C 272 -23.77 -3.73 -39.77
N HIS C 273 -23.77 -2.58 -39.12
CA HIS C 273 -24.38 -1.36 -39.65
C HIS C 273 -23.29 -0.42 -40.14
N SER C 274 -22.88 -0.58 -41.39
CA SER C 274 -21.90 0.32 -41.98
C SER C 274 -22.52 1.70 -42.17
N SER C 275 -21.71 2.72 -41.90
CA SER C 275 -22.21 4.09 -41.86
C SER C 275 -21.13 5.01 -42.41
N LEU C 276 -21.54 6.16 -42.91
CA LEU C 276 -20.60 7.12 -43.47
C LEU C 276 -20.83 8.49 -42.86
N TYR C 277 -19.75 9.25 -42.68
CA TYR C 277 -19.72 10.45 -41.86
C TYR C 277 -19.16 11.62 -42.64
N ASP C 278 -19.86 12.77 -42.59
CA ASP C 278 -19.68 13.84 -43.57
C ASP C 278 -18.32 14.53 -43.46
N LEU C 279 -17.72 14.53 -42.27
CA LEU C 279 -16.29 14.78 -42.06
C LEU C 279 -15.85 16.18 -42.50
N SER C 280 -16.38 17.19 -41.82
CA SER C 280 -15.72 18.48 -41.80
C SER C 280 -14.84 18.63 -40.57
N CYS C 281 -14.54 17.51 -39.89
CA CYS C 281 -13.90 17.55 -38.59
C CYS C 281 -12.39 17.42 -38.69
N ILE C 282 -11.89 16.60 -39.61
CA ILE C 282 -10.45 16.44 -39.76
C ILE C 282 -9.84 17.72 -40.35
N ASP C 283 -8.56 17.94 -40.03
CA ASP C 283 -7.89 19.19 -40.34
C ASP C 283 -7.59 19.36 -41.82
N THR C 284 -7.62 18.29 -42.61
CA THR C 284 -7.45 18.43 -44.04
C THR C 284 -8.68 19.08 -44.68
N CYS C 285 -9.83 18.98 -44.00
CA CYS C 285 -11.04 19.59 -44.52
C CYS C 285 -11.07 21.09 -44.23
N GLU C 286 -11.07 21.47 -42.95
CA GLU C 286 -11.28 22.86 -42.59
C GLU C 286 -10.00 23.49 -42.06
N LYS C 287 -9.98 24.81 -42.10
CA LYS C 287 -9.02 25.59 -41.35
C LYS C 287 -9.60 25.90 -39.98
N ASN C 288 -8.75 25.82 -38.96
CA ASN C 288 -9.13 25.79 -37.54
C ASN C 288 -10.18 24.70 -37.30
N SER C 289 -9.80 23.48 -37.66
CA SER C 289 -10.70 22.35 -37.65
C SER C 289 -10.71 21.66 -36.29
N VAL C 290 -11.50 20.58 -36.20
CA VAL C 290 -12.06 20.16 -34.93
C VAL C 290 -11.04 19.46 -34.06
N LEU C 291 -10.23 18.58 -34.65
CA LEU C 291 -9.31 17.78 -33.84
C LEU C 291 -8.20 18.65 -33.29
N GLU C 292 -7.75 19.63 -34.08
CA GLU C 292 -6.80 20.60 -33.58
C GLU C 292 -7.39 21.44 -32.47
N VAL C 293 -8.71 21.65 -32.49
CA VAL C 293 -9.36 22.37 -31.40
C VAL C 293 -9.38 21.51 -30.14
N ILE C 294 -9.74 20.24 -30.26
CA ILE C 294 -9.85 19.38 -29.10
C ILE C 294 -8.47 19.08 -28.52
N ALA C 295 -7.48 18.93 -29.39
CA ALA C 295 -6.15 18.57 -28.91
C ALA C 295 -5.44 19.74 -28.24
N TYR C 296 -5.60 20.95 -28.75
CA TYR C 296 -4.73 22.03 -28.34
C TYR C 296 -5.39 22.89 -27.27
N SER C 297 -6.30 22.30 -26.50
CA SER C 297 -7.08 23.07 -25.55
C SER C 297 -6.26 23.40 -24.32
N SER C 298 -6.80 24.30 -23.50
CA SER C 298 -6.08 24.82 -22.35
C SER C 298 -6.17 23.92 -21.13
N SER C 299 -6.84 22.77 -21.24
CA SER C 299 -7.04 21.76 -20.18
C SER C 299 -7.80 22.30 -18.98
N GLU C 300 -8.44 23.46 -19.13
CA GLU C 300 -9.44 23.93 -18.19
C GLU C 300 -10.84 23.68 -18.73
N THR C 301 -10.95 22.89 -19.79
CA THR C 301 -12.23 22.56 -20.38
C THR C 301 -12.91 21.49 -19.57
N PRO C 302 -14.19 21.21 -19.86
CA PRO C 302 -14.96 20.27 -19.04
C PRO C 302 -14.45 18.85 -19.09
N ASN C 303 -14.45 18.26 -20.28
CA ASN C 303 -13.85 16.94 -20.43
C ASN C 303 -13.20 16.92 -21.81
N ARG C 304 -11.94 17.35 -21.87
CA ARG C 304 -11.21 17.25 -23.12
C ARG C 304 -10.79 15.82 -23.37
N HIS C 305 -10.70 15.02 -22.31
CA HIS C 305 -10.25 13.66 -22.41
C HIS C 305 -11.39 12.72 -22.73
N ASP C 306 -12.57 13.24 -23.00
CA ASP C 306 -13.73 12.43 -23.34
C ASP C 306 -14.31 12.79 -24.70
N MET C 307 -13.98 13.96 -25.24
CA MET C 307 -14.46 14.32 -26.55
C MET C 307 -13.76 13.58 -27.67
N LEU C 308 -12.67 12.88 -27.38
CA LEU C 308 -12.09 12.01 -28.39
C LEU C 308 -12.74 10.65 -28.41
N LEU C 309 -13.64 10.37 -27.48
CA LEU C 309 -14.28 9.07 -27.43
C LEU C 309 -15.50 8.99 -28.33
N VAL C 310 -15.83 10.08 -29.03
CA VAL C 310 -17.03 10.10 -29.85
C VAL C 310 -16.79 9.36 -31.15
N GLU C 311 -17.68 8.41 -31.45
CA GLU C 311 -17.61 7.37 -32.46
C GLU C 311 -17.02 7.71 -33.83
N PRO C 312 -17.25 8.88 -34.44
CA PRO C 312 -16.54 9.14 -35.70
C PRO C 312 -15.06 9.38 -35.49
N LEU C 313 -14.71 10.15 -34.47
CA LEU C 313 -13.31 10.47 -34.24
C LEU C 313 -12.55 9.27 -33.71
N ASN C 314 -13.18 8.53 -32.80
CA ASN C 314 -12.50 7.57 -31.95
C ASN C 314 -11.99 6.37 -32.73
N ARG C 315 -12.48 6.17 -33.95
CA ARG C 315 -11.87 5.22 -34.86
C ARG C 315 -11.14 5.89 -35.99
N LEU C 316 -11.32 7.20 -36.19
CA LEU C 316 -10.60 7.88 -37.26
C LEU C 316 -9.13 8.00 -36.91
N LEU C 317 -8.83 8.33 -35.66
CA LEU C 317 -7.45 8.33 -35.22
C LEU C 317 -6.90 6.92 -35.19
N GLN C 318 -7.71 5.98 -34.74
CA GLN C 318 -7.34 4.57 -34.73
C GLN C 318 -7.06 4.05 -36.13
N ASP C 319 -7.78 4.57 -37.12
CA ASP C 319 -7.41 4.28 -38.49
C ASP C 319 -6.10 4.93 -38.85
N LYS C 320 -5.97 6.24 -38.59
CA LYS C 320 -4.78 6.98 -39.00
C LYS C 320 -3.53 6.46 -38.33
N TRP C 321 -3.66 5.93 -37.11
CA TRP C 321 -2.49 5.37 -36.45
C TRP C 321 -2.09 4.08 -37.13
N ASP C 322 -2.98 3.09 -37.10
CA ASP C 322 -2.70 1.76 -37.61
C ASP C 322 -2.49 1.71 -39.12
N ARG C 323 -2.84 2.76 -39.85
CA ARG C 323 -2.55 2.83 -41.26
C ARG C 323 -1.31 3.66 -41.55
N PHE C 324 -1.19 4.82 -40.94
CA PHE C 324 -0.23 5.80 -41.42
C PHE C 324 0.87 6.13 -40.42
N VAL C 325 0.54 6.59 -39.21
CA VAL C 325 1.53 7.27 -38.40
C VAL C 325 2.26 6.33 -37.46
N LYS C 326 1.71 5.13 -37.22
CA LYS C 326 2.44 4.12 -36.45
C LYS C 326 3.74 3.71 -37.13
N ARG C 327 3.79 3.79 -38.46
CA ARG C 327 5.04 3.55 -39.16
C ARG C 327 6.04 4.65 -38.87
N ILE C 328 5.65 5.91 -39.02
CA ILE C 328 6.61 6.98 -38.86
C ILE C 328 6.93 7.24 -37.39
N PHE C 329 6.05 6.85 -36.48
CA PHE C 329 6.34 7.05 -35.07
C PHE C 329 7.40 6.10 -34.59
N TYR C 330 7.34 4.85 -35.02
CA TYR C 330 8.41 3.91 -34.72
C TYR C 330 9.72 4.33 -35.36
N PHE C 331 9.67 5.09 -36.44
CA PHE C 331 10.89 5.54 -37.08
C PHE C 331 11.63 6.53 -36.21
N ASN C 332 10.92 7.54 -35.70
CA ASN C 332 11.59 8.57 -34.91
C ASN C 332 12.14 8.01 -33.62
N PHE C 333 11.42 7.09 -33.00
CA PHE C 333 11.92 6.42 -31.83
C PHE C 333 13.09 5.50 -32.17
N PHE C 334 13.16 5.01 -33.40
CA PHE C 334 14.39 4.35 -33.79
C PHE C 334 15.51 5.34 -34.01
N VAL C 335 15.20 6.53 -34.50
CA VAL C 335 16.23 7.54 -34.68
C VAL C 335 16.71 8.03 -33.34
N TYR C 336 15.77 8.35 -32.45
CA TYR C 336 16.13 8.96 -31.19
C TYR C 336 16.89 8.01 -30.30
N CYS C 337 16.61 6.72 -30.40
CA CYS C 337 17.44 5.76 -29.69
C CYS C 337 18.84 5.72 -30.25
N LEU C 338 19.01 5.93 -31.55
CA LEU C 338 20.35 6.05 -32.08
C LEU C 338 20.94 7.42 -31.88
N TYR C 339 20.11 8.42 -31.61
CA TYR C 339 20.66 9.71 -31.26
C TYR C 339 21.31 9.67 -29.91
N MET C 340 20.69 8.99 -28.97
CA MET C 340 21.24 9.02 -27.62
C MET C 340 22.46 8.15 -27.49
N ILE C 341 22.51 7.03 -28.22
CA ILE C 341 23.66 6.15 -28.15
C ILE C 341 24.90 6.83 -28.70
N ILE C 342 24.73 7.63 -29.75
CA ILE C 342 25.86 8.40 -30.23
C ILE C 342 26.24 9.47 -29.23
N PHE C 343 25.24 10.17 -28.68
CA PHE C 343 25.53 11.21 -27.72
C PHE C 343 26.06 10.64 -26.41
N THR C 344 25.71 9.40 -26.11
CA THR C 344 26.33 8.71 -24.99
C THR C 344 27.81 8.47 -25.24
N ALA C 345 28.13 7.82 -26.35
CA ALA C 345 29.50 7.41 -26.59
C ALA C 345 30.40 8.60 -26.90
N ALA C 346 29.83 9.67 -27.44
CA ALA C 346 30.61 10.88 -27.62
C ALA C 346 30.96 11.51 -26.30
N ALA C 347 30.12 11.33 -25.30
CA ALA C 347 30.46 11.87 -24.01
C ALA C 347 31.31 10.91 -23.19
N TYR C 348 31.09 9.61 -23.38
CA TYR C 348 31.82 8.63 -22.59
C TYR C 348 33.29 8.63 -22.93
N TYR C 349 33.64 8.98 -24.16
CA TYR C 349 35.02 9.05 -24.59
C TYR C 349 35.47 10.48 -24.79
N ARG C 350 35.08 11.37 -23.90
CA ARG C 350 35.61 12.71 -23.97
C ARG C 350 37.06 12.69 -23.51
N PRO C 351 37.88 13.62 -23.97
CA PRO C 351 39.28 13.65 -23.53
C PRO C 351 39.42 14.24 -22.15
N VAL C 352 40.43 13.75 -21.45
CA VAL C 352 40.63 14.12 -20.06
C VAL C 352 41.55 15.33 -19.90
N GLU C 353 42.35 15.64 -20.92
CA GLU C 353 43.33 16.72 -20.83
C GLU C 353 42.63 18.06 -20.75
N GLY C 354 43.30 19.03 -20.12
CA GLY C 354 42.68 20.30 -19.83
C GLY C 354 42.49 21.16 -21.06
N LEU C 355 41.91 22.35 -20.82
CA LEU C 355 41.75 23.43 -21.77
C LEU C 355 41.00 23.03 -23.05
N PRO C 356 39.67 22.97 -23.01
CA PRO C 356 38.90 22.84 -24.26
C PRO C 356 39.11 24.03 -25.16
N PRO C 357 38.84 23.91 -26.46
CA PRO C 357 38.52 22.74 -27.28
C PRO C 357 39.78 21.93 -27.53
N TYR C 358 39.68 20.89 -28.35
CA TYR C 358 40.76 19.94 -28.46
C TYR C 358 41.06 19.66 -29.91
N LYS C 359 42.34 19.63 -30.24
CA LYS C 359 42.76 19.28 -31.60
C LYS C 359 42.53 17.79 -31.81
N LEU C 360 41.83 17.46 -32.88
CA LEU C 360 41.55 16.06 -33.18
C LEU C 360 42.83 15.37 -33.64
N LYS C 361 43.13 14.25 -33.02
CA LYS C 361 44.32 13.49 -33.39
C LYS C 361 44.10 12.82 -34.74
N ASN C 362 45.21 12.53 -35.43
CA ASN C 362 45.15 11.91 -36.73
C ASN C 362 44.83 10.43 -36.69
N THR C 363 44.75 9.84 -35.50
CA THR C 363 44.35 8.45 -35.37
C THR C 363 42.89 8.31 -35.77
N VAL C 364 42.56 7.14 -36.33
CA VAL C 364 41.21 6.94 -36.87
C VAL C 364 40.16 6.76 -35.81
N GLY C 365 40.55 6.67 -34.54
CA GLY C 365 39.58 6.49 -33.48
C GLY C 365 38.76 7.74 -33.24
N ASP C 366 39.41 8.86 -32.99
CA ASP C 366 38.68 10.04 -32.55
C ASP C 366 37.99 10.78 -33.69
N TYR C 367 38.12 10.34 -34.94
CA TYR C 367 37.23 10.87 -35.95
C TYR C 367 35.80 10.45 -35.67
N PHE C 368 35.62 9.22 -35.17
CA PHE C 368 34.32 8.80 -34.68
C PHE C 368 33.85 9.65 -33.53
N ARG C 369 34.79 10.09 -32.69
CA ARG C 369 34.44 11.01 -31.61
C ARG C 369 33.95 12.35 -32.17
N VAL C 370 34.68 12.90 -33.14
CA VAL C 370 34.34 14.22 -33.65
C VAL C 370 33.05 14.17 -34.45
N THR C 371 32.85 13.10 -35.22
CA THR C 371 31.56 12.92 -35.87
C THR C 371 30.48 12.68 -34.85
N GLY C 372 30.79 11.92 -33.81
CA GLY C 372 29.84 11.74 -32.73
C GLY C 372 29.55 13.01 -31.99
N GLU C 373 30.52 13.90 -31.90
CA GLU C 373 30.27 15.18 -31.26
C GLU C 373 29.36 16.04 -32.11
N ILE C 374 29.61 16.09 -33.41
CA ILE C 374 28.87 17.03 -34.25
C ILE C 374 27.48 16.49 -34.58
N LEU C 375 27.31 15.17 -34.62
CA LEU C 375 25.97 14.60 -34.73
C LEU C 375 25.13 14.94 -33.53
N SER C 376 25.73 14.90 -32.34
CA SER C 376 24.96 15.12 -31.13
C SER C 376 24.60 16.58 -30.95
N VAL C 377 25.42 17.48 -31.46
CA VAL C 377 25.05 18.89 -31.42
C VAL C 377 23.90 19.15 -32.37
N SER C 378 23.86 18.41 -33.47
CA SER C 378 22.81 18.59 -34.47
C SER C 378 21.45 18.26 -33.90
N GLY C 379 21.39 17.27 -33.02
CA GLY C 379 20.16 17.02 -32.30
C GLY C 379 19.82 18.14 -31.35
N GLY C 380 20.82 18.77 -30.76
CA GLY C 380 20.56 19.93 -29.94
C GLY C 380 20.10 21.11 -30.75
N VAL C 381 20.49 21.17 -32.02
CA VAL C 381 19.98 22.22 -32.89
C VAL C 381 18.54 21.91 -33.27
N TYR C 382 18.27 20.65 -33.63
CA TYR C 382 16.97 20.27 -34.13
C TYR C 382 15.90 20.40 -33.07
N PHE C 383 16.19 19.96 -31.86
CA PHE C 383 15.23 20.09 -30.77
C PHE C 383 15.11 21.52 -30.29
N PHE C 384 16.05 22.38 -30.68
CA PHE C 384 15.94 23.77 -30.30
C PHE C 384 14.89 24.48 -31.14
N PHE C 385 14.98 24.35 -32.46
CA PHE C 385 14.00 25.00 -33.32
C PHE C 385 12.65 24.35 -33.19
N ARG C 386 12.62 23.02 -33.12
CA ARG C 386 11.36 22.33 -33.02
C ARG C 386 10.69 22.59 -31.68
N GLY C 387 11.49 22.89 -30.67
CA GLY C 387 10.91 23.40 -29.44
C GLY C 387 10.37 24.80 -29.59
N ILE C 388 11.05 25.62 -30.39
CA ILE C 388 10.58 26.99 -30.59
C ILE C 388 9.37 27.02 -31.51
N GLN C 389 9.47 26.39 -32.68
CA GLN C 389 8.37 26.44 -33.63
C GLN C 389 7.16 25.67 -33.16
N TYR C 390 7.30 24.82 -32.15
CA TYR C 390 6.17 24.49 -31.31
C TYR C 390 5.60 25.74 -30.67
N PHE C 391 6.39 26.38 -29.81
CA PHE C 391 5.88 27.47 -28.98
C PHE C 391 5.56 28.72 -29.78
N LEU C 392 6.23 28.93 -30.91
CA LEU C 392 5.89 30.05 -31.76
C LEU C 392 4.52 29.91 -32.41
N GLN C 393 3.94 28.71 -32.41
CA GLN C 393 2.56 28.53 -32.80
C GLN C 393 1.60 28.81 -31.65
N ARG C 394 1.65 27.99 -30.61
CA ARG C 394 0.50 27.90 -29.73
C ARG C 394 0.50 28.94 -28.64
N ARG C 395 1.68 29.26 -28.10
CA ARG C 395 1.91 30.20 -27.01
C ARG C 395 1.05 29.81 -25.80
N PRO C 396 1.44 28.78 -25.05
CA PRO C 396 0.64 28.37 -23.89
C PRO C 396 0.72 29.31 -22.69
N SER C 397 1.47 30.41 -22.79
CA SER C 397 1.40 31.57 -21.88
C SER C 397 1.80 31.23 -20.45
N LEU C 398 2.75 30.29 -20.30
CA LEU C 398 3.51 30.04 -19.08
C LEU C 398 2.72 29.44 -17.93
N LYS C 399 1.41 29.27 -18.09
CA LYS C 399 0.58 28.59 -17.11
C LYS C 399 0.05 27.27 -17.62
N SER C 400 -0.34 27.22 -18.90
CA SER C 400 -0.65 25.98 -19.57
C SER C 400 0.60 25.23 -20.01
N LEU C 401 1.76 25.89 -19.93
CA LEU C 401 3.04 25.35 -20.39
C LEU C 401 3.43 24.09 -19.64
N PHE C 402 3.70 24.22 -18.34
CA PHE C 402 4.04 23.07 -17.54
C PHE C 402 2.82 22.22 -17.22
N VAL C 403 1.63 22.77 -17.40
CA VAL C 403 0.41 22.07 -17.00
C VAL C 403 0.11 20.93 -17.93
N ASP C 404 0.04 21.20 -19.24
CA ASP C 404 -0.33 20.20 -20.22
C ASP C 404 0.79 19.86 -21.18
N SER C 405 1.61 20.83 -21.56
CA SER C 405 2.67 20.63 -22.54
C SER C 405 3.98 20.22 -21.88
N TYR C 406 3.89 19.66 -20.69
CA TYR C 406 5.01 18.97 -20.08
C TYR C 406 5.43 17.81 -20.96
N SER C 407 6.72 17.46 -20.88
CA SER C 407 7.40 16.55 -21.80
C SER C 407 7.33 17.03 -23.23
N GLU C 408 7.35 18.34 -23.40
CA GLU C 408 7.71 18.97 -24.65
C GLU C 408 8.65 20.08 -24.25
N ILE C 409 8.52 20.50 -22.99
CA ILE C 409 9.50 21.38 -22.39
C ILE C 409 10.82 20.64 -22.25
N LEU C 410 10.75 19.37 -21.87
CA LEU C 410 11.95 18.62 -21.52
C LEU C 410 12.85 18.41 -22.71
N PHE C 411 12.27 18.22 -23.89
CA PHE C 411 13.11 18.18 -25.08
C PHE C 411 13.70 19.54 -25.39
N PHE C 412 13.03 20.60 -25.01
CA PHE C 412 13.65 21.89 -25.24
C PHE C 412 14.75 22.15 -24.23
N VAL C 413 14.52 21.75 -22.98
CA VAL C 413 15.51 21.97 -21.94
C VAL C 413 16.74 21.10 -22.17
N GLN C 414 16.54 19.90 -22.69
CA GLN C 414 17.66 19.05 -23.08
C GLN C 414 18.52 19.71 -24.14
N SER C 415 17.90 20.22 -25.18
CA SER C 415 18.65 20.90 -26.23
C SER C 415 19.27 22.18 -25.73
N LEU C 416 18.63 22.81 -24.75
CA LEU C 416 19.16 24.05 -24.21
C LEU C 416 20.46 23.80 -23.47
N PHE C 417 20.52 22.74 -22.67
CA PHE C 417 21.78 22.38 -22.03
C PHE C 417 22.82 21.94 -23.04
N MET C 418 22.38 21.42 -24.18
CA MET C 418 23.35 20.98 -25.16
C MET C 418 24.05 22.16 -25.80
N LEU C 419 23.35 23.27 -25.98
CA LEU C 419 23.95 24.41 -26.66
C LEU C 419 24.88 25.17 -25.73
N VAL C 420 24.50 25.30 -24.45
CA VAL C 420 25.37 25.93 -23.47
C VAL C 420 26.65 25.14 -23.32
N SER C 421 26.56 23.82 -23.45
CA SER C 421 27.74 22.99 -23.53
C SER C 421 28.59 23.28 -24.75
N VAL C 422 27.99 23.70 -25.86
CA VAL C 422 28.78 24.05 -27.03
C VAL C 422 29.46 25.38 -26.84
N VAL C 423 28.74 26.32 -26.22
CA VAL C 423 29.27 27.65 -25.94
C VAL C 423 30.51 27.57 -25.07
N LEU C 424 30.44 26.82 -23.98
CA LEU C 424 31.57 26.77 -23.09
C LEU C 424 32.70 25.91 -23.65
N TYR C 425 32.37 25.00 -24.56
CA TYR C 425 33.42 24.20 -25.18
C TYR C 425 34.28 25.02 -26.11
N PHE C 426 33.73 26.08 -26.70
CA PHE C 426 34.57 26.97 -27.48
C PHE C 426 34.95 28.23 -26.74
N SER C 427 34.38 28.49 -25.57
CA SER C 427 34.90 29.56 -24.75
C SER C 427 35.91 29.04 -23.75
N GLN C 428 36.44 27.84 -23.98
CA GLN C 428 37.64 27.28 -23.39
C GLN C 428 37.54 26.97 -21.91
N ARG C 429 36.35 27.00 -21.33
CA ARG C 429 36.22 26.72 -19.91
C ARG C 429 35.71 25.30 -19.72
N LYS C 430 36.27 24.61 -18.72
CA LYS C 430 35.99 23.18 -18.53
C LYS C 430 34.59 22.92 -18.02
N GLU C 431 33.89 23.93 -17.56
CA GLU C 431 32.54 23.75 -17.03
C GLU C 431 31.52 23.41 -18.06
N TYR C 432 31.88 23.14 -19.32
CA TYR C 432 30.92 22.70 -20.30
C TYR C 432 30.39 21.33 -19.96
N VAL C 433 31.20 20.51 -19.27
CA VAL C 433 30.84 19.12 -19.09
C VAL C 433 29.75 19.01 -18.04
N ALA C 434 29.56 20.05 -17.23
CA ALA C 434 28.35 20.13 -16.43
C ALA C 434 27.13 20.21 -17.33
N SER C 435 27.18 21.06 -18.33
CA SER C 435 26.03 21.22 -19.21
C SER C 435 25.85 20.02 -20.12
N MET C 436 26.94 19.35 -20.46
CA MET C 436 26.81 18.13 -21.25
C MET C 436 26.11 17.05 -20.46
N VAL C 437 26.41 16.95 -19.17
CA VAL C 437 25.88 15.89 -18.34
C VAL C 437 24.38 16.04 -18.11
N PHE C 438 23.94 17.25 -17.75
CA PHE C 438 22.52 17.46 -17.57
C PHE C 438 21.79 17.36 -18.90
N SER C 439 22.46 17.62 -20.00
CA SER C 439 21.84 17.37 -21.29
C SER C 439 21.72 15.89 -21.58
N LEU C 440 22.47 15.06 -20.88
CA LEU C 440 22.48 13.64 -21.18
C LEU C 440 21.54 12.87 -20.28
N ALA C 441 21.50 13.22 -19.01
CA ALA C 441 20.56 12.57 -18.11
C ALA C 441 19.14 12.98 -18.45
N MET C 442 18.95 14.24 -18.83
CA MET C 442 17.66 14.67 -19.36
C MET C 442 17.32 13.95 -20.64
N GLY C 443 18.32 13.59 -21.43
CA GLY C 443 18.05 13.02 -22.73
C GLY C 443 17.57 11.59 -22.64
N TRP C 444 18.19 10.80 -21.78
CA TRP C 444 17.74 9.42 -21.63
C TRP C 444 16.38 9.34 -20.98
N THR C 445 16.09 10.22 -20.04
CA THR C 445 14.76 10.20 -19.46
C THR C 445 13.69 10.72 -20.40
N ASN C 446 14.07 11.37 -21.49
CA ASN C 446 13.10 11.71 -22.51
C ASN C 446 12.84 10.57 -23.45
N MET C 447 13.48 9.44 -23.25
CA MET C 447 13.11 8.27 -24.00
C MET C 447 11.87 7.62 -23.41
N LEU C 448 11.35 8.15 -22.31
CA LEU C 448 10.02 7.78 -21.86
C LEU C 448 8.93 8.41 -22.69
N TYR C 449 9.26 9.44 -23.47
CA TYR C 449 8.27 10.07 -24.32
C TYR C 449 7.66 9.12 -25.31
N TYR C 450 8.44 8.19 -25.83
CA TYR C 450 7.93 7.29 -26.82
C TYR C 450 7.22 6.10 -26.23
N THR C 451 6.93 6.11 -24.95
CA THR C 451 6.08 5.06 -24.42
C THR C 451 4.65 5.22 -24.82
N ARG C 452 4.23 6.43 -25.19
CA ARG C 452 2.99 6.56 -25.93
C ARG C 452 3.16 5.87 -27.26
N GLY C 453 2.08 5.30 -27.77
CA GLY C 453 2.26 4.34 -28.82
C GLY C 453 2.50 2.95 -28.33
N PHE C 454 2.46 2.72 -27.03
CA PHE C 454 2.39 1.38 -26.46
C PHE C 454 1.48 1.52 -25.26
N GLN C 455 0.24 1.07 -25.41
CA GLN C 455 -0.80 1.39 -24.43
C GLN C 455 -0.58 0.70 -23.10
N GLN C 456 0.16 -0.42 -23.09
CA GLN C 456 0.66 -0.96 -21.83
C GLN C 456 1.58 0.05 -21.15
N MET C 457 2.68 0.39 -21.82
CA MET C 457 3.69 1.27 -21.24
C MET C 457 3.20 2.69 -21.12
N GLY C 458 2.32 3.11 -22.03
CA GLY C 458 2.01 4.53 -22.14
C GLY C 458 1.17 5.04 -21.00
N ILE C 459 0.12 4.31 -20.64
CA ILE C 459 -0.73 4.70 -19.52
C ILE C 459 0.07 4.67 -18.24
N TYR C 460 1.00 3.72 -18.15
CA TYR C 460 1.90 3.63 -17.02
C TYR C 460 2.76 4.87 -16.89
N ALA C 461 3.29 5.36 -18.00
CA ALA C 461 4.17 6.52 -17.93
C ALA C 461 3.41 7.81 -17.69
N VAL C 462 2.10 7.82 -17.91
CA VAL C 462 1.32 9.00 -17.57
C VAL C 462 1.19 9.13 -16.07
N MET C 463 1.02 8.00 -15.38
CA MET C 463 0.96 8.00 -13.93
C MET C 463 2.25 8.50 -13.31
N ILE C 464 3.37 8.22 -13.96
CA ILE C 464 4.64 8.73 -13.48
C ILE C 464 4.71 10.24 -13.63
N GLU C 465 4.06 10.78 -14.67
CA GLU C 465 4.01 12.24 -14.75
C GLU C 465 3.09 12.83 -13.70
N LYS C 466 1.91 12.27 -13.51
CA LYS C 466 0.94 12.91 -12.65
C LYS C 466 1.24 12.72 -11.19
N MET C 467 2.12 11.77 -10.85
CA MET C 467 2.53 11.68 -9.46
C MET C 467 3.65 12.65 -9.16
N ILE C 468 4.45 13.00 -10.15
CA ILE C 468 5.46 14.02 -9.92
C ILE C 468 4.82 15.38 -9.75
N LEU C 469 3.91 15.75 -10.64
CA LEU C 469 3.31 17.07 -10.56
C LEU C 469 2.31 17.21 -9.43
N ARG C 470 1.99 16.14 -8.73
CA ARG C 470 1.12 16.23 -7.56
C ARG C 470 1.84 15.85 -6.27
N ASP C 471 2.50 14.70 -6.23
CA ASP C 471 3.14 14.23 -5.00
C ASP C 471 4.62 14.52 -4.98
N LEU C 472 5.04 15.64 -5.53
CA LEU C 472 6.38 16.10 -5.25
C LEU C 472 6.32 17.56 -4.85
N CYS C 473 5.38 18.33 -5.38
CA CYS C 473 5.25 19.70 -4.90
C CYS C 473 4.68 19.73 -3.51
N ARG C 474 3.94 18.71 -3.12
CA ARG C 474 3.33 18.65 -1.81
C ARG C 474 4.09 17.76 -0.85
N PHE C 475 4.71 16.69 -1.34
CA PHE C 475 5.52 15.87 -0.45
C PHE C 475 6.82 16.56 -0.09
N MET C 476 7.57 17.00 -1.10
CA MET C 476 8.89 17.51 -0.84
C MET C 476 8.90 18.83 -0.12
N PHE C 477 7.78 19.53 -0.05
CA PHE C 477 7.73 20.64 0.88
C PHE C 477 7.75 20.15 2.31
N VAL C 478 6.97 19.13 2.62
CA VAL C 478 6.87 18.64 3.98
C VAL C 478 8.17 17.99 4.41
N TYR C 479 8.79 17.26 3.50
CA TYR C 479 10.05 16.60 3.82
C TYR C 479 11.16 17.61 4.03
N LEU C 480 11.23 18.64 3.21
CA LEU C 480 12.28 19.62 3.38
C LEU C 480 12.09 20.47 4.61
N VAL C 481 10.91 20.53 5.17
CA VAL C 481 10.75 21.21 6.44
C VAL C 481 11.43 20.41 7.54
N PHE C 482 11.10 19.12 7.63
CA PHE C 482 11.70 18.28 8.65
C PHE C 482 13.18 18.07 8.41
N LEU C 483 13.59 18.00 7.16
CA LEU C 483 15.02 17.92 6.88
C LEU C 483 15.73 19.16 7.37
N PHE C 484 15.39 20.28 6.78
CA PHE C 484 16.09 21.53 7.08
C PHE C 484 15.77 22.03 8.47
N GLY C 485 14.75 21.51 9.12
CA GLY C 485 14.55 21.79 10.51
C GLY C 485 15.56 21.09 11.36
N PHE C 486 15.52 19.77 11.36
CA PHE C 486 16.41 19.00 12.20
C PHE C 486 17.85 19.07 11.75
N SER C 487 18.10 19.40 10.48
CA SER C 487 19.49 19.58 10.07
C SER C 487 20.06 20.82 10.69
N THR C 488 19.23 21.82 10.95
CA THR C 488 19.74 23.01 11.59
C THR C 488 19.91 22.80 13.07
N ALA C 489 18.96 22.11 13.69
CA ALA C 489 19.04 21.83 15.11
C ALA C 489 20.19 20.92 15.47
N VAL C 490 20.71 20.17 14.52
CA VAL C 490 21.83 19.31 14.82
C VAL C 490 23.15 19.96 14.44
N VAL C 491 23.13 21.04 13.66
CA VAL C 491 24.36 21.79 13.44
C VAL C 491 24.77 22.48 14.73
N THR C 492 23.86 23.24 15.31
CA THR C 492 24.20 24.10 16.42
C THR C 492 24.54 23.29 17.65
N LEU C 493 24.06 22.07 17.71
CA LEU C 493 24.51 21.19 18.77
C LEU C 493 25.94 20.74 18.53
N ILE C 494 26.34 20.55 17.28
CA ILE C 494 27.71 20.18 16.97
C ILE C 494 28.62 21.37 17.22
N GLU C 495 29.61 21.18 18.09
CA GLU C 495 30.48 22.29 18.47
C GLU C 495 31.47 22.61 17.35
N ASP C 496 32.36 21.68 17.04
CA ASP C 496 33.31 21.88 15.96
C ASP C 496 33.67 20.52 15.39
N GLY C 497 34.35 20.54 14.26
CA GLY C 497 34.72 19.32 13.59
C GLY C 497 34.25 19.30 12.16
N LYS C 498 34.12 18.09 11.62
CA LYS C 498 33.84 17.92 10.20
C LYS C 498 32.43 18.36 9.87
N TYR C 499 31.47 17.91 10.65
CA TYR C 499 30.07 18.11 10.33
C TYR C 499 29.53 19.40 10.88
N ASN C 500 30.39 20.35 11.21
CA ASN C 500 29.88 21.58 11.77
C ASN C 500 29.39 22.53 10.69
N SER C 501 29.41 22.13 9.43
CA SER C 501 28.75 22.93 8.42
C SER C 501 27.32 22.46 8.24
N LEU C 502 26.51 23.32 7.63
CA LEU C 502 25.11 22.97 7.43
C LEU C 502 24.97 21.90 6.37
N TYR C 503 25.72 22.01 5.29
CA TYR C 503 25.59 21.08 4.19
C TYR C 503 26.04 19.69 4.56
N SER C 504 27.13 19.56 5.30
CA SER C 504 27.69 18.24 5.56
C SER C 504 26.84 17.45 6.50
N THR C 505 26.00 18.09 7.30
CA THR C 505 25.06 17.34 8.10
C THR C 505 23.72 17.24 7.42
N CYS C 506 23.48 18.02 6.38
CA CYS C 506 22.21 17.89 5.68
C CYS C 506 22.26 16.69 4.77
N LEU C 507 23.45 16.24 4.40
CA LEU C 507 23.57 14.93 3.80
C LEU C 507 23.37 13.84 4.81
N GLU C 508 23.95 13.99 5.99
CA GLU C 508 23.92 12.91 6.97
C GLU C 508 22.54 12.65 7.47
N LEU C 509 21.67 13.63 7.48
CA LEU C 509 20.29 13.34 7.75
C LEU C 509 19.55 12.92 6.51
N PHE C 510 20.08 13.20 5.34
CA PHE C 510 19.43 12.70 4.15
C PHE C 510 19.67 11.22 3.98
N LYS C 511 20.80 10.74 4.49
CA LYS C 511 21.13 9.32 4.36
C LYS C 511 20.19 8.43 5.12
N PHE C 512 19.45 8.97 6.10
CA PHE C 512 18.47 8.14 6.78
C PHE C 512 17.33 7.79 5.87
N THR C 513 16.99 8.66 4.95
CA THR C 513 15.90 8.41 4.03
C THR C 513 16.24 7.29 3.07
N ILE C 514 17.48 7.25 2.59
CA ILE C 514 17.93 6.15 1.75
C ILE C 514 17.93 4.85 2.53
N GLY C 515 18.62 4.82 3.64
CA GLY C 515 18.75 3.58 4.35
C GLY C 515 20.20 3.42 4.73
N MET C 516 20.95 4.50 4.64
CA MET C 516 22.34 4.49 5.07
C MET C 516 22.59 5.43 6.22
N GLY C 517 21.56 5.77 6.98
CA GLY C 517 21.73 6.74 8.04
C GLY C 517 22.50 6.16 9.19
N ASP C 518 23.44 6.92 9.71
CA ASP C 518 24.28 6.51 10.83
C ASP C 518 23.82 7.25 12.06
N LEU C 519 23.56 6.52 13.13
CA LEU C 519 23.10 7.17 14.35
C LEU C 519 24.27 7.76 15.12
N GLU C 520 25.37 7.04 15.18
CA GLU C 520 26.56 7.59 15.79
C GLU C 520 27.48 8.03 14.67
N PHE C 521 27.15 9.14 14.04
CA PHE C 521 27.99 9.63 12.97
C PHE C 521 28.89 10.75 13.40
N THR C 522 28.79 11.18 14.64
CA THR C 522 29.74 12.12 15.20
C THR C 522 29.74 11.96 16.71
N GLU C 523 30.76 12.52 17.34
CA GLU C 523 30.84 12.53 18.79
C GLU C 523 31.19 13.88 19.36
N ASN C 524 31.65 14.83 18.54
CA ASN C 524 32.16 16.11 19.03
C ASN C 524 31.02 17.08 19.31
N TYR C 525 30.37 16.84 20.44
CA TYR C 525 29.35 17.73 20.99
C TYR C 525 29.35 17.58 22.49
N ASP C 526 28.52 18.39 23.12
CA ASP C 526 28.03 18.05 24.45
C ASP C 526 26.60 17.55 24.32
N PHE C 527 26.10 16.94 25.40
CA PHE C 527 24.70 16.52 25.56
C PHE C 527 24.29 15.49 24.51
N LYS C 528 24.86 14.30 24.68
CA LYS C 528 24.58 13.17 23.81
C LYS C 528 23.10 12.82 23.77
N ALA C 529 22.43 12.93 24.91
CA ALA C 529 21.00 12.64 24.95
C ALA C 529 20.21 13.59 24.09
N VAL C 530 20.64 14.84 23.97
CA VAL C 530 19.97 15.77 23.09
C VAL C 530 20.18 15.37 21.65
N PHE C 531 21.37 14.90 21.33
CA PHE C 531 21.72 14.55 19.97
C PHE C 531 20.94 13.34 19.50
N ILE C 532 20.71 12.38 20.37
CA ILE C 532 20.08 11.18 19.87
C ILE C 532 18.58 11.21 20.08
N ILE C 533 18.08 12.16 20.86
CA ILE C 533 16.65 12.43 20.78
C ILE C 533 16.31 13.02 19.43
N LEU C 534 17.15 13.93 18.94
CA LEU C 534 16.87 14.59 17.68
C LEU C 534 16.94 13.64 16.50
N LEU C 535 17.89 12.72 16.49
CA LEU C 535 17.90 11.76 15.41
C LEU C 535 16.70 10.86 15.49
N LEU C 536 16.40 10.35 16.67
CA LEU C 536 15.22 9.53 16.84
C LEU C 536 13.94 10.31 16.63
N ALA C 537 13.91 11.60 16.94
CA ALA C 537 12.72 12.36 16.58
C ALA C 537 12.66 12.59 15.09
N TYR C 538 13.81 12.61 14.45
CA TYR C 538 13.81 12.75 13.00
C TYR C 538 13.42 11.46 12.33
N VAL C 539 14.01 10.34 12.74
CA VAL C 539 13.80 9.07 12.05
C VAL C 539 12.39 8.57 12.24
N ILE C 540 11.82 8.76 13.41
CA ILE C 540 10.42 8.41 13.62
C ILE C 540 9.53 9.25 12.73
N LEU C 541 9.83 10.53 12.62
CA LEU C 541 8.91 11.41 11.92
C LEU C 541 9.07 11.32 10.41
N THR C 542 10.26 11.02 9.93
CA THR C 542 10.39 11.12 8.48
C THR C 542 10.69 9.79 7.83
N TYR C 543 11.19 8.81 8.57
CA TYR C 543 11.57 7.60 7.88
C TYR C 543 10.49 6.56 7.99
N ILE C 544 9.89 6.43 9.16
CA ILE C 544 8.85 5.44 9.29
C ILE C 544 7.49 6.05 9.22
N LEU C 545 7.38 7.36 9.08
CA LEU C 545 6.05 7.94 9.12
C LEU C 545 5.73 8.73 7.85
N LEU C 546 6.60 9.61 7.39
CA LEU C 546 6.29 10.26 6.12
C LEU C 546 6.49 9.32 4.95
N LEU C 547 7.59 8.59 4.94
CA LEU C 547 7.82 7.70 3.82
C LEU C 547 6.87 6.53 3.76
N ASN C 548 6.15 6.25 4.83
CA ASN C 548 5.06 5.31 4.67
C ASN C 548 3.77 6.03 4.33
N MET C 549 3.65 7.29 4.71
CA MET C 549 2.49 8.08 4.32
C MET C 549 2.51 8.37 2.84
N LEU C 550 3.69 8.39 2.25
CA LEU C 550 3.77 8.61 0.82
C LEU C 550 3.21 7.43 0.06
N ILE C 551 3.52 6.23 0.52
CA ILE C 551 3.06 5.03 -0.16
C ILE C 551 1.56 4.90 -0.04
N ALA C 552 1.00 5.35 1.07
CA ALA C 552 -0.45 5.38 1.21
C ALA C 552 -1.07 6.36 0.23
N LEU C 553 -0.65 7.61 0.29
CA LEU C 553 -1.30 8.64 -0.51
C LEU C 553 -1.00 8.52 -1.98
N MET C 554 0.05 7.81 -2.38
CA MET C 554 0.12 7.40 -3.77
C MET C 554 -1.00 6.43 -4.08
N GLY C 555 -1.13 5.38 -3.27
CA GLY C 555 -2.10 4.33 -3.56
C GLY C 555 -3.54 4.78 -3.48
N GLU C 556 -3.83 5.73 -2.60
CA GLU C 556 -5.17 6.29 -2.57
C GLU C 556 -5.43 7.18 -3.78
N THR C 557 -4.38 7.79 -4.32
CA THR C 557 -4.52 8.58 -5.52
C THR C 557 -4.28 7.79 -6.79
N VAL C 558 -3.90 6.54 -6.68
CA VAL C 558 -3.76 5.72 -7.89
C VAL C 558 -5.14 5.38 -8.44
N ASN C 559 -6.05 4.98 -7.56
CA ASN C 559 -7.36 4.50 -7.97
C ASN C 559 -8.17 5.61 -8.63
N LYS C 560 -7.99 6.84 -8.17
CA LYS C 560 -8.61 7.96 -8.83
C LYS C 560 -8.02 8.19 -10.21
N ILE C 561 -6.71 8.09 -10.33
CA ILE C 561 -6.06 8.32 -11.62
C ILE C 561 -6.24 7.13 -12.55
N ALA C 562 -6.63 5.98 -11.99
CA ALA C 562 -6.55 4.68 -12.67
C ALA C 562 -7.35 4.64 -13.97
N GLN C 563 -8.44 5.39 -14.04
CA GLN C 563 -9.17 5.50 -15.29
C GLN C 563 -8.88 6.80 -16.01
N GLU C 564 -8.64 7.88 -15.27
CA GLU C 564 -8.40 9.17 -15.89
C GLU C 564 -7.10 9.22 -16.66
N SER C 565 -6.09 8.47 -16.22
CA SER C 565 -4.82 8.46 -16.92
C SER C 565 -4.90 7.74 -18.25
N LYS C 566 -5.80 6.75 -18.34
CA LYS C 566 -6.05 6.09 -19.59
C LYS C 566 -6.61 7.05 -20.62
N ASN C 567 -7.43 8.00 -20.17
CA ASN C 567 -7.91 9.03 -21.05
C ASN C 567 -6.81 10.00 -21.47
N ILE C 568 -5.88 10.29 -20.57
CA ILE C 568 -4.80 11.21 -20.90
C ILE C 568 -3.83 10.55 -21.86
N TRP C 569 -3.72 9.23 -21.80
CA TRP C 569 -2.94 8.52 -22.81
C TRP C 569 -3.57 8.67 -24.18
N LYS C 570 -4.89 8.46 -24.26
CA LYS C 570 -5.62 8.54 -25.52
C LYS C 570 -5.42 9.89 -26.18
N LEU C 571 -5.41 10.95 -25.39
CA LEU C 571 -5.28 12.26 -25.96
C LEU C 571 -3.85 12.55 -26.37
N GLN C 572 -2.87 11.95 -25.69
CA GLN C 572 -1.50 12.22 -26.07
C GLN C 572 -1.13 11.54 -27.37
N ARG C 573 -1.75 10.39 -27.67
CA ARG C 573 -1.55 9.81 -28.99
C ARG C 573 -2.13 10.69 -30.06
N ALA C 574 -3.28 11.30 -29.77
CA ALA C 574 -3.97 12.14 -30.73
C ALA C 574 -3.14 13.35 -31.12
N ILE C 575 -2.37 13.89 -30.18
CA ILE C 575 -1.54 15.03 -30.50
C ILE C 575 -0.40 14.62 -31.41
N THR C 576 0.17 13.45 -31.18
CA THR C 576 1.21 12.93 -32.05
C THR C 576 0.69 12.65 -33.43
N ILE C 577 -0.57 12.26 -33.54
CA ILE C 577 -1.15 12.02 -34.85
C ILE C 577 -1.31 13.33 -35.60
N LEU C 578 -1.80 14.36 -34.92
CA LEU C 578 -1.98 15.64 -35.58
C LEU C 578 -0.64 16.31 -35.87
N ASP C 579 0.37 16.08 -35.03
CA ASP C 579 1.64 16.76 -35.20
C ASP C 579 2.37 16.29 -36.43
N THR C 580 2.11 15.08 -36.88
CA THR C 580 2.82 14.56 -38.03
C THR C 580 2.21 15.03 -39.34
N GLU C 581 0.90 15.28 -39.39
CA GLU C 581 0.33 15.83 -40.61
C GLU C 581 0.76 17.28 -40.80
N LYS C 582 1.02 17.98 -39.71
CA LYS C 582 1.67 19.28 -39.83
C LYS C 582 3.12 19.11 -40.26
N SER C 583 3.74 17.98 -39.93
CA SER C 583 5.08 17.72 -40.42
C SER C 583 5.04 17.14 -41.82
N PHE C 584 4.45 15.96 -41.99
CA PHE C 584 4.44 15.28 -43.28
C PHE C 584 3.30 15.82 -44.15
N LEU C 585 3.47 17.08 -44.56
CA LEU C 585 2.50 17.76 -45.41
C LEU C 585 2.93 17.75 -46.87
N LYS C 586 4.24 17.69 -47.14
CA LYS C 586 4.73 17.65 -48.51
C LYS C 586 4.34 16.36 -49.21
N CYS C 587 4.11 15.28 -48.46
CA CYS C 587 3.52 14.05 -48.97
C CYS C 587 2.18 13.88 -48.25
N MET C 588 1.14 14.51 -48.79
CA MET C 588 -0.18 14.54 -48.16
C MET C 588 -1.20 13.73 -48.95
N ARG C 589 -0.77 12.66 -49.61
CA ARG C 589 -1.72 11.78 -50.30
C ARG C 589 -2.53 10.95 -49.32
N LYS C 590 -1.95 10.62 -48.17
CA LYS C 590 -2.66 9.91 -47.12
C LYS C 590 -3.27 10.88 -46.10
N ALA C 591 -3.30 12.18 -46.41
CA ALA C 591 -3.81 13.15 -45.45
C ALA C 591 -5.33 13.07 -45.33
N PHE C 592 -6.00 12.60 -46.37
CA PHE C 592 -7.42 12.29 -46.23
C PHE C 592 -7.58 10.96 -45.52
N ARG C 593 -8.79 10.73 -45.02
CA ARG C 593 -9.07 9.55 -44.22
C ARG C 593 -10.36 8.89 -44.69
N SER C 594 -10.23 7.70 -45.30
CA SER C 594 -11.31 6.73 -45.48
C SER C 594 -12.43 7.25 -46.38
N GLY C 595 -12.07 7.93 -47.45
CA GLY C 595 -13.05 8.29 -48.44
C GLY C 595 -13.13 9.79 -48.67
N LYS C 596 -13.28 10.14 -49.92
CA LYS C 596 -13.45 11.52 -50.33
C LYS C 596 -14.56 11.69 -51.36
N LEU C 597 -15.22 10.62 -51.78
CA LEU C 597 -16.07 10.71 -52.95
C LEU C 597 -17.44 11.29 -52.62
N LEU C 598 -18.28 10.53 -51.92
CA LEU C 598 -19.68 10.88 -51.75
C LEU C 598 -20.35 9.88 -50.82
N GLN C 599 -21.40 10.36 -50.13
CA GLN C 599 -22.39 9.47 -49.54
C GLN C 599 -23.80 10.05 -49.57
N VAL C 600 -24.00 11.21 -50.20
CA VAL C 600 -25.25 11.93 -50.03
C VAL C 600 -26.17 11.71 -51.24
N GLY C 601 -25.73 12.19 -52.40
CA GLY C 601 -26.51 12.06 -53.63
C GLY C 601 -27.83 12.80 -53.67
N PHE C 602 -28.03 13.74 -52.75
CA PHE C 602 -29.29 14.47 -52.64
C PHE C 602 -29.05 15.76 -51.88
N THR C 603 -29.52 16.87 -52.43
CA THR C 603 -29.41 18.18 -51.80
C THR C 603 -30.58 19.02 -52.26
N PRO C 604 -31.05 19.97 -51.43
CA PRO C 604 -32.07 20.90 -51.92
C PRO C 604 -31.59 21.84 -53.01
N ASP C 605 -30.30 22.20 -53.01
CA ASP C 605 -29.78 23.07 -54.05
C ASP C 605 -29.41 22.33 -55.32
N GLY C 606 -29.37 21.00 -55.29
CA GLY C 606 -29.09 20.25 -56.51
C GLY C 606 -28.48 18.90 -56.22
N LYS C 607 -27.47 18.55 -57.01
CA LYS C 607 -26.80 17.27 -56.87
C LYS C 607 -25.88 17.28 -55.66
N ASP C 608 -25.72 16.10 -55.06
CA ASP C 608 -24.82 15.93 -53.92
C ASP C 608 -24.08 14.59 -53.97
N ASP C 609 -23.88 14.05 -55.16
CA ASP C 609 -23.25 12.75 -55.35
C ASP C 609 -21.74 12.86 -55.60
N TYR C 610 -21.12 13.98 -55.25
CA TYR C 610 -19.70 14.15 -55.42
C TYR C 610 -19.01 14.90 -54.30
N ARG C 611 -19.70 15.14 -53.19
CA ARG C 611 -19.10 15.92 -52.11
C ARG C 611 -19.25 15.23 -50.76
N TRP C 612 -18.94 15.97 -49.69
CA TRP C 612 -19.11 15.59 -48.29
C TRP C 612 -18.24 14.40 -47.87
N CYS C 613 -17.21 14.08 -48.68
CA CYS C 613 -15.91 13.48 -48.30
C CYS C 613 -15.99 12.46 -47.16
N PHE C 614 -16.87 11.49 -47.33
CA PHE C 614 -17.36 10.70 -46.21
C PHE C 614 -16.31 9.72 -45.70
N ARG C 615 -16.50 9.27 -44.46
CA ARG C 615 -15.64 8.28 -43.84
C ARG C 615 -16.45 7.00 -43.69
N VAL C 616 -15.98 5.94 -44.33
CA VAL C 616 -16.64 4.64 -44.22
C VAL C 616 -16.35 4.06 -42.84
N ASP C 617 -17.41 3.68 -42.12
CA ASP C 617 -17.25 3.05 -40.82
C ASP C 617 -17.86 1.67 -40.83
N GLU C 618 -17.98 1.05 -39.65
CA GLU C 618 -18.65 -0.23 -39.51
C GLU C 618 -19.20 -0.32 -38.10
N VAL C 619 -20.00 -1.37 -37.84
CA VAL C 619 -20.63 -1.50 -36.54
C VAL C 619 -20.76 -2.94 -36.10
N ASN C 620 -21.37 -3.14 -34.93
CA ASN C 620 -21.59 -4.43 -34.31
C ASN C 620 -23.07 -4.81 -34.41
N TRP C 621 -23.44 -5.90 -33.75
CA TRP C 621 -24.77 -6.48 -33.91
C TRP C 621 -25.81 -5.77 -33.06
N THR C 622 -25.65 -5.84 -31.73
CA THR C 622 -26.60 -5.34 -30.72
C THR C 622 -28.01 -5.88 -30.93
N THR C 623 -28.10 -7.17 -31.29
CA THR C 623 -29.32 -7.85 -31.74
C THR C 623 -30.02 -7.11 -32.86
N THR D 230 -29.35 31.23 22.78
CA THR D 230 -30.47 31.17 21.84
C THR D 230 -30.63 29.76 21.35
N PRO D 231 -31.85 29.40 20.92
CA PRO D 231 -32.03 28.10 20.27
C PRO D 231 -31.29 27.98 18.96
N LEU D 232 -30.99 29.10 18.31
CA LEU D 232 -30.06 29.06 17.18
C LEU D 232 -28.69 28.60 17.63
N ALA D 233 -28.13 29.26 18.65
CA ALA D 233 -26.81 28.88 19.13
C ALA D 233 -26.83 27.50 19.76
N LEU D 234 -27.93 27.13 20.40
CA LEU D 234 -27.99 25.82 21.00
C LEU D 234 -28.09 24.73 19.94
N ALA D 235 -28.68 25.04 18.79
CA ALA D 235 -28.65 24.09 17.68
C ALA D 235 -27.25 23.95 17.14
N ALA D 236 -26.47 25.03 17.18
CA ALA D 236 -25.08 24.96 16.75
C ALA D 236 -24.21 24.27 17.78
N SER D 237 -24.30 24.72 19.04
CA SER D 237 -23.45 24.20 20.10
C SER D 237 -23.71 22.75 20.43
N SER D 238 -24.87 22.22 20.07
CA SER D 238 -25.10 20.79 20.12
C SER D 238 -24.63 20.08 18.88
N GLY D 239 -24.67 20.76 17.73
CA GLY D 239 -24.35 20.10 16.49
C GLY D 239 -25.53 19.52 15.77
N LYS D 240 -26.74 20.00 16.04
CA LYS D 240 -27.90 19.58 15.28
C LYS D 240 -27.88 20.25 13.92
N ILE D 241 -27.77 19.46 12.87
CA ILE D 241 -27.29 19.98 11.59
C ILE D 241 -28.39 20.49 10.69
N GLY D 242 -29.57 19.86 10.68
CA GLY D 242 -30.60 20.25 9.75
C GLY D 242 -31.42 21.38 10.33
N VAL D 243 -31.46 21.42 11.66
CA VAL D 243 -32.16 22.49 12.37
C VAL D 243 -31.52 23.82 12.03
N LEU D 244 -30.20 23.85 12.01
CA LEU D 244 -29.48 25.05 11.63
C LEU D 244 -29.67 25.38 10.16
N ALA D 245 -29.86 24.37 9.31
CA ALA D 245 -30.19 24.65 7.91
C ALA D 245 -31.59 25.22 7.79
N TYR D 246 -32.50 24.82 8.68
CA TYR D 246 -33.84 25.37 8.69
C TYR D 246 -33.85 26.83 9.13
N ILE D 247 -33.06 27.16 10.15
CA ILE D 247 -33.14 28.50 10.74
C ILE D 247 -32.50 29.51 9.81
N LEU D 248 -31.35 29.18 9.25
CA LEU D 248 -30.61 30.15 8.46
C LEU D 248 -31.18 30.34 7.06
N GLN D 249 -32.25 29.63 6.71
CA GLN D 249 -32.76 29.71 5.36
C GLN D 249 -34.28 29.77 5.30
N ARG D 250 -34.95 30.25 6.35
CA ARG D 250 -36.41 30.23 6.35
C ARG D 250 -36.95 31.36 5.48
N GLU D 251 -38.13 31.13 4.92
CA GLU D 251 -38.68 32.01 3.90
C GLU D 251 -40.13 32.31 4.21
N ILE D 252 -40.52 33.57 4.11
CA ILE D 252 -41.90 33.97 4.33
C ILE D 252 -42.23 35.22 3.52
N HIS D 253 -43.19 35.09 2.60
CA HIS D 253 -43.76 36.23 1.88
C HIS D 253 -45.19 36.41 2.37
N GLU D 254 -45.33 37.14 3.48
CA GLU D 254 -46.61 37.27 4.16
C GLU D 254 -46.54 38.52 5.02
N PRO D 255 -47.64 39.25 5.21
CA PRO D 255 -47.62 40.38 6.12
C PRO D 255 -47.43 39.93 7.56
N GLU D 256 -46.70 40.76 8.33
CA GLU D 256 -46.31 40.51 9.72
C GLU D 256 -45.44 39.26 9.89
N CYS D 257 -44.92 38.74 8.78
CA CYS D 257 -44.15 37.49 8.80
C CYS D 257 -42.91 37.54 7.91
N ARG D 258 -42.80 38.50 6.99
CA ARG D 258 -41.53 38.71 6.30
C ARG D 258 -40.48 39.27 7.25
N HIS D 259 -40.89 39.90 8.35
CA HIS D 259 -39.97 40.21 9.43
C HIS D 259 -39.60 38.98 10.24
N LEU D 260 -40.34 37.88 10.10
CA LEU D 260 -39.96 36.62 10.71
C LEU D 260 -39.09 35.76 9.82
N SER D 261 -39.02 36.06 8.52
CA SER D 261 -38.23 35.27 7.59
C SER D 261 -36.75 35.61 7.69
N ARG D 262 -35.92 34.66 7.27
CA ARG D 262 -34.47 34.82 7.21
C ARG D 262 -33.97 35.04 5.79
N LYS D 263 -34.18 34.07 4.91
CA LYS D 263 -33.67 34.14 3.54
C LYS D 263 -34.57 35.03 2.70
N PHE D 264 -34.04 36.16 2.26
CA PHE D 264 -34.81 37.14 1.51
C PHE D 264 -34.36 37.04 0.06
N THR D 265 -35.17 36.40 -0.77
CA THR D 265 -34.81 36.20 -2.19
C THR D 265 -35.22 37.44 -2.96
N GLU D 266 -34.54 38.55 -2.70
CA GLU D 266 -34.95 39.85 -3.19
C GLU D 266 -34.74 40.04 -4.68
N TRP D 267 -33.83 39.30 -5.29
CA TRP D 267 -33.63 39.35 -6.73
C TRP D 267 -33.80 37.94 -7.28
N ALA D 268 -35.04 37.53 -7.47
CA ALA D 268 -35.36 36.27 -8.13
C ALA D 268 -35.47 36.45 -9.64
N TYR D 269 -34.41 36.93 -10.27
CA TYR D 269 -34.37 37.24 -11.69
C TYR D 269 -34.21 35.97 -12.52
N GLY D 270 -33.76 36.11 -13.76
CA GLY D 270 -33.29 34.98 -14.54
C GLY D 270 -32.22 34.18 -13.82
N PRO D 271 -31.97 32.94 -14.28
CA PRO D 271 -31.68 31.79 -13.39
C PRO D 271 -30.85 32.00 -12.12
N VAL D 272 -29.95 32.98 -12.10
CA VAL D 272 -29.21 33.34 -10.90
C VAL D 272 -30.18 33.91 -9.88
N HIS D 273 -30.28 33.28 -8.71
CA HIS D 273 -31.22 33.67 -7.67
C HIS D 273 -30.45 34.38 -6.56
N SER D 274 -30.28 35.69 -6.69
CA SER D 274 -29.64 36.47 -5.64
C SER D 274 -30.54 36.53 -4.41
N SER D 275 -29.92 36.43 -3.24
CA SER D 275 -30.65 36.29 -2.00
C SER D 275 -29.91 37.05 -0.91
N LEU D 276 -30.65 37.46 0.11
CA LEU D 276 -30.06 38.21 1.21
C LEU D 276 -30.42 37.56 2.54
N TYR D 277 -29.49 37.62 3.50
CA TYR D 277 -29.53 36.81 4.72
C TYR D 277 -29.38 37.69 5.94
N ASP D 278 -30.28 37.50 6.93
CA ASP D 278 -30.51 38.49 7.98
C ASP D 278 -29.33 38.66 8.92
N LEU D 279 -28.50 37.63 9.08
CA LEU D 279 -27.14 37.72 9.61
C LEU D 279 -27.08 38.25 11.05
N SER D 280 -27.65 37.47 11.97
CA SER D 280 -27.26 37.58 13.37
C SER D 280 -26.21 36.56 13.73
N CYS D 281 -25.57 35.97 12.72
CA CYS D 281 -24.69 34.83 12.93
C CYS D 281 -23.23 35.24 13.10
N ILE D 282 -22.78 36.25 12.36
CA ILE D 282 -21.40 36.70 12.47
C ILE D 282 -21.19 37.40 13.81
N ASP D 283 -19.94 37.35 14.28
CA ASP D 283 -19.60 37.80 15.63
C ASP D 283 -19.66 39.30 15.80
N THR D 284 -19.63 40.07 14.71
CA THR D 284 -19.79 41.52 14.82
C THR D 284 -21.22 41.87 15.19
N CYS D 285 -22.17 40.98 14.90
CA CYS D 285 -23.56 41.22 15.25
C CYS D 285 -23.82 40.93 16.72
N GLU D 286 -23.64 39.69 17.14
CA GLU D 286 -24.04 39.29 18.47
C GLU D 286 -22.83 39.05 19.37
N LYS D 287 -23.09 39.07 20.67
CA LYS D 287 -22.16 38.55 21.65
C LYS D 287 -22.49 37.09 21.90
N ASN D 288 -21.45 36.26 22.03
CA ASN D 288 -21.54 34.80 21.98
C ASN D 288 -22.26 34.35 20.72
N SER D 289 -21.74 34.78 19.58
CA SER D 289 -22.38 34.58 18.29
C SER D 289 -21.96 33.25 17.68
N VAL D 290 -22.49 33.00 16.48
CA VAL D 290 -22.69 31.63 16.00
C VAL D 290 -21.39 31.00 15.55
N LEU D 291 -20.56 31.75 14.82
CA LEU D 291 -19.36 31.14 14.26
C LEU D 291 -18.36 30.84 15.33
N GLU D 292 -18.29 31.70 16.35
CA GLU D 292 -17.46 31.41 17.51
C GLU D 292 -17.97 30.21 18.27
N VAL D 293 -19.27 29.95 18.21
CA VAL D 293 -19.81 28.75 18.83
C VAL D 293 -19.40 27.51 18.05
N ILE D 294 -19.54 27.55 16.72
CA ILE D 294 -19.22 26.39 15.90
C ILE D 294 -17.72 26.12 15.90
N ALA D 295 -16.92 27.18 15.92
CA ALA D 295 -15.48 26.98 15.83
C ALA D 295 -14.89 26.47 17.14
N TYR D 296 -15.38 26.95 18.28
CA TYR D 296 -14.68 26.72 19.52
C TYR D 296 -15.26 25.53 20.28
N SER D 297 -15.86 24.60 19.57
CA SER D 297 -16.58 23.50 20.20
C SER D 297 -15.59 22.47 20.74
N SER D 298 -16.12 21.56 21.55
CA SER D 298 -15.30 20.58 22.24
C SER D 298 -14.95 19.37 21.39
N SER D 299 -15.41 19.33 20.13
CA SER D 299 -15.18 18.27 19.15
C SER D 299 -15.76 16.93 19.59
N GLU D 300 -16.64 16.93 20.58
CA GLU D 300 -17.50 15.81 20.89
C GLU D 300 -18.90 16.05 20.35
N THR D 301 -19.07 17.06 19.53
CA THR D 301 -20.35 17.38 18.93
C THR D 301 -20.62 16.44 17.77
N PRO D 302 -21.86 16.45 17.24
CA PRO D 302 -22.24 15.49 16.20
C PRO D 302 -21.48 15.65 14.91
N ASN D 303 -21.60 16.81 14.28
CA ASN D 303 -20.80 17.09 13.10
C ASN D 303 -20.46 18.57 13.14
N ARG D 304 -19.34 18.88 13.81
CA ARG D 304 -18.88 20.26 13.80
C ARG D 304 -18.25 20.60 12.47
N HIS D 305 -17.80 19.57 11.76
CA HIS D 305 -17.11 19.77 10.50
C HIS D 305 -18.07 19.84 9.34
N ASP D 306 -19.37 19.86 9.61
CA ASP D 306 -20.39 19.95 8.60
C ASP D 306 -21.29 21.16 8.76
N MET D 307 -21.33 21.75 9.95
CA MET D 307 -22.13 22.94 10.16
C MET D 307 -21.53 24.19 9.53
N LEU D 308 -20.30 24.12 9.06
CA LEU D 308 -19.77 25.23 8.27
C LEU D 308 -20.13 25.11 6.81
N LEU D 309 -20.74 24.01 6.41
CA LEU D 309 -21.09 23.84 5.01
C LEU D 309 -22.43 24.46 4.66
N VAL D 310 -23.10 25.08 5.63
CA VAL D 310 -24.42 25.62 5.38
C VAL D 310 -24.31 26.95 4.66
N GLU D 311 -25.04 27.06 3.55
CA GLU D 311 -24.97 28.06 2.49
C GLU D 311 -24.76 29.52 2.88
N PRO D 312 -25.34 30.07 3.95
CA PRO D 312 -24.96 31.45 4.30
C PRO D 312 -23.55 31.55 4.83
N LEU D 313 -23.15 30.63 5.70
CA LEU D 313 -21.82 30.69 6.29
C LEU D 313 -20.75 30.33 5.28
N ASN D 314 -21.04 29.32 4.48
CA ASN D 314 -20.01 28.63 3.70
C ASN D 314 -19.45 29.49 2.58
N ARG D 315 -20.12 30.58 2.24
CA ARG D 315 -19.54 31.59 1.40
C ARG D 315 -19.20 32.86 2.15
N LEU D 316 -19.68 33.02 3.39
CA LEU D 316 -19.33 34.21 4.14
C LEU D 316 -17.88 34.18 4.56
N LEU D 317 -17.40 33.02 4.99
CA LEU D 317 -15.99 32.87 5.28
C LEU D 317 -15.17 32.97 4.01
N GLN D 318 -15.67 32.35 2.94
CA GLN D 318 -15.04 32.42 1.64
C GLN D 318 -14.96 33.84 1.13
N ASP D 319 -15.96 34.67 1.45
CA ASP D 319 -15.83 36.08 1.18
C ASP D 319 -14.77 36.71 2.06
N LYS D 320 -14.86 36.48 3.38
CA LYS D 320 -13.94 37.13 4.31
C LYS D 320 -12.50 36.73 4.08
N TRP D 321 -12.27 35.52 3.59
CA TRP D 321 -10.91 35.12 3.30
C TRP D 321 -10.40 35.86 2.08
N ASP D 322 -11.05 35.65 0.94
CA ASP D 322 -10.62 36.20 -0.34
C ASP D 322 -10.72 37.72 -0.41
N ARG D 323 -11.42 38.36 0.52
CA ARG D 323 -11.44 39.82 0.59
C ARG D 323 -10.47 40.35 1.63
N PHE D 324 -10.46 39.78 2.82
CA PHE D 324 -9.83 40.44 3.94
C PHE D 324 -8.64 39.70 4.52
N VAL D 325 -8.81 38.46 4.95
CA VAL D 325 -7.83 37.87 5.85
C VAL D 325 -6.74 37.10 5.10
N LYS D 326 -6.98 36.74 3.84
CA LYS D 326 -5.93 36.14 3.01
C LYS D 326 -4.75 37.09 2.84
N ARG D 327 -4.98 38.38 2.88
CA ARG D 327 -3.88 39.33 2.85
C ARG D 327 -3.07 39.27 4.13
N ILE D 328 -3.74 39.33 5.29
CA ILE D 328 -2.99 39.37 6.53
C ILE D 328 -2.43 38.00 6.90
N PHE D 329 -3.02 36.93 6.38
CA PHE D 329 -2.48 35.61 6.70
C PHE D 329 -1.18 35.36 5.99
N TYR D 330 -1.08 35.77 4.74
CA TYR D 330 0.18 35.70 4.04
C TYR D 330 1.23 36.59 4.67
N PHE D 331 0.82 37.65 5.37
CA PHE D 331 1.77 38.52 6.01
C PHE D 331 2.46 37.83 7.17
N ASN D 332 1.69 37.18 8.04
CA ASN D 332 2.28 36.55 9.21
C ASN D 332 3.19 35.40 8.82
N PHE D 333 2.80 34.64 7.80
CA PHE D 333 3.66 33.60 7.29
C PHE D 333 4.88 34.18 6.60
N PHE D 334 4.80 35.40 6.08
CA PHE D 334 6.02 36.04 5.66
C PHE D 334 6.85 36.48 6.84
N VAL D 335 6.22 36.91 7.93
CA VAL D 335 6.98 37.29 9.11
C VAL D 335 7.62 36.08 9.74
N TYR D 336 6.84 35.02 9.90
CA TYR D 336 7.31 33.85 10.62
C TYR D 336 8.41 33.14 9.89
N CYS D 337 8.38 33.19 8.56
CA CYS D 337 9.50 32.66 7.80
C CYS D 337 10.75 33.50 8.02
N LEU D 338 10.59 34.81 8.19
CA LEU D 338 11.75 35.61 8.55
C LEU D 338 12.08 35.54 10.01
N TYR D 339 11.15 35.10 10.84
CA TYR D 339 11.50 34.88 12.23
C TYR D 339 12.41 33.68 12.37
N MET D 340 12.14 32.63 11.62
CA MET D 340 12.93 31.43 11.82
C MET D 340 14.31 31.57 11.20
N ILE D 341 14.42 32.29 10.09
CA ILE D 341 15.72 32.46 9.45
C ILE D 341 16.66 33.25 10.33
N ILE D 342 16.12 34.24 11.05
CA ILE D 342 16.95 34.95 12.00
C ILE D 342 17.30 34.05 13.17
N PHE D 343 16.33 33.31 13.67
CA PHE D 343 16.59 32.43 14.79
C PHE D 343 17.48 31.27 14.39
N THR D 344 17.45 30.89 13.12
CA THR D 344 18.42 29.92 12.61
C THR D 344 19.83 30.48 12.65
N ALA D 345 20.03 31.63 12.02
CA ALA D 345 21.38 32.15 11.88
C ALA D 345 21.94 32.64 13.20
N ALA D 346 21.08 33.05 14.12
CA ALA D 346 21.55 33.39 15.45
C ALA D 346 22.02 32.17 16.19
N ALA D 347 21.47 31.02 15.90
CA ALA D 347 21.95 29.82 16.55
C ALA D 347 23.11 29.22 15.80
N TYR D 348 23.13 29.34 14.49
CA TYR D 348 24.18 28.73 13.68
C TYR D 348 25.53 29.37 13.96
N TYR D 349 25.53 30.64 14.33
CA TYR D 349 26.76 31.34 14.64
C TYR D 349 26.87 31.64 16.12
N ARG D 350 26.49 30.68 16.95
CA ARG D 350 26.73 30.87 18.36
C ARG D 350 28.22 30.72 18.64
N PRO D 351 28.73 31.34 19.70
CA PRO D 351 30.14 31.20 20.00
C PRO D 351 30.45 29.88 20.67
N VAL D 352 31.66 29.40 20.42
CA VAL D 352 32.06 28.09 20.87
C VAL D 352 32.74 28.13 22.24
N GLU D 353 33.24 29.29 22.66
CA GLU D 353 33.98 29.40 23.91
C GLU D 353 33.06 29.18 25.11
N GLY D 354 33.64 28.71 26.20
CA GLY D 354 32.86 28.30 27.34
C GLY D 354 32.25 29.45 28.11
N LEU D 355 31.51 29.09 29.17
CA LEU D 355 30.93 30.00 30.16
C LEU D 355 30.04 31.09 29.57
N PRO D 356 28.79 30.79 29.24
CA PRO D 356 27.82 31.83 28.91
C PRO D 356 27.60 32.77 30.09
N PRO D 357 27.09 33.98 29.86
CA PRO D 357 26.86 34.71 28.62
C PRO D 357 28.16 35.22 28.06
N TYR D 358 28.11 35.99 27.00
CA TYR D 358 29.31 36.33 26.27
C TYR D 358 29.36 37.82 25.99
N LYS D 359 30.53 38.40 26.19
CA LYS D 359 30.72 39.82 25.87
C LYS D 359 30.75 39.97 24.35
N LEU D 360 29.93 40.88 23.85
CA LEU D 360 29.87 41.11 22.41
C LEU D 360 31.14 41.83 21.97
N LYS D 361 31.79 41.29 20.95
CA LYS D 361 33.00 41.90 20.42
C LYS D 361 32.65 43.17 19.66
N ASN D 362 33.62 44.07 19.57
CA ASN D 362 33.43 45.34 18.90
C ASN D 362 33.41 45.23 17.38
N THR D 363 33.70 44.05 16.84
CA THR D 363 33.62 43.84 15.40
C THR D 363 32.17 43.94 14.97
N VAL D 364 31.96 44.40 13.73
CA VAL D 364 30.60 44.66 13.25
C VAL D 364 29.84 43.39 12.92
N GLY D 365 30.50 42.23 12.95
CA GLY D 365 29.81 40.99 12.64
C GLY D 365 28.82 40.60 13.71
N ASP D 366 29.29 40.47 14.96
CA ASP D 366 28.43 39.90 15.98
C ASP D 366 27.41 40.87 16.52
N TYR D 367 27.36 42.11 16.07
CA TYR D 367 26.19 42.92 16.37
C TYR D 367 24.97 42.35 15.70
N PHE D 368 25.14 41.82 14.48
CA PHE D 368 24.07 41.08 13.84
C PHE D 368 23.69 39.84 14.63
N ARG D 369 24.66 39.21 15.28
CA ARG D 369 24.38 38.09 16.15
C ARG D 369 23.53 38.54 17.35
N VAL D 370 23.92 39.64 17.99
CA VAL D 370 23.23 40.06 19.20
C VAL D 370 21.85 40.58 18.87
N THR D 371 21.71 41.30 17.75
CA THR D 371 20.37 41.66 17.29
C THR D 371 19.59 40.44 16.89
N GLY D 372 20.25 39.48 16.25
CA GLY D 372 19.60 38.23 15.93
C GLY D 372 19.21 37.45 17.15
N GLU D 373 20.00 37.56 18.23
CA GLU D 373 19.63 36.88 19.45
C GLU D 373 18.42 37.52 20.08
N ILE D 374 18.38 38.85 20.14
CA ILE D 374 17.31 39.51 20.88
C ILE D 374 16.02 39.54 20.06
N LEU D 375 16.10 39.55 18.73
CA LEU D 375 14.92 39.37 17.90
C LEU D 375 14.28 38.02 18.13
N SER D 376 15.11 37.00 18.26
CA SER D 376 14.58 35.65 18.37
C SER D 376 13.98 35.39 19.74
N VAL D 377 14.48 36.07 20.76
CA VAL D 377 13.86 35.94 22.08
C VAL D 377 12.52 36.64 22.06
N SER D 378 12.39 37.71 21.28
CA SER D 378 11.15 38.46 21.22
C SER D 378 10.02 37.62 20.66
N GLY D 379 10.34 36.75 19.71
CA GLY D 379 9.37 35.78 19.26
C GLY D 379 9.00 34.79 20.34
N GLY D 380 9.97 34.43 21.17
CA GLY D 380 9.66 33.57 22.28
C GLY D 380 8.82 34.26 23.32
N VAL D 381 8.92 35.58 23.40
CA VAL D 381 8.03 36.32 24.29
C VAL D 381 6.64 36.40 23.70
N TYR D 382 6.56 36.69 22.40
CA TYR D 382 5.28 36.91 21.75
C TYR D 382 4.44 35.65 21.71
N PHE D 383 5.07 34.53 21.40
CA PHE D 383 4.33 33.27 21.38
C PHE D 383 4.05 32.78 22.78
N PHE D 384 4.69 33.35 23.78
CA PHE D 384 4.39 32.94 25.14
C PHE D 384 3.08 33.55 25.60
N PHE D 385 2.92 34.86 25.43
CA PHE D 385 1.68 35.50 25.85
C PHE D 385 0.53 35.10 24.96
N ARG D 386 0.78 35.01 23.65
CA ARG D 386 -0.29 34.66 22.73
C ARG D 386 -0.69 33.21 22.91
N GLY D 387 0.22 32.38 23.40
CA GLY D 387 -0.18 31.06 23.84
C GLY D 387 -1.00 31.10 25.10
N ILE D 388 -0.69 32.02 26.01
CA ILE D 388 -1.45 32.12 27.25
C ILE D 388 -2.80 32.76 27.01
N GLN D 389 -2.82 33.93 26.36
CA GLN D 389 -4.08 34.63 26.16
C GLN D 389 -5.00 33.91 25.19
N TYR D 390 -4.48 32.96 24.43
CA TYR D 390 -5.33 31.90 23.91
C TYR D 390 -6.00 31.16 25.06
N PHE D 391 -5.19 30.48 25.87
CA PHE D 391 -5.71 29.57 26.88
C PHE D 391 -6.43 30.28 28.01
N LEU D 392 -6.06 31.52 28.30
CA LEU D 392 -6.78 32.29 29.30
C LEU D 392 -8.20 32.64 28.87
N GLN D 393 -8.52 32.52 27.58
CA GLN D 393 -9.90 32.61 27.12
C GLN D 393 -10.63 31.29 27.26
N ARG D 394 -10.21 30.28 26.51
CA ARG D 394 -11.11 29.18 26.23
C ARG D 394 -11.09 28.11 27.30
N ARG D 395 -9.92 27.83 27.86
CA ARG D 395 -9.66 26.81 28.87
C ARG D 395 -10.17 25.45 28.37
N PRO D 396 -9.43 24.79 27.47
CA PRO D 396 -9.87 23.48 26.96
C PRO D 396 -9.73 22.33 27.95
N SER D 397 -9.25 22.58 29.17
CA SER D 397 -9.36 21.68 30.32
C SER D 397 -8.63 20.36 30.12
N LEU D 398 -7.50 20.42 29.41
CA LEU D 398 -6.46 19.38 29.35
C LEU D 398 -6.88 18.10 28.65
N LYS D 399 -8.13 17.98 28.24
CA LYS D 399 -8.59 16.85 27.46
C LYS D 399 -8.94 17.24 26.03
N SER D 400 -9.56 18.40 25.86
CA SER D 400 -9.75 18.99 24.54
C SER D 400 -8.50 19.69 24.05
N LEU D 401 -7.49 19.85 24.91
CA LEU D 401 -6.27 20.57 24.61
C LEU D 401 -5.49 19.91 23.48
N PHE D 402 -4.99 18.70 23.72
CA PHE D 402 -4.27 17.99 22.68
C PHE D 402 -5.21 17.42 21.63
N VAL D 403 -6.50 17.34 21.94
CA VAL D 403 -7.44 16.69 21.04
C VAL D 403 -7.70 17.56 19.81
N ASP D 404 -8.08 18.81 20.01
CA ASP D 404 -8.43 19.69 18.91
C ASP D 404 -7.50 20.86 18.75
N SER D 405 -6.99 21.42 19.85
CA SER D 405 -6.13 22.59 19.82
C SER D 405 -4.66 22.22 19.70
N TYR D 406 -4.38 21.03 19.18
CA TYR D 406 -3.04 20.68 18.75
C TYR D 406 -2.60 21.62 17.65
N SER D 407 -1.29 21.81 17.57
CA SER D 407 -0.63 22.85 16.77
C SER D 407 -1.08 24.24 17.18
N GLU D 408 -1.36 24.41 18.45
CA GLU D 408 -1.40 25.70 19.08
C GLU D 408 -0.63 25.51 20.37
N ILE D 409 -0.59 24.26 20.80
CA ILE D 409 0.31 23.87 21.88
C ILE D 409 1.74 24.01 21.42
N LEU D 410 2.01 23.62 20.18
CA LEU D 410 3.38 23.52 19.69
C LEU D 410 4.04 24.88 19.60
N PHE D 411 3.28 25.92 19.26
CA PHE D 411 3.85 27.26 19.34
C PHE D 411 4.08 27.68 20.76
N PHE D 412 3.31 27.17 21.69
CA PHE D 412 3.61 27.52 23.07
C PHE D 412 4.81 26.77 23.57
N VAL D 413 4.93 25.50 23.21
CA VAL D 413 6.05 24.68 23.65
C VAL D 413 7.34 25.17 23.03
N GLN D 414 7.29 25.64 21.78
CA GLN D 414 8.45 26.26 21.15
C GLN D 414 8.93 27.46 21.92
N SER D 415 8.02 28.36 22.25
CA SER D 415 8.38 29.54 23.02
C SER D 415 8.82 29.17 24.42
N LEU D 416 8.30 28.08 24.95
CA LEU D 416 8.67 27.67 26.28
C LEU D 416 10.11 27.21 26.34
N PHE D 417 10.55 26.44 25.33
CA PHE D 417 11.96 26.09 25.25
C PHE D 417 12.82 27.29 24.98
N MET D 418 12.29 28.31 24.34
CA MET D 418 13.09 29.48 24.05
C MET D 418 13.40 30.25 25.32
N LEU D 419 12.47 30.27 26.26
CA LEU D 419 12.69 31.06 27.46
C LEU D 419 13.62 30.35 28.43
N VAL D 420 13.49 29.03 28.53
CA VAL D 420 14.40 28.24 29.36
C VAL D 420 15.81 28.36 28.84
N SER D 421 15.96 28.48 27.53
CA SER D 421 17.25 28.80 26.94
C SER D 421 17.74 30.17 27.34
N VAL D 422 16.86 31.12 27.59
CA VAL D 422 17.31 32.43 28.03
C VAL D 422 17.74 32.39 29.48
N VAL D 423 17.00 31.63 30.29
CA VAL D 423 17.30 31.46 31.71
C VAL D 423 18.68 30.87 31.90
N LEU D 424 18.97 29.80 31.20
CA LEU D 424 20.26 29.16 31.40
C LEU D 424 21.39 29.94 30.74
N TYR D 425 21.07 30.78 29.76
CA TYR D 425 22.11 31.59 29.16
C TYR D 425 22.58 32.69 30.09
N PHE D 426 21.72 33.15 30.99
CA PHE D 426 22.19 34.08 31.99
C PHE D 426 22.46 33.43 33.33
N SER D 427 22.09 32.17 33.53
CA SER D 427 22.57 31.48 34.71
C SER D 427 23.83 30.71 34.44
N GLN D 428 24.52 31.06 33.35
CA GLN D 428 25.91 30.73 33.06
C GLN D 428 26.17 29.25 32.81
N ARG D 429 25.15 28.44 32.62
CA ARG D 429 25.37 27.02 32.38
C ARG D 429 25.21 26.73 30.90
N LYS D 430 26.08 25.88 30.37
CA LYS D 430 26.14 25.64 28.93
C LYS D 430 24.95 24.84 28.42
N GLU D 431 24.17 24.24 29.30
CA GLU D 431 23.03 23.44 28.88
C GLU D 431 21.89 24.24 28.30
N TYR D 432 22.04 25.54 28.07
CA TYR D 432 21.01 26.31 27.40
C TYR D 432 20.84 25.85 25.96
N VAL D 433 21.92 25.35 25.36
CA VAL D 433 21.88 25.09 23.94
C VAL D 433 21.08 23.84 23.65
N ALA D 434 20.86 23.01 24.67
CA ALA D 434 19.85 21.97 24.55
C ALA D 434 18.48 22.59 24.35
N SER D 435 18.14 23.59 25.16
CA SER D 435 16.83 24.21 25.05
C SER D 435 16.71 25.06 23.81
N MET D 436 17.82 25.62 23.33
CA MET D 436 17.78 26.36 22.08
C MET D 436 17.48 25.45 20.92
N VAL D 437 18.05 24.25 20.95
CA VAL D 437 17.93 23.33 19.83
C VAL D 437 16.51 22.80 19.71
N PHE D 438 15.92 22.34 20.81
CA PHE D 438 14.54 21.89 20.75
C PHE D 438 13.59 23.02 20.45
N SER D 439 13.96 24.24 20.80
CA SER D 439 13.16 25.36 20.38
C SER D 439 13.28 25.62 18.90
N LEU D 440 14.30 25.11 18.25
CA LEU D 440 14.52 25.39 16.85
C LEU D 440 13.96 24.32 15.96
N ALA D 441 14.12 23.06 16.34
CA ALA D 441 13.52 21.99 15.56
C ALA D 441 12.02 22.03 15.67
N MET D 442 11.50 22.37 16.85
CA MET D 442 10.07 22.61 17.01
C MET D 442 9.62 23.79 16.18
N GLY D 443 10.49 24.78 16.00
CA GLY D 443 10.08 25.98 15.32
C GLY D 443 9.91 25.79 13.84
N TRP D 444 10.86 25.08 13.21
CA TRP D 444 10.72 24.84 11.78
C TRP D 444 9.57 23.92 11.47
N THR D 445 9.31 22.95 12.32
CA THR D 445 8.16 22.11 12.06
C THR D 445 6.84 22.80 12.33
N ASN D 446 6.85 23.94 12.98
CA ASN D 446 5.64 24.73 13.09
C ASN D 446 5.43 25.60 11.90
N MET D 447 6.30 25.54 10.91
CA MET D 447 6.02 26.20 9.66
C MET D 447 5.09 25.36 8.80
N LEU D 448 4.71 24.18 9.28
CA LEU D 448 3.61 23.46 8.67
C LEU D 448 2.27 24.05 9.05
N TYR D 449 2.21 24.89 10.08
CA TYR D 449 0.96 25.51 10.49
C TYR D 449 0.37 26.34 9.38
N TYR D 450 1.20 27.01 8.62
CA TYR D 450 0.68 27.87 7.59
C TYR D 450 0.36 27.15 6.30
N THR D 451 0.33 25.83 6.31
CA THR D 451 -0.15 25.14 5.14
C THR D 451 -1.66 25.23 5.01
N ARG D 452 -2.37 25.51 6.09
CA ARG D 452 -3.73 25.97 5.95
C ARG D 452 -3.70 27.32 5.25
N GLY D 453 -4.73 27.58 4.47
CA GLY D 453 -4.59 28.65 3.51
C GLY D 453 -3.98 28.22 2.21
N PHE D 454 -3.71 26.93 2.05
CA PHE D 454 -3.40 26.36 0.75
C PHE D 454 -4.05 24.99 0.75
N GLN D 455 -5.18 24.88 0.06
CA GLN D 455 -6.04 23.71 0.21
C GLN D 455 -5.41 22.46 -0.37
N GLN D 456 -4.49 22.60 -1.32
CA GLN D 456 -3.64 21.48 -1.70
C GLN D 456 -2.83 21.00 -0.51
N MET D 457 -1.97 21.88 0.01
CA MET D 457 -1.06 21.53 1.08
C MET D 457 -1.79 21.31 2.39
N GLY D 458 -2.90 22.02 2.60
CA GLY D 458 -3.49 22.06 3.92
C GLY D 458 -4.18 20.77 4.31
N ILE D 459 -4.95 20.19 3.40
CA ILE D 459 -5.63 18.93 3.68
C ILE D 459 -4.59 17.83 3.86
N TYR D 460 -3.49 17.95 3.11
CA TYR D 460 -2.38 17.03 3.23
C TYR D 460 -1.78 17.08 4.62
N ALA D 461 -1.59 18.28 5.17
CA ALA D 461 -0.96 18.40 6.48
C ALA D 461 -1.89 17.99 7.60
N VAL D 462 -3.19 17.95 7.36
CA VAL D 462 -4.10 17.45 8.37
C VAL D 462 -3.94 15.96 8.53
N MET D 463 -3.75 15.25 7.42
CA MET D 463 -3.51 13.81 7.46
C MET D 463 -2.25 13.48 8.23
N ILE D 464 -1.25 14.35 8.15
CA ILE D 464 -0.02 14.14 8.91
C ILE D 464 -0.30 14.30 10.39
N GLU D 465 -1.23 15.18 10.76
CA GLU D 465 -1.60 15.25 12.17
C GLU D 465 -2.37 14.04 12.62
N LYS D 466 -3.35 13.61 11.85
CA LYS D 466 -4.23 12.57 12.33
C LYS D 466 -3.60 11.19 12.25
N MET D 467 -2.51 11.04 11.52
CA MET D 467 -1.82 9.77 11.56
C MET D 467 -0.88 9.71 12.75
N ILE D 468 -0.39 10.85 13.20
CA ILE D 468 0.44 10.84 14.41
C ILE D 468 -0.41 10.54 15.62
N LEU D 469 -1.54 11.22 15.77
CA LEU D 469 -2.35 11.02 16.95
C LEU D 469 -3.11 9.70 16.95
N ARG D 470 -3.06 8.94 15.86
CA ARG D 470 -3.67 7.62 15.83
C ARG D 470 -2.65 6.51 15.64
N ASP D 471 -1.77 6.61 14.65
CA ASP D 471 -0.82 5.54 14.37
C ASP D 471 0.55 5.82 14.94
N LEU D 472 0.61 6.46 16.10
CA LEU D 472 1.86 6.46 16.82
C LEU D 472 1.61 6.04 18.25
N CYS D 473 0.44 6.37 18.79
CA CYS D 473 0.14 5.89 20.14
C CYS D 473 -0.13 4.40 20.13
N ARG D 474 -0.56 3.86 18.99
CA ARG D 474 -0.87 2.45 18.86
C ARG D 474 0.24 1.67 18.18
N PHE D 475 0.95 2.28 17.24
CA PHE D 475 2.07 1.59 16.62
C PHE D 475 3.26 1.51 17.56
N MET D 476 3.67 2.65 18.11
CA MET D 476 4.90 2.67 18.86
C MET D 476 4.78 1.97 20.19
N PHE D 477 3.58 1.66 20.67
CA PHE D 477 3.52 0.73 21.78
C PHE D 477 3.93 -0.66 21.36
N VAL D 478 3.44 -1.11 20.22
CA VAL D 478 3.72 -2.47 19.79
C VAL D 478 5.17 -2.61 19.42
N TYR D 479 5.74 -1.59 18.79
CA TYR D 479 7.14 -1.65 18.40
C TYR D 479 8.05 -1.63 19.60
N LEU D 480 7.74 -0.80 20.59
CA LEU D 480 8.60 -0.76 21.76
C LEU D 480 8.50 -1.99 22.61
N VAL D 481 7.45 -2.79 22.46
CA VAL D 481 7.44 -4.06 23.15
C VAL D 481 8.47 -5.00 22.54
N PHE D 482 8.43 -5.16 21.22
CA PHE D 482 9.38 -6.03 20.56
C PHE D 482 10.78 -5.49 20.63
N LEU D 483 10.94 -4.17 20.59
CA LEU D 483 12.28 -3.61 20.76
C LEU D 483 12.81 -3.93 22.13
N PHE D 484 12.14 -3.43 23.16
CA PHE D 484 12.62 -3.58 24.52
C PHE D 484 12.50 -5.00 25.02
N GLY D 485 11.76 -5.84 24.32
CA GLY D 485 11.79 -7.24 24.63
C GLY D 485 13.07 -7.87 24.17
N PHE D 486 13.30 -7.88 22.87
CA PHE D 486 14.48 -8.51 22.32
C PHE D 486 15.75 -7.77 22.64
N SER D 487 15.67 -6.48 22.97
CA SER D 487 16.87 -5.79 23.39
C SER D 487 17.30 -6.27 24.75
N THR D 488 16.37 -6.71 25.57
CA THR D 488 16.75 -7.22 26.87
C THR D 488 17.26 -8.63 26.75
N ALA D 489 16.62 -9.43 25.91
CA ALA D 489 17.04 -10.80 25.73
C ALA D 489 18.39 -10.92 25.07
N VAL D 490 18.84 -9.89 24.39
CA VAL D 490 20.15 -9.94 23.78
C VAL D 490 21.21 -9.29 24.66
N VAL D 491 20.81 -8.54 25.68
CA VAL D 491 21.80 -8.08 26.64
C VAL D 491 22.33 -9.25 27.45
N THR D 492 21.41 -9.99 28.05
CA THR D 492 21.80 -11.01 29.00
C THR D 492 22.53 -12.14 28.32
N LEU D 493 22.34 -12.31 27.03
CA LEU D 493 23.16 -13.24 26.31
C LEU D 493 24.57 -12.71 26.13
N ILE D 494 24.73 -11.41 25.96
CA ILE D 494 26.06 -10.83 25.85
C ILE D 494 26.74 -10.88 27.21
N GLU D 495 27.91 -11.51 27.26
CA GLU D 495 28.60 -11.70 28.52
C GLU D 495 29.26 -10.41 28.98
N ASP D 496 30.24 -9.93 28.23
CA ASP D 496 30.89 -8.67 28.56
C ASP D 496 31.38 -8.04 27.28
N GLY D 497 31.80 -6.79 27.37
CA GLY D 497 32.24 -6.06 26.23
C GLY D 497 31.51 -4.75 26.06
N LYS D 498 31.51 -4.26 24.83
CA LYS D 498 30.99 -2.93 24.55
C LYS D 498 29.49 -2.89 24.69
N TYR D 499 28.81 -3.85 24.10
CA TYR D 499 27.36 -3.84 24.01
C TYR D 499 26.70 -4.49 25.19
N ASN D 500 27.41 -4.63 26.30
CA ASN D 500 26.78 -5.29 27.43
C ASN D 500 25.92 -4.33 28.23
N SER D 501 25.75 -3.10 27.78
CA SER D 501 24.76 -2.24 28.39
C SER D 501 23.44 -2.36 27.66
N LEU D 502 22.37 -1.95 28.31
CA LEU D 502 21.06 -2.03 27.69
C LEU D 502 20.92 -1.03 26.58
N TYR D 503 21.40 0.18 26.79
CA TYR D 503 21.23 1.24 25.80
C TYR D 503 22.01 0.96 24.54
N SER D 504 23.24 0.47 24.66
CA SER D 504 24.08 0.33 23.48
C SER D 504 23.61 -0.77 22.56
N THR D 505 22.85 -1.72 23.08
CA THR D 505 22.26 -2.69 22.20
C THR D 505 20.85 -2.32 21.81
N CYS D 506 20.26 -1.35 22.48
CA CYS D 506 18.93 -0.94 22.08
C CYS D 506 19.02 -0.03 20.88
N LEU D 507 20.18 0.59 20.66
CA LEU D 507 20.43 1.20 19.36
C LEU D 507 20.66 0.16 18.30
N GLU D 508 21.43 -0.88 18.61
CA GLU D 508 21.81 -1.83 17.59
C GLU D 508 20.63 -2.62 17.08
N LEU D 509 19.62 -2.80 17.88
CA LEU D 509 18.40 -3.35 17.34
C LEU D 509 17.53 -2.30 16.73
N PHE D 510 17.75 -1.04 17.06
CA PHE D 510 16.97 -0.02 16.40
C PHE D 510 17.46 0.21 14.99
N LYS D 511 18.74 -0.06 14.74
CA LYS D 511 19.31 0.14 13.42
C LYS D 511 18.74 -0.81 12.40
N PHE D 512 18.12 -1.90 12.81
CA PHE D 512 17.49 -2.79 11.85
C PHE D 512 16.28 -2.14 11.23
N THR D 513 15.59 -1.30 12.00
CA THR D 513 14.41 -0.63 11.50
C THR D 513 14.76 0.38 10.43
N ILE D 514 15.86 1.10 10.61
CA ILE D 514 16.34 2.02 9.59
C ILE D 514 16.74 1.25 8.34
N GLY D 515 17.65 0.31 8.49
CA GLY D 515 18.17 -0.35 7.33
C GLY D 515 19.65 -0.43 7.47
N MET D 516 20.15 -0.18 8.67
CA MET D 516 21.57 -0.31 8.95
C MET D 516 21.86 -1.37 9.97
N GLY D 517 20.96 -2.34 10.13
CA GLY D 517 21.15 -3.35 11.15
C GLY D 517 22.24 -4.31 10.78
N ASP D 518 23.10 -4.62 11.73
CA ASP D 518 24.20 -5.52 11.53
C ASP D 518 23.88 -6.84 12.23
N LEU D 519 23.99 -7.93 11.50
CA LEU D 519 23.67 -9.21 12.11
C LEU D 519 24.82 -9.73 12.94
N GLU D 520 26.03 -9.57 12.45
CA GLU D 520 27.20 -9.91 13.24
C GLU D 520 27.77 -8.63 13.81
N PHE D 521 27.10 -8.07 14.80
CA PHE D 521 27.58 -6.84 15.40
C PHE D 521 28.32 -7.08 16.69
N THR D 522 28.39 -8.32 17.15
CA THR D 522 29.23 -8.67 18.28
C THR D 522 29.57 -10.15 18.18
N GLU D 523 30.56 -10.55 18.95
CA GLU D 523 30.94 -11.94 19.04
C GLU D 523 31.13 -12.43 20.46
N ASN D 524 31.20 -11.54 21.44
CA ASN D 524 31.55 -11.90 22.82
C ASN D 524 30.31 -12.42 23.56
N TYR D 525 29.98 -13.66 23.25
CA TYR D 525 28.94 -14.40 23.94
C TYR D 525 29.26 -15.88 23.86
N ASP D 526 28.44 -16.67 24.52
CA ASP D 526 28.32 -18.06 24.14
C ASP D 526 27.02 -18.24 23.37
N PHE D 527 26.87 -19.40 22.72
CA PHE D 527 25.66 -19.86 22.05
C PHE D 527 25.24 -18.92 20.91
N LYS D 528 26.06 -18.95 19.87
CA LYS D 528 25.83 -18.16 18.67
C LYS D 528 24.48 -18.44 18.03
N ALA D 529 24.04 -19.69 18.06
CA ALA D 529 22.75 -20.03 17.49
C ALA D 529 21.62 -19.34 18.24
N VAL D 530 21.77 -19.15 19.54
CA VAL D 530 20.76 -18.42 20.29
C VAL D 530 20.74 -16.97 19.88
N PHE D 531 21.92 -16.41 19.64
CA PHE D 531 22.03 -15.00 19.30
C PHE D 531 21.43 -14.70 17.96
N ILE D 532 21.57 -15.60 17.00
CA ILE D 532 21.11 -15.25 15.67
C ILE D 532 19.71 -15.78 15.43
N ILE D 533 19.19 -16.64 16.29
CA ILE D 533 17.76 -16.85 16.28
C ILE D 533 17.04 -15.60 16.74
N LEU D 534 17.57 -14.96 17.77
CA LEU D 534 16.91 -13.78 18.31
C LEU D 534 16.92 -12.61 17.35
N LEU D 535 18.01 -12.40 16.63
CA LEU D 535 18.00 -11.34 15.64
C LEU D 535 17.04 -11.67 14.53
N LEU D 536 17.10 -12.90 14.02
CA LEU D 536 16.16 -13.30 13.00
C LEU D 536 14.74 -13.37 13.51
N ALA D 537 14.51 -13.67 14.77
CA ALA D 537 13.14 -13.58 15.28
C ALA D 537 12.75 -12.13 15.43
N TYR D 538 13.71 -11.25 15.65
CA TYR D 538 13.39 -9.85 15.72
C TYR D 538 13.12 -9.27 14.35
N VAL D 539 14.00 -9.54 13.39
CA VAL D 539 13.91 -8.91 12.08
C VAL D 539 12.70 -9.39 11.32
N ILE D 540 12.34 -10.66 11.44
CA ILE D 540 11.12 -11.16 10.84
C ILE D 540 9.92 -10.48 11.45
N LEU D 541 9.92 -10.29 12.77
CA LEU D 541 8.72 -9.80 13.41
C LEU D 541 8.59 -8.30 13.29
N THR D 542 9.69 -7.58 13.21
CA THR D 542 9.50 -6.14 13.28
C THR D 542 9.91 -5.43 12.01
N TYR D 543 10.74 -6.05 11.19
CA TYR D 543 11.20 -5.30 10.03
C TYR D 543 10.40 -5.63 8.81
N ILE D 544 10.09 -6.90 8.61
CA ILE D 544 9.32 -7.25 7.45
C ILE D 544 7.87 -7.47 7.78
N LEU D 545 7.48 -7.35 9.03
CA LEU D 545 6.11 -7.67 9.35
C LEU D 545 5.37 -6.50 10.00
N LEU D 546 5.94 -5.86 11.02
CA LEU D 546 5.27 -4.68 11.55
C LEU D 546 5.39 -3.50 10.62
N LEU D 547 6.59 -3.26 10.11
CA LEU D 547 6.76 -2.10 9.24
C LEU D 547 6.06 -2.26 7.91
N ASN D 548 5.65 -3.45 7.54
CA ASN D 548 4.76 -3.53 6.39
C ASN D 548 3.32 -3.46 6.84
N MET D 549 3.03 -3.86 8.07
CA MET D 549 1.69 -3.72 8.59
C MET D 549 1.34 -2.27 8.83
N LEU D 550 2.34 -1.43 9.05
CA LEU D 550 2.09 -0.03 9.22
C LEU D 550 1.62 0.61 7.93
N ILE D 551 2.25 0.22 6.83
CA ILE D 551 1.92 0.78 5.53
C ILE D 551 0.52 0.36 5.12
N ALA D 552 0.12 -0.85 5.50
CA ALA D 552 -1.24 -1.28 5.25
C ALA D 552 -2.23 -0.45 6.05
N LEU D 553 -2.06 -0.42 7.37
CA LEU D 553 -3.05 0.22 8.22
C LEU D 553 -3.04 1.72 8.09
N MET D 554 -1.98 2.32 7.58
CA MET D 554 -2.12 3.69 7.14
C MET D 554 -3.06 3.77 5.96
N GLY D 555 -2.81 2.96 4.93
CA GLY D 555 -3.59 3.04 3.71
C GLY D 555 -5.04 2.65 3.88
N GLU D 556 -5.34 1.73 4.79
CA GLU D 556 -6.72 1.42 5.08
C GLU D 556 -7.39 2.56 5.85
N THR D 557 -6.62 3.30 6.64
CA THR D 557 -7.17 4.45 7.33
C THR D 557 -7.02 5.74 6.55
N VAL D 558 -6.39 5.72 5.39
CA VAL D 558 -6.35 6.91 4.57
C VAL D 558 -7.71 7.17 3.96
N ASN D 559 -8.33 6.11 3.42
CA ASN D 559 -9.58 6.25 2.68
C ASN D 559 -10.70 6.72 3.57
N LYS D 560 -10.69 6.31 4.84
CA LYS D 560 -11.64 6.82 5.79
C LYS D 560 -11.40 8.30 6.08
N ILE D 561 -10.14 8.70 6.23
CA ILE D 561 -9.83 10.09 6.53
C ILE D 561 -9.96 10.96 5.28
N ALA D 562 -9.99 10.33 4.10
CA ALA D 562 -9.80 11.01 2.82
C ALA D 562 -10.81 12.11 2.57
N GLN D 563 -12.02 11.96 3.09
CA GLN D 563 -13.00 13.03 3.00
C GLN D 563 -13.12 13.80 4.30
N GLU D 564 -12.95 13.13 5.44
CA GLU D 564 -13.12 13.77 6.73
C GLU D 564 -12.03 14.80 6.99
N SER D 565 -10.83 14.58 6.47
CA SER D 565 -9.74 15.52 6.67
C SER D 565 -9.97 16.81 5.90
N LYS D 566 -10.64 16.71 4.76
CA LYS D 566 -11.01 17.89 4.00
C LYS D 566 -11.95 18.78 4.80
N ASN D 567 -12.82 18.17 5.59
CA ASN D 567 -13.67 18.93 6.48
C ASN D 567 -12.89 19.56 7.61
N ILE D 568 -11.88 18.88 8.11
CA ILE D 568 -11.09 19.42 9.21
C ILE D 568 -10.24 20.56 8.72
N TRP D 569 -9.84 20.54 7.44
CA TRP D 569 -9.16 21.68 6.87
C TRP D 569 -10.07 22.89 6.82
N LYS D 570 -11.31 22.69 6.36
CA LYS D 570 -12.29 23.77 6.25
C LYS D 570 -12.50 24.46 7.57
N LEU D 571 -12.54 23.69 8.65
CA LEU D 571 -12.80 24.28 9.94
C LEU D 571 -11.57 24.97 10.48
N GLN D 572 -10.38 24.51 10.12
CA GLN D 572 -9.18 25.18 10.62
C GLN D 572 -8.96 26.52 9.97
N ARG D 573 -9.38 26.69 8.73
CA ARG D 573 -9.35 28.01 8.13
C ARG D 573 -10.31 28.94 8.83
N ALA D 574 -11.47 28.41 9.23
CA ALA D 574 -12.49 29.22 9.88
C ALA D 574 -12.01 29.77 11.20
N ILE D 575 -11.19 29.01 11.93
CA ILE D 575 -10.68 29.49 13.20
C ILE D 575 -9.70 30.64 12.97
N THR D 576 -8.88 30.51 11.94
CA THR D 576 -7.95 31.58 11.60
C THR D 576 -8.67 32.83 11.17
N ILE D 577 -9.82 32.67 10.53
CA ILE D 577 -10.61 33.83 10.13
C ILE D 577 -11.17 34.53 11.35
N LEU D 578 -11.70 33.76 12.30
CA LEU D 578 -12.26 34.37 13.50
C LEU D 578 -11.17 34.93 14.40
N ASP D 579 -9.99 34.32 14.40
CA ASP D 579 -8.94 34.75 15.30
C ASP D 579 -8.39 36.11 14.94
N THR D 580 -8.50 36.49 13.67
CA THR D 580 -7.96 37.77 13.25
C THR D 580 -8.89 38.92 13.55
N GLU D 581 -10.21 38.70 13.53
CA GLU D 581 -11.11 39.77 13.92
C GLU D 581 -11.02 40.05 15.41
N LYS D 582 -10.70 39.03 16.19
CA LYS D 582 -10.36 39.30 17.59
C LYS D 582 -9.01 40.02 17.69
N SER D 583 -8.13 39.83 16.72
CA SER D 583 -6.89 40.58 16.69
C SER D 583 -7.11 41.95 16.07
N PHE D 584 -7.48 41.99 14.79
CA PHE D 584 -7.62 43.24 14.06
C PHE D 584 -9.00 43.86 14.34
N LEU D 585 -9.16 44.29 15.58
CA LEU D 585 -10.39 44.92 16.03
C LEU D 585 -10.28 46.44 16.04
N LYS D 586 -9.08 46.97 16.22
CA LYS D 586 -8.88 48.42 16.22
C LYS D 586 -9.14 49.02 14.84
N CYS D 587 -8.99 48.24 13.78
CA CYS D 587 -9.42 48.61 12.45
C CYS D 587 -10.52 47.64 12.05
N MET D 588 -11.75 47.95 12.45
CA MET D 588 -12.90 47.06 12.23
C MET D 588 -13.88 47.61 11.21
N ARG D 589 -13.38 48.34 10.21
CA ARG D 589 -14.26 48.82 9.15
C ARG D 589 -14.67 47.70 8.22
N LYS D 590 -13.81 46.69 8.05
CA LYS D 590 -14.15 45.52 7.27
C LYS D 590 -14.71 44.40 8.13
N ALA D 591 -15.06 44.68 9.38
CA ALA D 591 -15.55 43.64 10.29
C ALA D 591 -16.96 43.21 9.92
N PHE D 592 -17.73 44.08 9.29
CA PHE D 592 -18.99 43.66 8.72
C PHE D 592 -18.75 42.92 7.41
N ARG D 593 -19.75 42.18 6.97
CA ARG D 593 -19.63 41.34 5.79
C ARG D 593 -20.83 41.54 4.88
N SER D 594 -20.59 42.16 3.72
CA SER D 594 -21.48 42.11 2.54
C SER D 594 -22.83 42.75 2.80
N GLY D 595 -22.84 43.87 3.49
CA GLY D 595 -24.05 44.64 3.61
C GLY D 595 -24.48 44.84 5.06
N LYS D 596 -24.94 46.05 5.33
CA LYS D 596 -25.47 46.40 6.63
C LYS D 596 -26.77 47.17 6.54
N LEU D 597 -27.28 47.45 5.34
CA LEU D 597 -28.35 48.42 5.22
C LEU D 597 -29.71 47.81 5.53
N LEU D 598 -30.22 46.95 4.65
CA LEU D 598 -31.60 46.50 4.73
C LEU D 598 -31.85 45.44 3.66
N GLN D 599 -32.81 44.55 3.96
CA GLN D 599 -33.47 43.76 2.92
C GLN D 599 -34.94 43.50 3.23
N VAL D 600 -35.49 44.07 4.29
CA VAL D 600 -36.80 43.66 4.77
C VAL D 600 -37.88 44.64 4.32
N GLY D 601 -37.80 45.87 4.83
CA GLY D 601 -38.76 46.90 4.48
C GLY D 601 -40.19 46.67 4.95
N PHE D 602 -40.38 45.73 5.88
CA PHE D 602 -41.70 45.36 6.35
C PHE D 602 -41.57 44.66 7.70
N THR D 603 -42.37 45.11 8.67
CA THR D 603 -42.38 44.52 10.01
C THR D 603 -43.76 44.71 10.59
N PRO D 604 -44.23 43.82 11.47
CA PRO D 604 -45.50 44.07 12.16
C PRO D 604 -45.44 45.24 13.13
N ASP D 605 -44.28 45.51 13.72
CA ASP D 605 -44.16 46.63 14.64
C ASP D 605 -43.92 47.95 13.93
N GLY D 606 -43.62 47.93 12.64
CA GLY D 606 -43.45 49.18 11.91
C GLY D 606 -42.54 49.02 10.71
N LYS D 607 -41.66 50.01 10.54
CA LYS D 607 -40.74 50.01 9.41
C LYS D 607 -39.61 49.03 9.64
N ASP D 608 -39.10 48.46 8.55
CA ASP D 608 -37.97 47.54 8.61
C ASP D 608 -37.01 47.74 7.43
N ASP D 609 -36.95 48.95 6.88
CA ASP D 609 -36.12 49.26 5.73
C ASP D 609 -34.76 49.82 6.12
N TYR D 610 -34.31 49.62 7.36
CA TYR D 610 -33.01 50.09 7.78
C TYR D 610 -32.27 49.13 8.69
N ARG D 611 -32.75 47.89 8.85
CA ARG D 611 -32.12 46.97 9.78
C ARG D 611 -31.84 45.62 9.13
N TRP D 612 -31.49 44.63 9.95
CA TRP D 612 -31.27 43.22 9.59
C TRP D 612 -30.12 42.99 8.62
N CYS D 613 -29.24 44.00 8.48
CA CYS D 613 -27.79 43.90 8.15
C CYS D 613 -27.43 42.78 7.20
N PHE D 614 -28.12 42.75 6.06
CA PHE D 614 -28.21 41.56 5.24
C PHE D 614 -26.91 41.27 4.50
N ARG D 615 -26.74 40.03 4.08
CA ARG D 615 -25.60 39.59 3.29
C ARG D 615 -26.09 39.29 1.90
N VAL D 616 -25.57 40.01 0.91
CA VAL D 616 -25.91 39.75 -0.49
C VAL D 616 -25.24 38.47 -0.94
N ASP D 617 -26.03 37.55 -1.48
CA ASP D 617 -25.49 36.31 -2.02
C ASP D 617 -25.81 36.19 -3.49
N GLU D 618 -25.56 35.02 -4.07
CA GLU D 618 -25.93 34.74 -5.45
C GLU D 618 -26.13 33.24 -5.58
N VAL D 619 -26.63 32.82 -6.76
CA VAL D 619 -26.96 31.41 -6.94
C VAL D 619 -26.70 30.96 -8.38
N ASN D 620 -27.00 29.69 -8.64
CA ASN D 620 -26.83 29.03 -9.92
C ASN D 620 -28.20 28.83 -10.58
N TRP D 621 -28.21 28.10 -11.70
CA TRP D 621 -29.40 27.98 -12.53
C TRP D 621 -30.37 26.93 -12.00
N THR D 622 -29.92 25.67 -11.97
CA THR D 622 -30.73 24.47 -11.63
C THR D 622 -32.02 24.39 -12.45
N THR D 623 -31.92 24.72 -13.73
CA THR D 623 -33.05 24.90 -14.66
C THR D 623 -34.11 25.85 -14.11
#